data_5CWY
# 
_entry.id   5CWY 
# 
_audit_conform.dict_name       mmcif_pdbx.dic 
_audit_conform.dict_version    5.387 
_audit_conform.dict_location   http://mmcif.pdb.org/dictionaries/ascii/mmcif_pdbx.dic 
# 
loop_
_database_2.database_id 
_database_2.database_code 
_database_2.pdbx_database_accession 
_database_2.pdbx_DOI 
PDB   5CWY         pdb_00005cwy 10.2210/pdb5cwy/pdb 
WWPDB D_1000212300 ?            ?                   
# 
loop_
_pdbx_audit_revision_history.ordinal 
_pdbx_audit_revision_history.data_content_type 
_pdbx_audit_revision_history.major_revision 
_pdbx_audit_revision_history.minor_revision 
_pdbx_audit_revision_history.revision_date 
1 'Structure model' 1 0 2016-08-03 
2 'Structure model' 1 1 2024-03-20 
# 
_pdbx_audit_revision_details.ordinal             1 
_pdbx_audit_revision_details.revision_ordinal    1 
_pdbx_audit_revision_details.data_content_type   'Structure model' 
_pdbx_audit_revision_details.provider            repository 
_pdbx_audit_revision_details.type                'Initial release' 
_pdbx_audit_revision_details.description         ? 
_pdbx_audit_revision_details.details             ? 
# 
loop_
_pdbx_audit_revision_group.ordinal 
_pdbx_audit_revision_group.revision_ordinal 
_pdbx_audit_revision_group.data_content_type 
_pdbx_audit_revision_group.group 
1 2 'Structure model' 'Data collection'      
2 2 'Structure model' 'Database references'  
3 2 'Structure model' 'Derived calculations' 
# 
loop_
_pdbx_audit_revision_category.ordinal 
_pdbx_audit_revision_category.revision_ordinal 
_pdbx_audit_revision_category.data_content_type 
_pdbx_audit_revision_category.category 
1 2 'Structure model' chem_comp_atom         
2 2 'Structure model' chem_comp_bond         
3 2 'Structure model' database_2             
4 2 'Structure model' pdbx_struct_conn_angle 
5 2 'Structure model' pdbx_struct_oper_list  
6 2 'Structure model' struct_conn            
# 
loop_
_pdbx_audit_revision_item.ordinal 
_pdbx_audit_revision_item.revision_ordinal 
_pdbx_audit_revision_item.data_content_type 
_pdbx_audit_revision_item.item 
1  2 'Structure model' '_database_2.pdbx_DOI'                        
2  2 'Structure model' '_database_2.pdbx_database_accession'         
3  2 'Structure model' '_pdbx_struct_conn_angle.ptnr1_auth_comp_id'  
4  2 'Structure model' '_pdbx_struct_conn_angle.ptnr1_auth_seq_id'   
5  2 'Structure model' '_pdbx_struct_conn_angle.ptnr1_label_atom_id' 
6  2 'Structure model' '_pdbx_struct_conn_angle.ptnr1_label_comp_id' 
7  2 'Structure model' '_pdbx_struct_conn_angle.ptnr1_label_seq_id'  
8  2 'Structure model' '_pdbx_struct_conn_angle.ptnr2_auth_seq_id'   
9  2 'Structure model' '_pdbx_struct_conn_angle.ptnr2_label_asym_id' 
10 2 'Structure model' '_pdbx_struct_conn_angle.ptnr2_symmetry'      
11 2 'Structure model' '_pdbx_struct_conn_angle.ptnr3_auth_comp_id'  
12 2 'Structure model' '_pdbx_struct_conn_angle.ptnr3_auth_seq_id'   
13 2 'Structure model' '_pdbx_struct_conn_angle.ptnr3_label_asym_id' 
14 2 'Structure model' '_pdbx_struct_conn_angle.ptnr3_label_atom_id' 
15 2 'Structure model' '_pdbx_struct_conn_angle.ptnr3_label_comp_id' 
16 2 'Structure model' '_pdbx_struct_conn_angle.ptnr3_label_seq_id'  
17 2 'Structure model' '_pdbx_struct_conn_angle.value'               
18 2 'Structure model' '_pdbx_struct_oper_list.symmetry_operation'   
19 2 'Structure model' '_struct_conn.pdbx_dist_value'                
20 2 'Structure model' '_struct_conn.ptnr1_auth_comp_id'             
21 2 'Structure model' '_struct_conn.ptnr1_auth_seq_id'              
22 2 'Structure model' '_struct_conn.ptnr1_label_asym_id'            
23 2 'Structure model' '_struct_conn.ptnr1_label_atom_id'            
24 2 'Structure model' '_struct_conn.ptnr1_label_comp_id'            
25 2 'Structure model' '_struct_conn.ptnr1_label_seq_id'             
26 2 'Structure model' '_struct_conn.ptnr2_auth_comp_id'             
27 2 'Structure model' '_struct_conn.ptnr2_auth_seq_id'              
28 2 'Structure model' '_struct_conn.ptnr2_label_asym_id'            
29 2 'Structure model' '_struct_conn.ptnr2_label_atom_id'            
30 2 'Structure model' '_struct_conn.ptnr2_label_comp_id'            
31 2 'Structure model' '_struct_conn.ptnr2_symmetry'                 
# 
_pdbx_database_status.status_code                     REL 
_pdbx_database_status.status_code_sf                  REL 
_pdbx_database_status.status_code_mr                  ? 
_pdbx_database_status.entry_id                        5CWY 
_pdbx_database_status.recvd_initial_deposition_date   2015-07-28 
_pdbx_database_status.SG_entry                        N 
_pdbx_database_status.deposit_site                    RCSB 
_pdbx_database_status.process_site                    PDBJ 
_pdbx_database_status.status_code_cs                  ? 
_pdbx_database_status.methods_development_category    ? 
_pdbx_database_status.pdb_format_compatible           Y 
_pdbx_database_status.status_code_nmr_data            ? 
# 
loop_
_pdbx_database_related.db_name 
_pdbx_database_related.details 
_pdbx_database_related.db_id 
_pdbx_database_related.content_type 
PDB . 5CP0 unspecified 
PDB . 5CPD unspecified 
PDB . 5CVK unspecified 
PDB . 5CVP unspecified 
PDB . 5CVQ unspecified 
PDB . 5CWX unspecified 
PDB . 5CX0 unspecified 
PDB . 5CXJ unspecified 
PDB . 5CY7 unspecified 
PDB . 5CY8 unspecified 
# 
loop_
_audit_author.name 
_audit_author.pdbx_ordinal 
'Ngo, H.P.T.' 1 
'Kang, L.W.'  2 
# 
_citation.abstract                  ? 
_citation.abstract_id_CAS           ? 
_citation.book_id_ISBN              ? 
_citation.book_publisher            ? 
_citation.book_publisher_city       ? 
_citation.book_title                ? 
_citation.coordinate_linkage        ? 
_citation.country                   ? 
_citation.database_id_Medline       ? 
_citation.details                   ? 
_citation.id                        primary 
_citation.journal_abbrev            'To Be Published' 
_citation.journal_id_ASTM           ? 
_citation.journal_id_CSD            0353 
_citation.journal_id_ISSN           ? 
_citation.journal_full              ? 
_citation.journal_issue             ? 
_citation.journal_volume            ? 
_citation.language                  ? 
_citation.page_first                ? 
_citation.page_last                 ? 
_citation.title                     
'Structure of Xoo1075, a peptide deformylase from Xanthomonas oryze pv oryzae, in complex with fragment 83' 
_citation.year                      ? 
_citation.database_id_CSD           ? 
_citation.pdbx_database_id_DOI      ? 
_citation.pdbx_database_id_PubMed   ? 
_citation.unpublished_flag          ? 
# 
loop_
_citation_author.citation_id 
_citation_author.name 
_citation_author.ordinal 
_citation_author.identifier_ORCID 
primary 'Ngo, H.P.T.' 1 ? 
primary 'Kang, L.W.'  2 ? 
# 
loop_
_entity.id 
_entity.type 
_entity.src_method 
_entity.pdbx_description 
_entity.formula_weight 
_entity.pdbx_number_of_molecules 
_entity.pdbx_ec 
_entity.pdbx_mutation 
_entity.pdbx_fragment 
_entity.details 
1 polymer     man 'Peptide deformylase'                      19097.656 1   3.5.1.88 ? 'UNP residues 42-212' ? 
2 non-polymer syn 'CADMIUM ION'                              112.411   3   ?        ? ?                     ? 
3 non-polymer syn 'ACETATE ION'                              59.044    1   ?        ? ?                     ? 
4 non-polymer syn '4H-THIENO[3,2-B]PYROLE-5-CARBOXYLIC ACID' 167.185   1   ?        ? ?                     ? 
5 non-polymer syn 'SODIUM ION'                               22.990    1   ?        ? ?                     ? 
6 water       nat water                                      18.015    113 ?        ? ?                     ? 
# 
_entity_name_com.entity_id   1 
_entity_name_com.name        'PDF,Polypeptide deformylase' 
# 
_entity_poly.entity_id                      1 
_entity_poly.type                           'polypeptide(L)' 
_entity_poly.nstd_linkage                   no 
_entity_poly.nstd_monomer                   no 
_entity_poly.pdbx_seq_one_letter_code       
;MIRDIIRMGDKRLLRVAPQVTNLGSAELHALVSDMFETMGAAHGVGLAAPQIAVDLQLMVFGFEASERYPEAPAVPLTAL
ANAQIEPLSDEMENGWEGCLSIPGLRAVIPRYRYIRYRGFAPDGSPIEREAEGFHARVVQHEYDHLVGRLYPSRIENFDT
FGFDDVLSYDL
;
_entity_poly.pdbx_seq_one_letter_code_can   
;MIRDIIRMGDKRLLRVAPQVTNLGSAELHALVSDMFETMGAAHGVGLAAPQIAVDLQLMVFGFEASERYPEAPAVPLTAL
ANAQIEPLSDEMENGWEGCLSIPGLRAVIPRYRYIRYRGFAPDGSPIEREAEGFHARVVQHEYDHLVGRLYPSRIENFDT
FGFDDVLSYDL
;
_entity_poly.pdbx_strand_id                 A 
_entity_poly.pdbx_target_identifier         ? 
# 
loop_
_pdbx_entity_nonpoly.entity_id 
_pdbx_entity_nonpoly.name 
_pdbx_entity_nonpoly.comp_id 
2 'CADMIUM ION'                              CD  
3 'ACETATE ION'                              ACT 
4 '4H-THIENO[3,2-B]PYROLE-5-CARBOXYLIC ACID' 4WL 
5 'SODIUM ION'                               NA  
6 water                                      HOH 
# 
loop_
_entity_poly_seq.entity_id 
_entity_poly_seq.num 
_entity_poly_seq.mon_id 
_entity_poly_seq.hetero 
1 1   MET n 
1 2   ILE n 
1 3   ARG n 
1 4   ASP n 
1 5   ILE n 
1 6   ILE n 
1 7   ARG n 
1 8   MET n 
1 9   GLY n 
1 10  ASP n 
1 11  LYS n 
1 12  ARG n 
1 13  LEU n 
1 14  LEU n 
1 15  ARG n 
1 16  VAL n 
1 17  ALA n 
1 18  PRO n 
1 19  GLN n 
1 20  VAL n 
1 21  THR n 
1 22  ASN n 
1 23  LEU n 
1 24  GLY n 
1 25  SER n 
1 26  ALA n 
1 27  GLU n 
1 28  LEU n 
1 29  HIS n 
1 30  ALA n 
1 31  LEU n 
1 32  VAL n 
1 33  SER n 
1 34  ASP n 
1 35  MET n 
1 36  PHE n 
1 37  GLU n 
1 38  THR n 
1 39  MET n 
1 40  GLY n 
1 41  ALA n 
1 42  ALA n 
1 43  HIS n 
1 44  GLY n 
1 45  VAL n 
1 46  GLY n 
1 47  LEU n 
1 48  ALA n 
1 49  ALA n 
1 50  PRO n 
1 51  GLN n 
1 52  ILE n 
1 53  ALA n 
1 54  VAL n 
1 55  ASP n 
1 56  LEU n 
1 57  GLN n 
1 58  LEU n 
1 59  MET n 
1 60  VAL n 
1 61  PHE n 
1 62  GLY n 
1 63  PHE n 
1 64  GLU n 
1 65  ALA n 
1 66  SER n 
1 67  GLU n 
1 68  ARG n 
1 69  TYR n 
1 70  PRO n 
1 71  GLU n 
1 72  ALA n 
1 73  PRO n 
1 74  ALA n 
1 75  VAL n 
1 76  PRO n 
1 77  LEU n 
1 78  THR n 
1 79  ALA n 
1 80  LEU n 
1 81  ALA n 
1 82  ASN n 
1 83  ALA n 
1 84  GLN n 
1 85  ILE n 
1 86  GLU n 
1 87  PRO n 
1 88  LEU n 
1 89  SER n 
1 90  ASP n 
1 91  GLU n 
1 92  MET n 
1 93  GLU n 
1 94  ASN n 
1 95  GLY n 
1 96  TRP n 
1 97  GLU n 
1 98  GLY n 
1 99  CYS n 
1 100 LEU n 
1 101 SER n 
1 102 ILE n 
1 103 PRO n 
1 104 GLY n 
1 105 LEU n 
1 106 ARG n 
1 107 ALA n 
1 108 VAL n 
1 109 ILE n 
1 110 PRO n 
1 111 ARG n 
1 112 TYR n 
1 113 ARG n 
1 114 TYR n 
1 115 ILE n 
1 116 ARG n 
1 117 TYR n 
1 118 ARG n 
1 119 GLY n 
1 120 PHE n 
1 121 ALA n 
1 122 PRO n 
1 123 ASP n 
1 124 GLY n 
1 125 SER n 
1 126 PRO n 
1 127 ILE n 
1 128 GLU n 
1 129 ARG n 
1 130 GLU n 
1 131 ALA n 
1 132 GLU n 
1 133 GLY n 
1 134 PHE n 
1 135 HIS n 
1 136 ALA n 
1 137 ARG n 
1 138 VAL n 
1 139 VAL n 
1 140 GLN n 
1 141 HIS n 
1 142 GLU n 
1 143 TYR n 
1 144 ASP n 
1 145 HIS n 
1 146 LEU n 
1 147 VAL n 
1 148 GLY n 
1 149 ARG n 
1 150 LEU n 
1 151 TYR n 
1 152 PRO n 
1 153 SER n 
1 154 ARG n 
1 155 ILE n 
1 156 GLU n 
1 157 ASN n 
1 158 PHE n 
1 159 ASP n 
1 160 THR n 
1 161 PHE n 
1 162 GLY n 
1 163 PHE n 
1 164 ASP n 
1 165 ASP n 
1 166 VAL n 
1 167 LEU n 
1 168 SER n 
1 169 TYR n 
1 170 ASP n 
1 171 LEU n 
# 
_entity_src_gen.entity_id                          1 
_entity_src_gen.pdbx_src_id                        1 
_entity_src_gen.pdbx_alt_source_flag               sample 
_entity_src_gen.pdbx_seq_type                      'Biological sequence' 
_entity_src_gen.pdbx_beg_seq_num                   1 
_entity_src_gen.pdbx_end_seq_num                   171 
_entity_src_gen.gene_src_common_name               ? 
_entity_src_gen.gene_src_genus                     ? 
_entity_src_gen.pdbx_gene_src_gene                 'def, XOO1075' 
_entity_src_gen.gene_src_species                   ? 
_entity_src_gen.gene_src_strain                    KACC10331 
_entity_src_gen.gene_src_tissue                    ? 
_entity_src_gen.gene_src_tissue_fraction           ? 
_entity_src_gen.gene_src_details                   ? 
_entity_src_gen.pdbx_gene_src_fragment             ? 
_entity_src_gen.pdbx_gene_src_scientific_name      'Xanthomonas oryzae pv. oryzae KACC10331' 
_entity_src_gen.pdbx_gene_src_ncbi_taxonomy_id     291331 
_entity_src_gen.pdbx_gene_src_variant              ? 
_entity_src_gen.pdbx_gene_src_cell_line            ? 
_entity_src_gen.pdbx_gene_src_atcc                 ? 
_entity_src_gen.pdbx_gene_src_organ                ? 
_entity_src_gen.pdbx_gene_src_organelle            ? 
_entity_src_gen.pdbx_gene_src_cell                 ? 
_entity_src_gen.pdbx_gene_src_cellular_location    ? 
_entity_src_gen.host_org_common_name               ? 
_entity_src_gen.pdbx_host_org_scientific_name      'Escherichia coli' 
_entity_src_gen.pdbx_host_org_ncbi_taxonomy_id     562 
_entity_src_gen.host_org_genus                     ? 
_entity_src_gen.pdbx_host_org_gene                 ? 
_entity_src_gen.pdbx_host_org_organ                ? 
_entity_src_gen.host_org_species                   ? 
_entity_src_gen.pdbx_host_org_tissue               ? 
_entity_src_gen.pdbx_host_org_tissue_fraction      ? 
_entity_src_gen.pdbx_host_org_strain               ? 
_entity_src_gen.pdbx_host_org_variant              ? 
_entity_src_gen.pdbx_host_org_cell_line            ? 
_entity_src_gen.pdbx_host_org_atcc                 ? 
_entity_src_gen.pdbx_host_org_culture_collection   ? 
_entity_src_gen.pdbx_host_org_cell                 ? 
_entity_src_gen.pdbx_host_org_organelle            ? 
_entity_src_gen.pdbx_host_org_cellular_location    ? 
_entity_src_gen.pdbx_host_org_vector_type          plasmid 
_entity_src_gen.pdbx_host_org_vector               ? 
_entity_src_gen.host_org_details                   ? 
_entity_src_gen.expression_system_id               ? 
_entity_src_gen.plasmid_name                       ? 
_entity_src_gen.plasmid_details                    ? 
_entity_src_gen.pdbx_description                   ? 
# 
loop_
_chem_comp.id 
_chem_comp.type 
_chem_comp.mon_nstd_flag 
_chem_comp.name 
_chem_comp.pdbx_synonyms 
_chem_comp.formula 
_chem_comp.formula_weight 
4WL non-polymer         . '4H-THIENO[3,2-B]PYROLE-5-CARBOXYLIC ACID' ? 'C7 H5 N O2 S'   167.185 
ACT non-polymer         . 'ACETATE ION'                              ? 'C2 H3 O2 -1'    59.044  
ALA 'L-peptide linking' y ALANINE                                    ? 'C3 H7 N O2'     89.093  
ARG 'L-peptide linking' y ARGININE                                   ? 'C6 H15 N4 O2 1' 175.209 
ASN 'L-peptide linking' y ASPARAGINE                                 ? 'C4 H8 N2 O3'    132.118 
ASP 'L-peptide linking' y 'ASPARTIC ACID'                            ? 'C4 H7 N O4'     133.103 
CD  non-polymer         . 'CADMIUM ION'                              ? 'Cd 2'           112.411 
CYS 'L-peptide linking' y CYSTEINE                                   ? 'C3 H7 N O2 S'   121.158 
GLN 'L-peptide linking' y GLUTAMINE                                  ? 'C5 H10 N2 O3'   146.144 
GLU 'L-peptide linking' y 'GLUTAMIC ACID'                            ? 'C5 H9 N O4'     147.129 
GLY 'peptide linking'   y GLYCINE                                    ? 'C2 H5 N O2'     75.067  
HIS 'L-peptide linking' y HISTIDINE                                  ? 'C6 H10 N3 O2 1' 156.162 
HOH non-polymer         . WATER                                      ? 'H2 O'           18.015  
ILE 'L-peptide linking' y ISOLEUCINE                                 ? 'C6 H13 N O2'    131.173 
LEU 'L-peptide linking' y LEUCINE                                    ? 'C6 H13 N O2'    131.173 
LYS 'L-peptide linking' y LYSINE                                     ? 'C6 H15 N2 O2 1' 147.195 
MET 'L-peptide linking' y METHIONINE                                 ? 'C5 H11 N O2 S'  149.211 
NA  non-polymer         . 'SODIUM ION'                               ? 'Na 1'           22.990  
PHE 'L-peptide linking' y PHENYLALANINE                              ? 'C9 H11 N O2'    165.189 
PRO 'L-peptide linking' y PROLINE                                    ? 'C5 H9 N O2'     115.130 
SER 'L-peptide linking' y SERINE                                     ? 'C3 H7 N O3'     105.093 
THR 'L-peptide linking' y THREONINE                                  ? 'C4 H9 N O3'     119.119 
TRP 'L-peptide linking' y TRYPTOPHAN                                 ? 'C11 H12 N2 O2'  204.225 
TYR 'L-peptide linking' y TYROSINE                                   ? 'C9 H11 N O3'    181.189 
VAL 'L-peptide linking' y VALINE                                     ? 'C5 H11 N O2'    117.146 
# 
loop_
_pdbx_poly_seq_scheme.asym_id 
_pdbx_poly_seq_scheme.entity_id 
_pdbx_poly_seq_scheme.seq_id 
_pdbx_poly_seq_scheme.mon_id 
_pdbx_poly_seq_scheme.ndb_seq_num 
_pdbx_poly_seq_scheme.pdb_seq_num 
_pdbx_poly_seq_scheme.auth_seq_num 
_pdbx_poly_seq_scheme.pdb_mon_id 
_pdbx_poly_seq_scheme.auth_mon_id 
_pdbx_poly_seq_scheme.pdb_strand_id 
_pdbx_poly_seq_scheme.pdb_ins_code 
_pdbx_poly_seq_scheme.hetero 
A 1 1   MET 1   1   1   MET MET A . n 
A 1 2   ILE 2   2   2   ILE ILE A . n 
A 1 3   ARG 3   3   3   ARG ARG A . n 
A 1 4   ASP 4   4   4   ASP ASP A . n 
A 1 5   ILE 5   5   5   ILE ILE A . n 
A 1 6   ILE 6   6   6   ILE ILE A . n 
A 1 7   ARG 7   7   7   ARG ARG A . n 
A 1 8   MET 8   8   8   MET MET A . n 
A 1 9   GLY 9   9   9   GLY GLY A . n 
A 1 10  ASP 10  10  10  ASP ASP A . n 
A 1 11  LYS 11  11  11  LYS LYS A . n 
A 1 12  ARG 12  12  12  ARG ARG A . n 
A 1 13  LEU 13  13  13  LEU LEU A . n 
A 1 14  LEU 14  14  14  LEU LEU A . n 
A 1 15  ARG 15  15  15  ARG ARG A . n 
A 1 16  VAL 16  16  16  VAL VAL A . n 
A 1 17  ALA 17  17  17  ALA ALA A . n 
A 1 18  PRO 18  18  18  PRO PRO A . n 
A 1 19  GLN 19  19  19  GLN GLN A . n 
A 1 20  VAL 20  20  20  VAL VAL A . n 
A 1 21  THR 21  21  21  THR THR A . n 
A 1 22  ASN 22  22  22  ASN ASN A . n 
A 1 23  LEU 23  23  23  LEU LEU A . n 
A 1 24  GLY 24  24  24  GLY GLY A . n 
A 1 25  SER 25  25  25  SER SER A . n 
A 1 26  ALA 26  26  26  ALA ALA A . n 
A 1 27  GLU 27  27  27  GLU GLU A . n 
A 1 28  LEU 28  28  28  LEU LEU A . n 
A 1 29  HIS 29  29  29  HIS HIS A . n 
A 1 30  ALA 30  30  30  ALA ALA A . n 
A 1 31  LEU 31  31  31  LEU LEU A . n 
A 1 32  VAL 32  32  32  VAL VAL A . n 
A 1 33  SER 33  33  33  SER SER A . n 
A 1 34  ASP 34  34  34  ASP ASP A . n 
A 1 35  MET 35  35  35  MET MET A . n 
A 1 36  PHE 36  36  36  PHE PHE A . n 
A 1 37  GLU 37  37  37  GLU GLU A . n 
A 1 38  THR 38  38  38  THR THR A . n 
A 1 39  MET 39  39  39  MET MET A . n 
A 1 40  GLY 40  40  40  GLY GLY A . n 
A 1 41  ALA 41  41  41  ALA ALA A . n 
A 1 42  ALA 42  42  42  ALA ALA A . n 
A 1 43  HIS 43  43  43  HIS HIS A . n 
A 1 44  GLY 44  44  44  GLY GLY A . n 
A 1 45  VAL 45  45  45  VAL VAL A . n 
A 1 46  GLY 46  46  46  GLY GLY A . n 
A 1 47  LEU 47  47  47  LEU LEU A . n 
A 1 48  ALA 48  48  48  ALA ALA A . n 
A 1 49  ALA 49  49  49  ALA ALA A . n 
A 1 50  PRO 50  50  50  PRO PRO A . n 
A 1 51  GLN 51  51  51  GLN GLN A . n 
A 1 52  ILE 52  52  52  ILE ILE A . n 
A 1 53  ALA 53  53  53  ALA ALA A . n 
A 1 54  VAL 54  54  54  VAL VAL A . n 
A 1 55  ASP 55  55  55  ASP ASP A . n 
A 1 56  LEU 56  56  56  LEU LEU A . n 
A 1 57  GLN 57  57  57  GLN GLN A . n 
A 1 58  LEU 58  58  58  LEU LEU A . n 
A 1 59  MET 59  59  59  MET MET A . n 
A 1 60  VAL 60  60  60  VAL VAL A . n 
A 1 61  PHE 61  61  61  PHE PHE A . n 
A 1 62  GLY 62  62  62  GLY GLY A . n 
A 1 63  PHE 63  63  63  PHE PHE A . n 
A 1 64  GLU 64  64  64  GLU GLU A . n 
A 1 65  ALA 65  65  ?   ?   ?   A . n 
A 1 66  SER 66  66  ?   ?   ?   A . n 
A 1 67  GLU 67  67  ?   ?   ?   A . n 
A 1 68  ARG 68  68  68  ARG ARG A . n 
A 1 69  TYR 69  69  69  TYR TYR A . n 
A 1 70  PRO 70  70  70  PRO PRO A . n 
A 1 71  GLU 71  71  71  GLU ALA A . n 
A 1 72  ALA 72  72  72  ALA ALA A . n 
A 1 73  PRO 73  73  73  PRO PRO A . n 
A 1 74  ALA 74  74  74  ALA ALA A . n 
A 1 75  VAL 75  75  75  VAL VAL A . n 
A 1 76  PRO 76  76  76  PRO PRO A . n 
A 1 77  LEU 77  77  77  LEU LEU A . n 
A 1 78  THR 78  78  78  THR THR A . n 
A 1 79  ALA 79  79  79  ALA ALA A . n 
A 1 80  LEU 80  80  80  LEU LEU A . n 
A 1 81  ALA 81  81  81  ALA ALA A . n 
A 1 82  ASN 82  82  82  ASN ASN A . n 
A 1 83  ALA 83  83  83  ALA ALA A . n 
A 1 84  GLN 84  84  84  GLN GLN A . n 
A 1 85  ILE 85  85  85  ILE ILE A . n 
A 1 86  GLU 86  86  86  GLU GLU A . n 
A 1 87  PRO 87  87  87  PRO PRO A . n 
A 1 88  LEU 88  88  88  LEU LEU A . n 
A 1 89  SER 89  89  89  SER SER A . n 
A 1 90  ASP 90  90  90  ASP ASP A . n 
A 1 91  GLU 91  91  91  GLU GLU A . n 
A 1 92  MET 92  92  92  MET MET A . n 
A 1 93  GLU 93  93  93  GLU GLU A . n 
A 1 94  ASN 94  94  94  ASN ASN A . n 
A 1 95  GLY 95  95  95  GLY GLY A . n 
A 1 96  TRP 96  96  96  TRP TRP A . n 
A 1 97  GLU 97  97  97  GLU GLU A . n 
A 1 98  GLY 98  98  98  GLY GLY A . n 
A 1 99  CYS 99  99  99  CYS CYS A . n 
A 1 100 LEU 100 100 100 LEU LEU A . n 
A 1 101 SER 101 101 101 SER SER A . n 
A 1 102 ILE 102 102 102 ILE ILE A . n 
A 1 103 PRO 103 103 103 PRO PRO A . n 
A 1 104 GLY 104 104 104 GLY GLY A . n 
A 1 105 LEU 105 105 105 LEU LEU A . n 
A 1 106 ARG 106 106 106 ARG ARG A . n 
A 1 107 ALA 107 107 107 ALA ALA A . n 
A 1 108 VAL 108 108 108 VAL VAL A . n 
A 1 109 ILE 109 109 109 ILE ILE A . n 
A 1 110 PRO 110 110 110 PRO PRO A . n 
A 1 111 ARG 111 111 111 ARG ARG A . n 
A 1 112 TYR 112 112 112 TYR TYR A . n 
A 1 113 ARG 113 113 113 ARG ARG A . n 
A 1 114 TYR 114 114 114 TYR TYR A . n 
A 1 115 ILE 115 115 115 ILE ILE A . n 
A 1 116 ARG 116 116 116 ARG ARG A . n 
A 1 117 TYR 117 117 117 TYR TYR A . n 
A 1 118 ARG 118 118 118 ARG ARG A . n 
A 1 119 GLY 119 119 119 GLY GLY A . n 
A 1 120 PHE 120 120 120 PHE PHE A . n 
A 1 121 ALA 121 121 121 ALA ALA A . n 
A 1 122 PRO 122 122 122 PRO PRO A . n 
A 1 123 ASP 123 123 123 ASP ASP A . n 
A 1 124 GLY 124 124 124 GLY GLY A . n 
A 1 125 SER 125 125 125 SER SER A . n 
A 1 126 PRO 126 126 126 PRO PRO A . n 
A 1 127 ILE 127 127 127 ILE ILE A . n 
A 1 128 GLU 128 128 128 GLU GLU A . n 
A 1 129 ARG 129 129 129 ARG ARG A . n 
A 1 130 GLU 130 130 130 GLU GLU A . n 
A 1 131 ALA 131 131 131 ALA ALA A . n 
A 1 132 GLU 132 132 132 GLU GLU A . n 
A 1 133 GLY 133 133 133 GLY GLY A . n 
A 1 134 PHE 134 134 134 PHE PHE A . n 
A 1 135 HIS 135 135 135 HIS HIS A . n 
A 1 136 ALA 136 136 136 ALA ALA A . n 
A 1 137 ARG 137 137 137 ARG ARG A . n 
A 1 138 VAL 138 138 138 VAL VAL A . n 
A 1 139 VAL 139 139 139 VAL VAL A . n 
A 1 140 GLN 140 140 140 GLN GLN A . n 
A 1 141 HIS 141 141 141 HIS HIS A . n 
A 1 142 GLU 142 142 142 GLU GLU A . n 
A 1 143 TYR 143 143 143 TYR TYR A . n 
A 1 144 ASP 144 144 144 ASP ASP A . n 
A 1 145 HIS 145 145 145 HIS HIS A . n 
A 1 146 LEU 146 146 146 LEU LEU A . n 
A 1 147 VAL 147 147 147 VAL VAL A . n 
A 1 148 GLY 148 148 148 GLY GLY A . n 
A 1 149 ARG 149 149 149 ARG ARG A . n 
A 1 150 LEU 150 150 150 LEU LEU A . n 
A 1 151 TYR 151 151 151 TYR TYR A . n 
A 1 152 PRO 152 152 152 PRO PRO A . n 
A 1 153 SER 153 153 153 SER SER A . n 
A 1 154 ARG 154 154 154 ARG ARG A . n 
A 1 155 ILE 155 155 155 ILE ILE A . n 
A 1 156 GLU 156 156 156 GLU GLU A . n 
A 1 157 ASN 157 157 157 ASN ASN A . n 
A 1 158 PHE 158 158 158 PHE PHE A . n 
A 1 159 ASP 159 159 159 ASP ASP A . n 
A 1 160 THR 160 160 160 THR THR A . n 
A 1 161 PHE 161 161 161 PHE PHE A . n 
A 1 162 GLY 162 162 162 GLY GLY A . n 
A 1 163 PHE 163 163 163 PHE PHE A . n 
A 1 164 ASP 164 164 164 ASP ASP A . n 
A 1 165 ASP 165 165 165 ASP ASP A . n 
A 1 166 VAL 166 166 166 VAL VAL A . n 
A 1 167 LEU 167 167 167 LEU LEU A . n 
A 1 168 SER 168 168 168 SER SER A . n 
A 1 169 TYR 169 169 169 TYR TYR A . n 
A 1 170 ASP 170 170 170 ASP ASP A . n 
A 1 171 LEU 171 171 171 LEU LEU A . n 
# 
loop_
_pdbx_nonpoly_scheme.asym_id 
_pdbx_nonpoly_scheme.entity_id 
_pdbx_nonpoly_scheme.mon_id 
_pdbx_nonpoly_scheme.ndb_seq_num 
_pdbx_nonpoly_scheme.pdb_seq_num 
_pdbx_nonpoly_scheme.auth_seq_num 
_pdbx_nonpoly_scheme.pdb_mon_id 
_pdbx_nonpoly_scheme.auth_mon_id 
_pdbx_nonpoly_scheme.pdb_strand_id 
_pdbx_nonpoly_scheme.pdb_ins_code 
B 2 CD  1   201 1   CD  CD  A . 
C 2 CD  1   202 2   CD  CD  A . 
D 2 CD  1   203 3   CD  CD  A . 
E 3 ACT 1   204 1   ACT ACT A . 
F 4 4WL 1   205 1   4WL C83 A . 
G 5 NA  1   206 1   NA  NA  A . 
H 6 HOH 1   301 92  HOH HOH A . 
H 6 HOH 2   302 110 HOH HOH A . 
H 6 HOH 3   303 57  HOH HOH A . 
H 6 HOH 4   304 36  HOH HOH A . 
H 6 HOH 5   305 25  HOH HOH A . 
H 6 HOH 6   306 91  HOH HOH A . 
H 6 HOH 7   307 51  HOH HOH A . 
H 6 HOH 8   308 103 HOH HOH A . 
H 6 HOH 9   309 73  HOH HOH A . 
H 6 HOH 10  310 77  HOH HOH A . 
H 6 HOH 11  311 16  HOH HOH A . 
H 6 HOH 12  312 17  HOH HOH A . 
H 6 HOH 13  313 104 HOH HOH A . 
H 6 HOH 14  314 15  HOH HOH A . 
H 6 HOH 15  315 58  HOH HOH A . 
H 6 HOH 16  316 28  HOH HOH A . 
H 6 HOH 17  317 42  HOH HOH A . 
H 6 HOH 18  318 19  HOH HOH A . 
H 6 HOH 19  319 14  HOH HOH A . 
H 6 HOH 20  320 21  HOH HOH A . 
H 6 HOH 21  321 47  HOH HOH A . 
H 6 HOH 22  322 87  HOH HOH A . 
H 6 HOH 23  323 60  HOH HOH A . 
H 6 HOH 24  324 55  HOH HOH A . 
H 6 HOH 25  325 8   HOH HOH A . 
H 6 HOH 26  326 9   HOH HOH A . 
H 6 HOH 27  327 1   HOH HOH A . 
H 6 HOH 28  328 93  HOH HOH A . 
H 6 HOH 29  329 83  HOH HOH A . 
H 6 HOH 30  330 30  HOH HOH A . 
H 6 HOH 31  331 89  HOH HOH A . 
H 6 HOH 32  332 56  HOH HOH A . 
H 6 HOH 33  333 46  HOH HOH A . 
H 6 HOH 34  334 109 HOH HOH A . 
H 6 HOH 35  335 84  HOH HOH A . 
H 6 HOH 36  336 10  HOH HOH A . 
H 6 HOH 37  337 41  HOH HOH A . 
H 6 HOH 38  338 39  HOH HOH A . 
H 6 HOH 39  339 54  HOH HOH A . 
H 6 HOH 40  340 85  HOH HOH A . 
H 6 HOH 41  341 53  HOH HOH A . 
H 6 HOH 42  342 74  HOH HOH A . 
H 6 HOH 43  343 23  HOH HOH A . 
H 6 HOH 44  344 35  HOH HOH A . 
H 6 HOH 45  345 22  HOH HOH A . 
H 6 HOH 46  346 12  HOH HOH A . 
H 6 HOH 47  347 71  HOH HOH A . 
H 6 HOH 48  348 38  HOH HOH A . 
H 6 HOH 49  349 97  HOH HOH A . 
H 6 HOH 50  350 76  HOH HOH A . 
H 6 HOH 51  351 27  HOH HOH A . 
H 6 HOH 52  352 6   HOH HOH A . 
H 6 HOH 53  353 26  HOH HOH A . 
H 6 HOH 54  354 69  HOH HOH A . 
H 6 HOH 55  355 24  HOH HOH A . 
H 6 HOH 56  356 88  HOH HOH A . 
H 6 HOH 57  357 94  HOH HOH A . 
H 6 HOH 58  358 113 HOH HOH A . 
H 6 HOH 59  359 65  HOH HOH A . 
H 6 HOH 60  360 72  HOH HOH A . 
H 6 HOH 61  361 79  HOH HOH A . 
H 6 HOH 62  362 20  HOH HOH A . 
H 6 HOH 63  363 40  HOH HOH A . 
H 6 HOH 64  364 31  HOH HOH A . 
H 6 HOH 65  365 67  HOH HOH A . 
H 6 HOH 66  366 61  HOH HOH A . 
H 6 HOH 67  367 29  HOH HOH A . 
H 6 HOH 68  368 70  HOH HOH A . 
H 6 HOH 69  369 43  HOH HOH A . 
H 6 HOH 70  370 37  HOH HOH A . 
H 6 HOH 71  371 63  HOH HOH A . 
H 6 HOH 72  372 62  HOH HOH A . 
H 6 HOH 73  373 3   HOH HOH A . 
H 6 HOH 74  374 108 HOH HOH A . 
H 6 HOH 75  375 7   HOH HOH A . 
H 6 HOH 76  376 48  HOH HOH A . 
H 6 HOH 77  377 2   HOH HOH A . 
H 6 HOH 78  378 13  HOH HOH A . 
H 6 HOH 79  379 49  HOH HOH A . 
H 6 HOH 80  380 34  HOH HOH A . 
H 6 HOH 81  381 45  HOH HOH A . 
H 6 HOH 82  382 18  HOH HOH A . 
H 6 HOH 83  383 101 HOH HOH A . 
H 6 HOH 84  384 68  HOH HOH A . 
H 6 HOH 85  385 33  HOH HOH A . 
H 6 HOH 86  386 52  HOH HOH A . 
H 6 HOH 87  387 64  HOH HOH A . 
H 6 HOH 88  388 11  HOH HOH A . 
H 6 HOH 89  389 5   HOH HOH A . 
H 6 HOH 90  390 82  HOH HOH A . 
H 6 HOH 91  391 50  HOH HOH A . 
H 6 HOH 92  392 75  HOH HOH A . 
H 6 HOH 93  393 66  HOH HOH A . 
H 6 HOH 94  394 59  HOH HOH A . 
H 6 HOH 95  395 99  HOH HOH A . 
H 6 HOH 96  396 4   HOH HOH A . 
H 6 HOH 97  397 112 HOH HOH A . 
H 6 HOH 98  398 111 HOH HOH A . 
H 6 HOH 99  399 78  HOH HOH A . 
H 6 HOH 100 400 80  HOH HOH A . 
H 6 HOH 101 401 95  HOH HOH A . 
H 6 HOH 102 402 106 HOH HOH A . 
H 6 HOH 103 403 32  HOH HOH A . 
H 6 HOH 104 404 100 HOH HOH A . 
H 6 HOH 105 405 86  HOH HOH A . 
H 6 HOH 106 406 90  HOH HOH A . 
H 6 HOH 107 407 105 HOH HOH A . 
H 6 HOH 108 408 102 HOH HOH A . 
H 6 HOH 109 409 107 HOH HOH A . 
H 6 HOH 110 410 44  HOH HOH A . 
H 6 HOH 111 411 98  HOH HOH A . 
H 6 HOH 112 412 96  HOH HOH A . 
H 6 HOH 113 413 81  HOH HOH A . 
# 
loop_
_pdbx_unobs_or_zero_occ_atoms.id 
_pdbx_unobs_or_zero_occ_atoms.PDB_model_num 
_pdbx_unobs_or_zero_occ_atoms.polymer_flag 
_pdbx_unobs_or_zero_occ_atoms.occupancy_flag 
_pdbx_unobs_or_zero_occ_atoms.auth_asym_id 
_pdbx_unobs_or_zero_occ_atoms.auth_comp_id 
_pdbx_unobs_or_zero_occ_atoms.auth_seq_id 
_pdbx_unobs_or_zero_occ_atoms.PDB_ins_code 
_pdbx_unobs_or_zero_occ_atoms.auth_atom_id 
_pdbx_unobs_or_zero_occ_atoms.label_alt_id 
_pdbx_unobs_or_zero_occ_atoms.label_asym_id 
_pdbx_unobs_or_zero_occ_atoms.label_comp_id 
_pdbx_unobs_or_zero_occ_atoms.label_seq_id 
_pdbx_unobs_or_zero_occ_atoms.label_atom_id 
1 1 Y 1 A GLU 71 ? CG  ? A GLU 71 CG  
2 1 Y 1 A GLU 71 ? CD  ? A GLU 71 CD  
3 1 Y 1 A GLU 71 ? OE1 ? A GLU 71 OE1 
4 1 Y 1 A GLU 71 ? OE2 ? A GLU 71 OE2 
# 
loop_
_software.citation_id 
_software.classification 
_software.compiler_name 
_software.compiler_version 
_software.contact_author 
_software.contact_author_email 
_software.date 
_software.description 
_software.dependencies 
_software.hardware 
_software.language 
_software.location 
_software.mods 
_software.name 
_software.os 
_software.os_version 
_software.type 
_software.version 
_software.pdbx_ordinal 
? refinement       ? ? ? ? ? ? ? ? ? ? ? REFMAC   ? ? ? 5.7.0032 1 
? 'data reduction' ? ? ? ? ? ? ? ? ? ? ? HKL-2000 ? ? ? .        2 
? 'data scaling'   ? ? ? ? ? ? ? ? ? ? ? HKL-2000 ? ? ? .        3 
? phasing          ? ? ? ? ? ? ? ? ? ? ? HKL-2000 ? ? ? .        4 
# 
_cell.angle_alpha                  90.00 
_cell.angle_alpha_esd              ? 
_cell.angle_beta                   90.00 
_cell.angle_beta_esd               ? 
_cell.angle_gamma                  120.00 
_cell.angle_gamma_esd              ? 
_cell.entry_id                     5CWY 
_cell.details                      ? 
_cell.formula_units_Z              ? 
_cell.length_a                     58.974 
_cell.length_a_esd                 ? 
_cell.length_b                     58.974 
_cell.length_b_esd                 ? 
_cell.length_c                     263.790 
_cell.length_c_esd                 ? 
_cell.volume                       ? 
_cell.volume_esd                   ? 
_cell.Z_PDB                        12 
_cell.reciprocal_angle_alpha       ? 
_cell.reciprocal_angle_beta        ? 
_cell.reciprocal_angle_gamma       ? 
_cell.reciprocal_angle_alpha_esd   ? 
_cell.reciprocal_angle_beta_esd    ? 
_cell.reciprocal_angle_gamma_esd   ? 
_cell.reciprocal_length_a          ? 
_cell.reciprocal_length_b          ? 
_cell.reciprocal_length_c          ? 
_cell.reciprocal_length_a_esd      ? 
_cell.reciprocal_length_b_esd      ? 
_cell.reciprocal_length_c_esd      ? 
_cell.pdbx_unique_axis             ? 
# 
_symmetry.entry_id                         5CWY 
_symmetry.cell_setting                     ? 
_symmetry.Int_Tables_number                178 
_symmetry.space_group_name_Hall            ? 
_symmetry.space_group_name_H-M             'P 61 2 2' 
_symmetry.pdbx_full_space_group_name_H-M   ? 
# 
_exptl.absorpt_coefficient_mu     ? 
_exptl.absorpt_correction_T_max   ? 
_exptl.absorpt_correction_T_min   ? 
_exptl.absorpt_correction_type    ? 
_exptl.absorpt_process_details    ? 
_exptl.entry_id                   5CWY 
_exptl.crystals_number            1 
_exptl.details                    ? 
_exptl.method                     'X-RAY DIFFRACTION' 
_exptl.method_details             ? 
# 
_exptl_crystal.colour                      ? 
_exptl_crystal.density_diffrn              ? 
_exptl_crystal.density_Matthews            3.47 
_exptl_crystal.density_method              ? 
_exptl_crystal.density_percent_sol         64.52 
_exptl_crystal.description                 ? 
_exptl_crystal.F_000                       ? 
_exptl_crystal.id                          1 
_exptl_crystal.preparation                 ? 
_exptl_crystal.size_max                    ? 
_exptl_crystal.size_mid                    ? 
_exptl_crystal.size_min                    ? 
_exptl_crystal.size_rad                    ? 
_exptl_crystal.colour_lustre               ? 
_exptl_crystal.colour_modifier             ? 
_exptl_crystal.colour_primary              ? 
_exptl_crystal.density_meas                ? 
_exptl_crystal.density_meas_esd            ? 
_exptl_crystal.density_meas_gt             ? 
_exptl_crystal.density_meas_lt             ? 
_exptl_crystal.density_meas_temp           ? 
_exptl_crystal.density_meas_temp_esd       ? 
_exptl_crystal.density_meas_temp_gt        ? 
_exptl_crystal.density_meas_temp_lt        ? 
_exptl_crystal.pdbx_crystal_image_url      ? 
_exptl_crystal.pdbx_crystal_image_format   ? 
_exptl_crystal.pdbx_mosaicity              ? 
_exptl_crystal.pdbx_mosaicity_esd          ? 
# 
_exptl_crystal_grow.apparatus       ? 
_exptl_crystal_grow.atmosphere      ? 
_exptl_crystal_grow.crystal_id      1 
_exptl_crystal_grow.details         ? 
_exptl_crystal_grow.method          'VAPOR DIFFUSION, HANGING DROP' 
_exptl_crystal_grow.method_ref      ? 
_exptl_crystal_grow.pH              7.5 
_exptl_crystal_grow.pressure        ? 
_exptl_crystal_grow.pressure_esd    ? 
_exptl_crystal_grow.seeding         ? 
_exptl_crystal_grow.seeding_ref     ? 
_exptl_crystal_grow.temp            287 
_exptl_crystal_grow.temp_details    ? 
_exptl_crystal_grow.temp_esd        ? 
_exptl_crystal_grow.time            ? 
_exptl_crystal_grow.pdbx_details    '0.05M Cadmium sulfate, 0.1M HEPES, 2.0M Sodium acetate trihydrate, pH 7.5' 
_exptl_crystal_grow.pdbx_pH_range   ? 
# 
_diffrn.ambient_environment    ? 
_diffrn.ambient_temp           100 
_diffrn.ambient_temp_details   ? 
_diffrn.ambient_temp_esd       ? 
_diffrn.crystal_id             1 
_diffrn.crystal_support        ? 
_diffrn.crystal_treatment      ? 
_diffrn.details                ? 
_diffrn.id                     1 
_diffrn.ambient_pressure       ? 
_diffrn.ambient_pressure_esd   ? 
_diffrn.ambient_pressure_gt    ? 
_diffrn.ambient_pressure_lt    ? 
_diffrn.ambient_temp_gt        ? 
_diffrn.ambient_temp_lt        ? 
# 
_diffrn_detector.details                      ? 
_diffrn_detector.detector                     CCD 
_diffrn_detector.diffrn_id                    1 
_diffrn_detector.type                         'ADSC QUANTUM 210' 
_diffrn_detector.area_resol_mean              ? 
_diffrn_detector.dtime                        ? 
_diffrn_detector.pdbx_frames_total            ? 
_diffrn_detector.pdbx_collection_time_total   ? 
_diffrn_detector.pdbx_collection_date         2010-01-19 
# 
_diffrn_radiation.collimation                      ? 
_diffrn_radiation.diffrn_id                        1 
_diffrn_radiation.filter_edge                      ? 
_diffrn_radiation.inhomogeneity                    ? 
_diffrn_radiation.monochromator                    ? 
_diffrn_radiation.polarisn_norm                    ? 
_diffrn_radiation.polarisn_ratio                   ? 
_diffrn_radiation.probe                            ? 
_diffrn_radiation.type                             ? 
_diffrn_radiation.xray_symbol                      ? 
_diffrn_radiation.wavelength_id                    1 
_diffrn_radiation.pdbx_monochromatic_or_laue_m_l   M 
_diffrn_radiation.pdbx_wavelength_list             ? 
_diffrn_radiation.pdbx_wavelength                  ? 
_diffrn_radiation.pdbx_diffrn_protocol             'SINGLE WAVELENGTH' 
_diffrn_radiation.pdbx_analyzer                    ? 
_diffrn_radiation.pdbx_scattering_type             x-ray 
# 
_diffrn_radiation_wavelength.id           1 
_diffrn_radiation_wavelength.wavelength   0.99 
_diffrn_radiation_wavelength.wt           1.0 
# 
_diffrn_source.current                     ? 
_diffrn_source.details                     ? 
_diffrn_source.diffrn_id                   1 
_diffrn_source.power                       ? 
_diffrn_source.size                        ? 
_diffrn_source.source                      SYNCHROTRON 
_diffrn_source.target                      ? 
_diffrn_source.type                        'PAL/PLS BEAMLINE 6C1' 
_diffrn_source.voltage                     ? 
_diffrn_source.take-off_angle              ? 
_diffrn_source.pdbx_wavelength_list        0.99 
_diffrn_source.pdbx_wavelength             ? 
_diffrn_source.pdbx_synchrotron_beamline   6C1 
_diffrn_source.pdbx_synchrotron_site       PAL/PLS 
# 
_reflns.B_iso_Wilson_estimate            ? 
_reflns.entry_id                         5CWY 
_reflns.data_reduction_details           ? 
_reflns.data_reduction_method            ? 
_reflns.d_resolution_high                2.4 
_reflns.d_resolution_low                 50 
_reflns.details                          ? 
_reflns.limit_h_max                      ? 
_reflns.limit_h_min                      ? 
_reflns.limit_k_max                      ? 
_reflns.limit_k_min                      ? 
_reflns.limit_l_max                      ? 
_reflns.limit_l_min                      ? 
_reflns.number_all                       ? 
_reflns.number_obs                       11554 
_reflns.observed_criterion               ? 
_reflns.observed_criterion_F_max         ? 
_reflns.observed_criterion_F_min         ? 
_reflns.observed_criterion_I_max         ? 
_reflns.observed_criterion_I_min         ? 
_reflns.observed_criterion_sigma_F       ? 
_reflns.observed_criterion_sigma_I       ? 
_reflns.percent_possible_obs             99.6 
_reflns.R_free_details                   ? 
_reflns.Rmerge_F_all                     ? 
_reflns.Rmerge_F_obs                     ? 
_reflns.Friedel_coverage                 ? 
_reflns.number_gt                        ? 
_reflns.threshold_expression             ? 
_reflns.pdbx_redundancy                  10.8 
_reflns.pdbx_Rmerge_I_obs                ? 
_reflns.pdbx_Rmerge_I_all                ? 
_reflns.pdbx_Rsym_value                  ? 
_reflns.pdbx_netI_over_av_sigmaI         ? 
_reflns.pdbx_netI_over_sigmaI            26.6 
_reflns.pdbx_res_netI_over_av_sigmaI_2   ? 
_reflns.pdbx_res_netI_over_sigmaI_2      ? 
_reflns.pdbx_chi_squared                 ? 
_reflns.pdbx_scaling_rejects             ? 
_reflns.pdbx_d_res_high_opt              ? 
_reflns.pdbx_d_res_low_opt               ? 
_reflns.pdbx_d_res_opt_method            ? 
_reflns.phase_calculation_details        ? 
_reflns.pdbx_Rrim_I_all                  ? 
_reflns.pdbx_Rpim_I_all                  ? 
_reflns.pdbx_d_opt                       ? 
_reflns.pdbx_number_measured_all         ? 
_reflns.pdbx_diffrn_id                   1 
_reflns.pdbx_ordinal                     1 
_reflns.pdbx_CC_half                     ? 
_reflns.pdbx_R_split                     ? 
# 
_refine.aniso_B[1][1]                            0.00 
_refine.aniso_B[1][2]                            0.00 
_refine.aniso_B[1][3]                            0.00 
_refine.aniso_B[2][2]                            0.00 
_refine.aniso_B[2][3]                            0.00 
_refine.aniso_B[3][3]                            -0.01 
_refine.B_iso_max                                ? 
_refine.B_iso_mean                               30.350 
_refine.B_iso_min                                ? 
_refine.correlation_coeff_Fo_to_Fc               0.945 
_refine.correlation_coeff_Fo_to_Fc_free          0.917 
_refine.details                                  'HYDROGENS HAVE BEEN USED IF PRESENT IN THE INPUT' 
_refine.diff_density_max                         ? 
_refine.diff_density_max_esd                     ? 
_refine.diff_density_min                         ? 
_refine.diff_density_min_esd                     ? 
_refine.diff_density_rms                         ? 
_refine.diff_density_rms_esd                     ? 
_refine.entry_id                                 5CWY 
_refine.pdbx_refine_id                           'X-RAY DIFFRACTION' 
_refine.ls_abs_structure_details                 ? 
_refine.ls_abs_structure_Flack                   ? 
_refine.ls_abs_structure_Flack_esd               ? 
_refine.ls_abs_structure_Rogers                  ? 
_refine.ls_abs_structure_Rogers_esd              ? 
_refine.ls_d_res_high                            2.40 
_refine.ls_d_res_low                             30.40 
_refine.ls_extinction_coef                       ? 
_refine.ls_extinction_coef_esd                   ? 
_refine.ls_extinction_expression                 ? 
_refine.ls_extinction_method                     ? 
_refine.ls_goodness_of_fit_all                   ? 
_refine.ls_goodness_of_fit_all_esd               ? 
_refine.ls_goodness_of_fit_obs                   ? 
_refine.ls_goodness_of_fit_obs_esd               ? 
_refine.ls_hydrogen_treatment                    ? 
_refine.ls_matrix_type                           ? 
_refine.ls_number_constraints                    ? 
_refine.ls_number_parameters                     ? 
_refine.ls_number_reflns_all                     ? 
_refine.ls_number_reflns_obs                     10913 
_refine.ls_number_reflns_R_free                  546 
_refine.ls_number_reflns_R_work                  ? 
_refine.ls_number_restraints                     ? 
_refine.ls_percent_reflns_obs                    99.56 
_refine.ls_percent_reflns_R_free                 4.8 
_refine.ls_R_factor_all                          ? 
_refine.ls_R_factor_obs                          0.18693 
_refine.ls_R_factor_R_free                       0.22790 
_refine.ls_R_factor_R_free_error                 ? 
_refine.ls_R_factor_R_free_error_details         ? 
_refine.ls_R_factor_R_work                       0.18484 
_refine.ls_R_Fsqd_factor_obs                     ? 
_refine.ls_R_I_factor_obs                        ? 
_refine.ls_redundancy_reflns_all                 ? 
_refine.ls_redundancy_reflns_obs                 ? 
_refine.ls_restrained_S_all                      ? 
_refine.ls_restrained_S_obs                      ? 
_refine.ls_shift_over_esd_max                    ? 
_refine.ls_shift_over_esd_mean                   ? 
_refine.ls_structure_factor_coef                 ? 
_refine.ls_weighting_details                     ? 
_refine.ls_weighting_scheme                      ? 
_refine.ls_wR_factor_all                         ? 
_refine.ls_wR_factor_obs                         ? 
_refine.ls_wR_factor_R_free                      ? 
_refine.ls_wR_factor_R_work                      ? 
_refine.occupancy_max                            ? 
_refine.occupancy_min                            ? 
_refine.solvent_model_details                    MASK 
_refine.solvent_model_param_bsol                 ? 
_refine.solvent_model_param_ksol                 ? 
_refine.ls_R_factor_gt                           ? 
_refine.ls_goodness_of_fit_gt                    ? 
_refine.ls_goodness_of_fit_ref                   ? 
_refine.ls_shift_over_su_max                     ? 
_refine.ls_shift_over_su_max_lt                  ? 
_refine.ls_shift_over_su_mean                    ? 
_refine.ls_shift_over_su_mean_lt                 ? 
_refine.pdbx_ls_sigma_I                          ? 
_refine.pdbx_ls_sigma_F                          ? 
_refine.pdbx_ls_sigma_Fsqd                       ? 
_refine.pdbx_data_cutoff_high_absF               ? 
_refine.pdbx_data_cutoff_high_rms_absF           ? 
_refine.pdbx_data_cutoff_low_absF                ? 
_refine.pdbx_isotropic_thermal_model             ? 
_refine.pdbx_ls_cross_valid_method               THROUGHOUT 
_refine.pdbx_method_to_determine_struct          ? 
_refine.pdbx_starting_model                      ? 
_refine.pdbx_stereochemistry_target_values       'MAXIMUM LIKELIHOOD' 
_refine.pdbx_R_Free_selection_details            RANDOM 
_refine.pdbx_stereochem_target_val_spec_case     ? 
_refine.pdbx_overall_ESU_R                       0.241 
_refine.pdbx_overall_ESU_R_Free                  0.203 
_refine.pdbx_solvent_vdw_probe_radii             1.20 
_refine.pdbx_solvent_ion_probe_radii             0.80 
_refine.pdbx_solvent_shrinkage_radii             0.80 
_refine.pdbx_real_space_R                        ? 
_refine.pdbx_density_correlation                 ? 
_refine.pdbx_pd_number_of_powder_patterns        ? 
_refine.pdbx_pd_number_of_points                 ? 
_refine.pdbx_pd_meas_number_of_points            ? 
_refine.pdbx_pd_proc_ls_prof_R_factor            ? 
_refine.pdbx_pd_proc_ls_prof_wR_factor           ? 
_refine.pdbx_pd_Marquardt_correlation_coeff      ? 
_refine.pdbx_pd_Fsqrd_R_factor                   ? 
_refine.pdbx_pd_ls_matrix_band_width             ? 
_refine.pdbx_overall_phase_error                 ? 
_refine.pdbx_overall_SU_R_free_Cruickshank_DPI   ? 
_refine.pdbx_overall_SU_R_free_Blow_DPI          ? 
_refine.pdbx_overall_SU_R_Blow_DPI               ? 
_refine.pdbx_TLS_residual_ADP_flag               ? 
_refine.pdbx_diffrn_id                           1 
_refine.overall_SU_B                             6.003 
_refine.overall_SU_ML                            0.139 
_refine.overall_SU_R_Cruickshank_DPI             ? 
_refine.overall_SU_R_free                        ? 
_refine.overall_FOM_free_R_set                   ? 
_refine.overall_FOM_work_R_set                   ? 
_refine.pdbx_average_fsc_overall                 ? 
_refine.pdbx_average_fsc_work                    ? 
_refine.pdbx_average_fsc_free                    ? 
# 
_refine_hist.pdbx_refine_id                   'X-RAY DIFFRACTION' 
_refine_hist.cycle_id                         1 
_refine_hist.pdbx_number_atoms_protein        1320 
_refine_hist.pdbx_number_atoms_nucleic_acid   0 
_refine_hist.pdbx_number_atoms_ligand         19 
_refine_hist.number_atoms_solvent             113 
_refine_hist.number_atoms_total               1452 
_refine_hist.d_res_high                       2.40 
_refine_hist.d_res_low                        30.40 
# 
loop_
_refine_ls_restr.pdbx_refine_id 
_refine_ls_restr.criterion 
_refine_ls_restr.dev_ideal 
_refine_ls_restr.dev_ideal_target 
_refine_ls_restr.number 
_refine_ls_restr.rejects 
_refine_ls_restr.type 
_refine_ls_restr.weight 
_refine_ls_restr.pdbx_restraint_function 
'X-RAY DIFFRACTION' ? 0.018  0.019  1366 ? r_bond_refined_d             ? ? 
'X-RAY DIFFRACTION' ? ?      ?      ?    ? r_bond_other_d               ? ? 
'X-RAY DIFFRACTION' ? 2.157  1.980  1853 ? r_angle_refined_deg          ? ? 
'X-RAY DIFFRACTION' ? ?      ?      ?    ? r_angle_other_deg            ? ? 
'X-RAY DIFFRACTION' ? 7.124  5.000  166  ? r_dihedral_angle_1_deg       ? ? 
'X-RAY DIFFRACTION' ? 33.181 22.687 67   ? r_dihedral_angle_2_deg       ? ? 
'X-RAY DIFFRACTION' ? 16.919 15.000 212  ? r_dihedral_angle_3_deg       ? ? 
'X-RAY DIFFRACTION' ? 18.607 15.000 14   ? r_dihedral_angle_4_deg       ? ? 
'X-RAY DIFFRACTION' ? 0.131  0.200  197  ? r_chiral_restr               ? ? 
'X-RAY DIFFRACTION' ? 0.010  0.021  1079 ? r_gen_planes_refined         ? ? 
'X-RAY DIFFRACTION' ? ?      ?      ?    ? r_gen_planes_other           ? ? 
'X-RAY DIFFRACTION' ? ?      ?      ?    ? r_nbd_refined                ? ? 
'X-RAY DIFFRACTION' ? ?      ?      ?    ? r_nbd_other                  ? ? 
'X-RAY DIFFRACTION' ? ?      ?      ?    ? r_nbtor_refined              ? ? 
'X-RAY DIFFRACTION' ? ?      ?      ?    ? r_nbtor_other                ? ? 
'X-RAY DIFFRACTION' ? ?      ?      ?    ? r_xyhbond_nbd_refined        ? ? 
'X-RAY DIFFRACTION' ? ?      ?      ?    ? r_xyhbond_nbd_other          ? ? 
'X-RAY DIFFRACTION' ? ?      ?      ?    ? r_metal_ion_refined          ? ? 
'X-RAY DIFFRACTION' ? ?      ?      ?    ? r_metal_ion_other            ? ? 
'X-RAY DIFFRACTION' ? ?      ?      ?    ? r_symmetry_vdw_refined       ? ? 
'X-RAY DIFFRACTION' ? ?      ?      ?    ? r_symmetry_vdw_other         ? ? 
'X-RAY DIFFRACTION' ? ?      ?      ?    ? r_symmetry_hbond_refined     ? ? 
'X-RAY DIFFRACTION' ? ?      ?      ?    ? r_symmetry_hbond_other       ? ? 
'X-RAY DIFFRACTION' ? ?      ?      ?    ? r_symmetry_metal_ion_refined ? ? 
'X-RAY DIFFRACTION' ? ?      ?      ?    ? r_symmetry_metal_ion_other   ? ? 
'X-RAY DIFFRACTION' ? 2.581  2.818  670  ? r_mcbond_it                  ? ? 
'X-RAY DIFFRACTION' ? ?      ?      ?    ? r_mcbond_other               ? ? 
'X-RAY DIFFRACTION' ? 3.615  4.193  834  ? r_mcangle_it                 ? ? 
'X-RAY DIFFRACTION' ? ?      ?      ?    ? r_mcangle_other              ? ? 
'X-RAY DIFFRACTION' ? 3.716  3.162  695  ? r_scbond_it                  ? ? 
'X-RAY DIFFRACTION' ? ?      ?      ?    ? r_scbond_other               ? ? 
'X-RAY DIFFRACTION' ? ?      ?      ?    ? r_scangle_it                 ? ? 
'X-RAY DIFFRACTION' ? ?      ?      ?    ? r_scangle_other              ? ? 
'X-RAY DIFFRACTION' ? 7.934  24.035 2077 ? r_long_range_B_refined       ? ? 
'X-RAY DIFFRACTION' ? ?      ?      ?    ? r_long_range_B_other         ? ? 
'X-RAY DIFFRACTION' ? ?      ?      ?    ? r_rigid_bond_restr           ? ? 
'X-RAY DIFFRACTION' ? ?      ?      ?    ? r_sphericity_free            ? ? 
'X-RAY DIFFRACTION' ? ?      ?      ?    ? r_sphericity_bonded          ? ? 
# 
_refine_ls_shell.pdbx_refine_id                   'X-RAY DIFFRACTION' 
_refine_ls_shell.d_res_high                       2.400 
_refine_ls_shell.d_res_low                        2.463 
_refine_ls_shell.number_reflns_all                ? 
_refine_ls_shell.number_reflns_obs                ? 
_refine_ls_shell.number_reflns_R_free             43 
_refine_ls_shell.number_reflns_R_work             782 
_refine_ls_shell.percent_reflns_obs               99.04 
_refine_ls_shell.percent_reflns_R_free            ? 
_refine_ls_shell.R_factor_all                     ? 
_refine_ls_shell.R_factor_obs                     ? 
_refine_ls_shell.R_factor_R_free                  0.410 
_refine_ls_shell.R_factor_R_free_error            ? 
_refine_ls_shell.R_factor_R_work                  0.235 
_refine_ls_shell.redundancy_reflns_all            ? 
_refine_ls_shell.redundancy_reflns_obs            ? 
_refine_ls_shell.wR_factor_all                    ? 
_refine_ls_shell.wR_factor_obs                    ? 
_refine_ls_shell.wR_factor_R_free                 ? 
_refine_ls_shell.wR_factor_R_work                 ? 
_refine_ls_shell.pdbx_total_number_of_bins_used   20 
_refine_ls_shell.pdbx_phase_error                 ? 
_refine_ls_shell.pdbx_fsc_work                    ? 
_refine_ls_shell.pdbx_fsc_free                    ? 
# 
_struct.entry_id                     5CWY 
_struct.title                        
'Structure of Xoo1075, a peptide deformylase from Xanthomonas oryze pv oryzae, in complex with fragment 83' 
_struct.pdbx_model_details           ? 
_struct.pdbx_formula_weight          ? 
_struct.pdbx_formula_weight_method   ? 
_struct.pdbx_model_type_details      ? 
_struct.pdbx_CASP_flag               ? 
# 
_struct_keywords.entry_id        5CWY 
_struct_keywords.text            'Peptide deformylase, fragment, Xanthomonas, metallopeptidase, HYDROLASE' 
_struct_keywords.pdbx_keywords   HYDROLASE 
# 
loop_
_struct_asym.id 
_struct_asym.pdbx_blank_PDB_chainid_flag 
_struct_asym.pdbx_modified 
_struct_asym.entity_id 
_struct_asym.details 
A N N 1 ? 
B N N 2 ? 
C N N 2 ? 
D N N 2 ? 
E N N 3 ? 
F N N 4 ? 
G N N 5 ? 
H N N 6 ? 
# 
_struct_ref.id                         1 
_struct_ref.db_name                    UNP 
_struct_ref.db_code                    Q5H3Z2_XANOR 
_struct_ref.pdbx_db_accession          Q5H3Z2 
_struct_ref.pdbx_db_isoform            ? 
_struct_ref.entity_id                  1 
_struct_ref.pdbx_seq_one_letter_code   
;MIRDIIRMGDKRLLRVAPQVTNLGSAELHALVSDMFETMGAAHGVGLAAPQIAVDLQLMVFGFEASERYPEAPAVPLTAL
ANAQIEPLSDEMENGWEGCLSIPGLRAVIPRYRYIRYRGFAPDGSPIEREAEGFHARVVQHEYDHLVGRLYPSRIENFDT
FGFDDVLSYDL
;
_struct_ref.pdbx_align_begin           42 
# 
_struct_ref_seq.align_id                      1 
_struct_ref_seq.ref_id                        1 
_struct_ref_seq.pdbx_PDB_id_code              5CWY 
_struct_ref_seq.pdbx_strand_id                A 
_struct_ref_seq.seq_align_beg                 1 
_struct_ref_seq.pdbx_seq_align_beg_ins_code   ? 
_struct_ref_seq.seq_align_end                 171 
_struct_ref_seq.pdbx_seq_align_end_ins_code   ? 
_struct_ref_seq.pdbx_db_accession             Q5H3Z2 
_struct_ref_seq.db_align_beg                  42 
_struct_ref_seq.pdbx_db_align_beg_ins_code    ? 
_struct_ref_seq.db_align_end                  212 
_struct_ref_seq.pdbx_db_align_end_ins_code    ? 
_struct_ref_seq.pdbx_auth_seq_align_beg       1 
_struct_ref_seq.pdbx_auth_seq_align_end       171 
# 
_pdbx_struct_assembly.id                   1 
_pdbx_struct_assembly.details              author_and_software_defined_assembly 
_pdbx_struct_assembly.method_details       PISA 
_pdbx_struct_assembly.oligomeric_details   dimeric 
_pdbx_struct_assembly.oligomeric_count     2 
# 
loop_
_pdbx_struct_assembly_prop.biol_id 
_pdbx_struct_assembly_prop.type 
_pdbx_struct_assembly_prop.value 
_pdbx_struct_assembly_prop.details 
1 'ABSA (A^2)' 2590  ? 
1 MORE         -48   ? 
1 'SSA (A^2)'  15250 ? 
# 
_pdbx_struct_assembly_gen.assembly_id       1 
_pdbx_struct_assembly_gen.oper_expression   1,2 
_pdbx_struct_assembly_gen.asym_id_list      A,B,C,D,E,F,G,H 
# 
loop_
_pdbx_struct_oper_list.id 
_pdbx_struct_oper_list.type 
_pdbx_struct_oper_list.name 
_pdbx_struct_oper_list.symmetry_operation 
_pdbx_struct_oper_list.matrix[1][1] 
_pdbx_struct_oper_list.matrix[1][2] 
_pdbx_struct_oper_list.matrix[1][3] 
_pdbx_struct_oper_list.vector[1] 
_pdbx_struct_oper_list.matrix[2][1] 
_pdbx_struct_oper_list.matrix[2][2] 
_pdbx_struct_oper_list.matrix[2][3] 
_pdbx_struct_oper_list.vector[2] 
_pdbx_struct_oper_list.matrix[3][1] 
_pdbx_struct_oper_list.matrix[3][2] 
_pdbx_struct_oper_list.matrix[3][3] 
_pdbx_struct_oper_list.vector[3] 
1 'identity operation'         1_555 x,y,z     1.0000000000 0.0000000000  0.0000000000 0.0000000000   0.0000000000  1.0000000000  0.0000000000  0.0000000000   0.0000000000 0.0000000000  1.0000000000  0.0000000000   
2 'crystal symmetry operation' 8_555 x-y,-y,-z 0.0891685506 -0.9048259501 0.4163399688 -18.5041339492 -0.9048259501 -0.2483165259 -0.3458741143 -27.4975017613 0.4163399688 -0.3458741143 -0.8408520247 -11.3520986611 
# 
loop_
_struct_conf.conf_type_id 
_struct_conf.id 
_struct_conf.pdbx_PDB_helix_id 
_struct_conf.beg_label_comp_id 
_struct_conf.beg_label_asym_id 
_struct_conf.beg_label_seq_id 
_struct_conf.pdbx_beg_PDB_ins_code 
_struct_conf.end_label_comp_id 
_struct_conf.end_label_asym_id 
_struct_conf.end_label_seq_id 
_struct_conf.pdbx_end_PDB_ins_code 
_struct_conf.beg_auth_comp_id 
_struct_conf.beg_auth_asym_id 
_struct_conf.beg_auth_seq_id 
_struct_conf.end_auth_comp_id 
_struct_conf.end_auth_asym_id 
_struct_conf.end_auth_seq_id 
_struct_conf.pdbx_PDB_helix_class 
_struct_conf.details 
_struct_conf.pdbx_PDB_helix_length 
HELX_P HELX_P1 AA1 ASP A 10  ? LEU A 14  ? ASP A 10  LEU A 14  5 ? 5  
HELX_P HELX_P2 AA2 SER A 25  ? ALA A 42  ? SER A 25  ALA A 42  1 ? 18 
HELX_P HELX_P3 AA3 PRO A 50  ? ALA A 53  ? PRO A 50  ALA A 53  5 ? 4  
HELX_P HELX_P4 AA4 GLY A 133 ? VAL A 147 ? GLY A 133 VAL A 147 1 ? 15 
HELX_P HELX_P5 AA5 LEU A 150 ? ILE A 155 ? LEU A 150 ILE A 155 5 ? 6  
HELX_P HELX_P6 AA6 ASN A 157 ? PHE A 161 ? ASN A 157 PHE A 161 5 ? 5  
# 
_struct_conf_type.id          HELX_P 
_struct_conf_type.criteria    ? 
_struct_conf_type.reference   ? 
# 
loop_
_struct_conn.id 
_struct_conn.conn_type_id 
_struct_conn.pdbx_leaving_atom_flag 
_struct_conn.pdbx_PDB_id 
_struct_conn.ptnr1_label_asym_id 
_struct_conn.ptnr1_label_comp_id 
_struct_conn.ptnr1_label_seq_id 
_struct_conn.ptnr1_label_atom_id 
_struct_conn.pdbx_ptnr1_label_alt_id 
_struct_conn.pdbx_ptnr1_PDB_ins_code 
_struct_conn.pdbx_ptnr1_standard_comp_id 
_struct_conn.ptnr1_symmetry 
_struct_conn.ptnr2_label_asym_id 
_struct_conn.ptnr2_label_comp_id 
_struct_conn.ptnr2_label_seq_id 
_struct_conn.ptnr2_label_atom_id 
_struct_conn.pdbx_ptnr2_label_alt_id 
_struct_conn.pdbx_ptnr2_PDB_ins_code 
_struct_conn.ptnr1_auth_asym_id 
_struct_conn.ptnr1_auth_comp_id 
_struct_conn.ptnr1_auth_seq_id 
_struct_conn.ptnr2_auth_asym_id 
_struct_conn.ptnr2_auth_comp_id 
_struct_conn.ptnr2_auth_seq_id 
_struct_conn.ptnr2_symmetry 
_struct_conn.pdbx_ptnr3_label_atom_id 
_struct_conn.pdbx_ptnr3_label_seq_id 
_struct_conn.pdbx_ptnr3_label_comp_id 
_struct_conn.pdbx_ptnr3_label_asym_id 
_struct_conn.pdbx_ptnr3_label_alt_id 
_struct_conn.pdbx_ptnr3_PDB_ins_code 
_struct_conn.details 
_struct_conn.pdbx_dist_value 
_struct_conn.pdbx_value_order 
_struct_conn.pdbx_role 
metalc1  metalc ? ? A GLU 37  OE2 ? ? ? 1_555 D CD  . CD ? ? A GLU 37  A CD  203 8_445 ? ? ? ? ? ? ? 2.597 ? ? 
metalc2  metalc ? ? A HIS 43  NE2 ? ? ? 1_555 C CD  . CD ? ? A HIS 43  A CD  202 8_445 ? ? ? ? ? ? ? 2.326 ? ? 
metalc3  metalc ? ? A CYS 99  SG  ? ? ? 1_555 B CD  . CD ? ? A CYS 99  A CD  201 1_555 ? ? ? ? ? ? ? 2.340 ? ? 
metalc4  metalc ? ? A GLU 128 OE1 ? ? ? 1_555 C CD  . CD ? ? A GLU 128 A CD  202 1_555 ? ? ? ? ? ? ? 2.096 ? ? 
metalc5  metalc ? ? A GLU 130 OE1 ? ? ? 1_555 C CD  . CD ? ? A GLU 130 A CD  202 1_555 ? ? ? ? ? ? ? 2.266 ? ? 
metalc6  metalc ? ? A GLU 132 OE1 ? ? ? 1_555 D CD  . CD ? ? A GLU 132 A CD  203 1_555 ? ? ? ? ? ? ? 2.015 ? ? 
metalc7  metalc ? ? A HIS 141 NE2 ? ? ? 1_555 B CD  . CD ? ? A HIS 141 A CD  201 1_555 ? ? ? ? ? ? ? 2.538 ? ? 
metalc8  metalc ? ? A HIS 145 NE2 ? ? ? 1_555 B CD  . CD ? ? A HIS 145 A CD  201 1_555 ? ? ? ? ? ? ? 2.587 ? ? 
metalc9  metalc ? ? A GLY 148 O   ? ? ? 1_555 G NA  . NA ? ? A GLY 148 A NA  206 1_555 ? ? ? ? ? ? ? 3.124 ? ? 
metalc10 metalc ? ? A ASP 159 OD1 ? ? ? 1_555 G NA  . NA ? ? A ASP 159 A NA  206 8_555 ? ? ? ? ? ? ? 3.073 ? ? 
metalc11 metalc ? ? B CD  .   CD  ? ? ? 1_555 H HOH . O  ? ? A CD  201 A HOH 301 1_555 ? ? ? ? ? ? ? 2.250 ? ? 
metalc12 metalc ? ? G NA  .   NA  ? ? ? 1_555 H HOH . O  ? ? A NA  206 A HOH 404 8_555 ? ? ? ? ? ? ? 2.921 ? ? 
# 
_struct_conn_type.id          metalc 
_struct_conn_type.criteria    ? 
_struct_conn_type.reference   ? 
# 
loop_
_pdbx_struct_conn_angle.id 
_pdbx_struct_conn_angle.ptnr1_label_atom_id 
_pdbx_struct_conn_angle.ptnr1_label_alt_id 
_pdbx_struct_conn_angle.ptnr1_label_asym_id 
_pdbx_struct_conn_angle.ptnr1_label_comp_id 
_pdbx_struct_conn_angle.ptnr1_label_seq_id 
_pdbx_struct_conn_angle.ptnr1_auth_atom_id 
_pdbx_struct_conn_angle.ptnr1_auth_asym_id 
_pdbx_struct_conn_angle.ptnr1_auth_comp_id 
_pdbx_struct_conn_angle.ptnr1_auth_seq_id 
_pdbx_struct_conn_angle.ptnr1_PDB_ins_code 
_pdbx_struct_conn_angle.ptnr1_symmetry 
_pdbx_struct_conn_angle.ptnr2_label_atom_id 
_pdbx_struct_conn_angle.ptnr2_label_alt_id 
_pdbx_struct_conn_angle.ptnr2_label_asym_id 
_pdbx_struct_conn_angle.ptnr2_label_comp_id 
_pdbx_struct_conn_angle.ptnr2_label_seq_id 
_pdbx_struct_conn_angle.ptnr2_auth_atom_id 
_pdbx_struct_conn_angle.ptnr2_auth_asym_id 
_pdbx_struct_conn_angle.ptnr2_auth_comp_id 
_pdbx_struct_conn_angle.ptnr2_auth_seq_id 
_pdbx_struct_conn_angle.ptnr2_PDB_ins_code 
_pdbx_struct_conn_angle.ptnr2_symmetry 
_pdbx_struct_conn_angle.ptnr3_label_atom_id 
_pdbx_struct_conn_angle.ptnr3_label_alt_id 
_pdbx_struct_conn_angle.ptnr3_label_asym_id 
_pdbx_struct_conn_angle.ptnr3_label_comp_id 
_pdbx_struct_conn_angle.ptnr3_label_seq_id 
_pdbx_struct_conn_angle.ptnr3_auth_atom_id 
_pdbx_struct_conn_angle.ptnr3_auth_asym_id 
_pdbx_struct_conn_angle.ptnr3_auth_comp_id 
_pdbx_struct_conn_angle.ptnr3_auth_seq_id 
_pdbx_struct_conn_angle.ptnr3_PDB_ins_code 
_pdbx_struct_conn_angle.ptnr3_symmetry 
_pdbx_struct_conn_angle.value 
_pdbx_struct_conn_angle.value_esd 
1  OE2 ? A GLU 37  ? A GLU 37  ? 1_555 CD ? D CD . ? A CD 203 ? 8_445 OE1 ? A GLU 132 ? A GLU 132 ? 1_555 26.7  ? 
2  NE2 ? A HIS 43  ? A HIS 43  ? 1_555 CD ? C CD . ? A CD 202 ? 8_445 OE1 ? A GLU 128 ? A GLU 128 ? 1_555 51.9  ? 
3  NE2 ? A HIS 43  ? A HIS 43  ? 1_555 CD ? C CD . ? A CD 202 ? 8_445 OE1 ? A GLU 130 ? A GLU 130 ? 1_555 47.7  ? 
4  OE1 ? A GLU 128 ? A GLU 128 ? 1_555 CD ? C CD . ? A CD 202 ? 8_445 OE1 ? A GLU 130 ? A GLU 130 ? 1_555 4.9   ? 
5  SG  ? A CYS 99  ? A CYS 99  ? 1_555 CD ? B CD . ? A CD 201 ? 1_555 NE2 ? A HIS 141 ? A HIS 141 ? 1_555 115.6 ? 
6  SG  ? A CYS 99  ? A CYS 99  ? 1_555 CD ? B CD . ? A CD 201 ? 1_555 NE2 ? A HIS 145 ? A HIS 145 ? 1_555 107.4 ? 
7  NE2 ? A HIS 141 ? A HIS 141 ? 1_555 CD ? B CD . ? A CD 201 ? 1_555 NE2 ? A HIS 145 ? A HIS 145 ? 1_555 100.7 ? 
8  SG  ? A CYS 99  ? A CYS 99  ? 1_555 CD ? B CD . ? A CD 201 ? 1_555 O   ? H HOH .   ? A HOH 301 ? 1_555 142.0 ? 
9  NE2 ? A HIS 141 ? A HIS 141 ? 1_555 CD ? B CD . ? A CD 201 ? 1_555 O   ? H HOH .   ? A HOH 301 ? 1_555 101.5 ? 
10 NE2 ? A HIS 145 ? A HIS 145 ? 1_555 CD ? B CD . ? A CD 201 ? 1_555 O   ? H HOH .   ? A HOH 301 ? 1_555 71.3  ? 
11 O   ? A GLY 148 ? A GLY 148 ? 1_555 NA ? G NA . ? A NA 206 ? 1_555 OD1 ? A ASP 159 ? A ASP 159 ? 1_555 66.0  ? 
12 O   ? A GLY 148 ? A GLY 148 ? 1_555 NA ? G NA . ? A NA 206 ? 1_555 O   ? H HOH .   ? A HOH 404 ? 8_555 148.0 ? 
13 OD1 ? A ASP 159 ? A ASP 159 ? 1_555 NA ? G NA . ? A NA 206 ? 1_555 O   ? H HOH .   ? A HOH 404 ? 8_555 115.4 ? 
# 
loop_
_struct_sheet.id 
_struct_sheet.type 
_struct_sheet.number_strands 
_struct_sheet.details 
AA1 ? 5 ? 
AA2 ? 3 ? 
# 
loop_
_struct_sheet_order.sheet_id 
_struct_sheet_order.range_id_1 
_struct_sheet_order.range_id_2 
_struct_sheet_order.offset 
_struct_sheet_order.sense 
AA1 1 2 ? anti-parallel 
AA1 2 3 ? anti-parallel 
AA1 3 4 ? anti-parallel 
AA1 4 5 ? anti-parallel 
AA2 1 2 ? anti-parallel 
AA2 2 3 ? anti-parallel 
# 
loop_
_struct_sheet_range.sheet_id 
_struct_sheet_range.id 
_struct_sheet_range.beg_label_comp_id 
_struct_sheet_range.beg_label_asym_id 
_struct_sheet_range.beg_label_seq_id 
_struct_sheet_range.pdbx_beg_PDB_ins_code 
_struct_sheet_range.end_label_comp_id 
_struct_sheet_range.end_label_asym_id 
_struct_sheet_range.end_label_seq_id 
_struct_sheet_range.pdbx_end_PDB_ins_code 
_struct_sheet_range.beg_auth_comp_id 
_struct_sheet_range.beg_auth_asym_id 
_struct_sheet_range.beg_auth_seq_id 
_struct_sheet_range.end_auth_comp_id 
_struct_sheet_range.end_auth_asym_id 
_struct_sheet_range.end_auth_seq_id 
AA1 1 GLY A 46  ? ALA A 48  ? GLY A 46  ALA A 48  
AA1 2 LEU A 58  ? PHE A 63  ? LEU A 58  PHE A 63  
AA1 3 VAL A 75  ? PRO A 87  ? VAL A 75  PRO A 87  
AA1 4 TYR A 114 ? PHE A 120 ? TYR A 114 PHE A 120 
AA1 5 PRO A 126 ? GLU A 132 ? PRO A 126 GLU A 132 
AA2 1 MET A 92  ? GLU A 97  ? MET A 92  GLU A 97  
AA2 2 LEU A 105 ? TYR A 112 ? LEU A 105 TYR A 112 
AA2 3 GLY A 162 ? PHE A 163 ? GLY A 162 PHE A 163 
# 
loop_
_pdbx_struct_sheet_hbond.sheet_id 
_pdbx_struct_sheet_hbond.range_id_1 
_pdbx_struct_sheet_hbond.range_id_2 
_pdbx_struct_sheet_hbond.range_1_label_atom_id 
_pdbx_struct_sheet_hbond.range_1_label_comp_id 
_pdbx_struct_sheet_hbond.range_1_label_asym_id 
_pdbx_struct_sheet_hbond.range_1_label_seq_id 
_pdbx_struct_sheet_hbond.range_1_PDB_ins_code 
_pdbx_struct_sheet_hbond.range_1_auth_atom_id 
_pdbx_struct_sheet_hbond.range_1_auth_comp_id 
_pdbx_struct_sheet_hbond.range_1_auth_asym_id 
_pdbx_struct_sheet_hbond.range_1_auth_seq_id 
_pdbx_struct_sheet_hbond.range_2_label_atom_id 
_pdbx_struct_sheet_hbond.range_2_label_comp_id 
_pdbx_struct_sheet_hbond.range_2_label_asym_id 
_pdbx_struct_sheet_hbond.range_2_label_seq_id 
_pdbx_struct_sheet_hbond.range_2_PDB_ins_code 
_pdbx_struct_sheet_hbond.range_2_auth_atom_id 
_pdbx_struct_sheet_hbond.range_2_auth_comp_id 
_pdbx_struct_sheet_hbond.range_2_auth_asym_id 
_pdbx_struct_sheet_hbond.range_2_auth_seq_id 
AA1 1 2 N LEU A 47  ? N LEU A 47  O VAL A 60  ? O VAL A 60  
AA1 2 3 N PHE A 61  ? N PHE A 61  O THR A 78  ? O THR A 78  
AA1 3 4 N GLU A 86  ? N GLU A 86  O ARG A 116 ? O ARG A 116 
AA1 4 5 N ILE A 115 ? N ILE A 115 O ALA A 131 ? O ALA A 131 
AA2 1 2 N GLY A 95  ? N GLY A 95  O ILE A 109 ? O ILE A 109 
AA2 2 3 N ARG A 106 ? N ARG A 106 O GLY A 162 ? O GLY A 162 
# 
loop_
_struct_site.id 
_struct_site.pdbx_evidence_code 
_struct_site.pdbx_auth_asym_id 
_struct_site.pdbx_auth_comp_id 
_struct_site.pdbx_auth_seq_id 
_struct_site.pdbx_auth_ins_code 
_struct_site.pdbx_num_residues 
_struct_site.details 
AC1 Software A CD  201 ? 6  'binding site for residue CD A 201'  
AC2 Software A CD  202 ? 3  'binding site for residue CD A 202'  
AC3 Software A CD  203 ? 4  'binding site for residue CD A 203'  
AC4 Software A ACT 204 ? 7  'binding site for residue ACT A 204' 
AC5 Software A 4WL 205 ? 14 'binding site for residue 4WL A 205' 
AC6 Software A NA  206 ? 4  'binding site for residue NA A 206'  
# 
loop_
_struct_site_gen.id 
_struct_site_gen.site_id 
_struct_site_gen.pdbx_num_res 
_struct_site_gen.label_comp_id 
_struct_site_gen.label_asym_id 
_struct_site_gen.label_seq_id 
_struct_site_gen.pdbx_auth_ins_code 
_struct_site_gen.auth_comp_id 
_struct_site_gen.auth_asym_id 
_struct_site_gen.auth_seq_id 
_struct_site_gen.label_atom_id 
_struct_site_gen.label_alt_id 
_struct_site_gen.symmetry 
_struct_site_gen.details 
1  AC1 6  GLN A 51  ? GLN A 51  . ? 1_555 ? 
2  AC1 6  CYS A 99  ? CYS A 99  . ? 1_555 ? 
3  AC1 6  HIS A 141 ? HIS A 141 . ? 1_555 ? 
4  AC1 6  HIS A 145 ? HIS A 145 . ? 1_555 ? 
5  AC1 6  4WL F .   ? 4WL A 205 . ? 1_555 ? 
6  AC1 6  HOH H .   ? HOH A 301 . ? 1_555 ? 
7  AC2 3  HIS A 43  ? HIS A 43  . ? 8_545 ? 
8  AC2 3  GLU A 128 ? GLU A 128 . ? 1_555 ? 
9  AC2 3  GLU A 130 ? GLU A 130 . ? 1_555 ? 
10 AC3 4  MET A 1   ? MET A 1   . ? 8_545 ? 
11 AC3 4  GLU A 37  ? GLU A 37  . ? 8_545 ? 
12 AC3 4  GLU A 132 ? GLU A 132 . ? 1_555 ? 
13 AC3 4  HOH H .   ? HOH A 305 . ? 1_555 ? 
14 AC4 7  LEU A 14  ? LEU A 14  . ? 1_555 ? 
15 AC4 7  GLY A 148 ? GLY A 148 . ? 1_555 ? 
16 AC4 7  ARG A 149 ? ARG A 149 . ? 1_555 ? 
17 AC4 7  LEU A 150 ? LEU A 150 . ? 1_555 ? 
18 AC4 7  SER A 153 ? SER A 153 . ? 1_555 ? 
19 AC4 7  ASP A 159 ? ASP A 159 . ? 8_555 ? 
20 AC4 7  HOH H .   ? HOH A 374 . ? 1_555 ? 
21 AC5 14 GLY A 46  ? GLY A 46  . ? 1_555 ? 
22 AC5 14 TYR A 69  ? TYR A 69  . ? 1_555 ? 
23 AC5 14 TRP A 96  ? TRP A 96  . ? 1_555 ? 
24 AC5 14 GLY A 98  ? GLY A 98  . ? 1_555 ? 
25 AC5 14 CYS A 99  ? CYS A 99  . ? 1_555 ? 
26 AC5 14 LEU A 100 ? LEU A 100 . ? 1_555 ? 
27 AC5 14 PHE A 134 ? PHE A 134 . ? 1_555 ? 
28 AC5 14 HIS A 141 ? HIS A 141 . ? 1_555 ? 
29 AC5 14 GLU A 142 ? GLU A 142 . ? 1_555 ? 
30 AC5 14 CD  B .   ? CD  A 201 . ? 1_555 ? 
31 AC5 14 HOH H .   ? HOH A 301 . ? 1_555 ? 
32 AC5 14 HOH H .   ? HOH A 306 . ? 1_555 ? 
33 AC5 14 HOH H .   ? HOH A 328 . ? 1_555 ? 
34 AC5 14 HOH H .   ? HOH A 357 . ? 1_555 ? 
35 AC6 4  LEU A 14  ? LEU A 14  . ? 1_555 ? 
36 AC6 4  GLY A 148 ? GLY A 148 . ? 1_555 ? 
37 AC6 4  ASP A 159 ? ASP A 159 . ? 8_555 ? 
38 AC6 4  HOH H .   ? HOH A 404 . ? 8_555 ? 
# 
_pdbx_validate_close_contact.id               1 
_pdbx_validate_close_contact.PDB_model_num    1 
_pdbx_validate_close_contact.auth_atom_id_1   CD 
_pdbx_validate_close_contact.auth_asym_id_1   A 
_pdbx_validate_close_contact.auth_comp_id_1   CD 
_pdbx_validate_close_contact.auth_seq_id_1    203 
_pdbx_validate_close_contact.PDB_ins_code_1   ? 
_pdbx_validate_close_contact.label_alt_id_1   ? 
_pdbx_validate_close_contact.auth_atom_id_2   O 
_pdbx_validate_close_contact.auth_asym_id_2   A 
_pdbx_validate_close_contact.auth_comp_id_2   HOH 
_pdbx_validate_close_contact.auth_seq_id_2    305 
_pdbx_validate_close_contact.PDB_ins_code_2   ? 
_pdbx_validate_close_contact.label_alt_id_2   ? 
_pdbx_validate_close_contact.dist             1.72 
# 
loop_
_pdbx_validate_rmsd_angle.id 
_pdbx_validate_rmsd_angle.PDB_model_num 
_pdbx_validate_rmsd_angle.auth_atom_id_1 
_pdbx_validate_rmsd_angle.auth_asym_id_1 
_pdbx_validate_rmsd_angle.auth_comp_id_1 
_pdbx_validate_rmsd_angle.auth_seq_id_1 
_pdbx_validate_rmsd_angle.PDB_ins_code_1 
_pdbx_validate_rmsd_angle.label_alt_id_1 
_pdbx_validate_rmsd_angle.auth_atom_id_2 
_pdbx_validate_rmsd_angle.auth_asym_id_2 
_pdbx_validate_rmsd_angle.auth_comp_id_2 
_pdbx_validate_rmsd_angle.auth_seq_id_2 
_pdbx_validate_rmsd_angle.PDB_ins_code_2 
_pdbx_validate_rmsd_angle.label_alt_id_2 
_pdbx_validate_rmsd_angle.auth_atom_id_3 
_pdbx_validate_rmsd_angle.auth_asym_id_3 
_pdbx_validate_rmsd_angle.auth_comp_id_3 
_pdbx_validate_rmsd_angle.auth_seq_id_3 
_pdbx_validate_rmsd_angle.PDB_ins_code_3 
_pdbx_validate_rmsd_angle.label_alt_id_3 
_pdbx_validate_rmsd_angle.angle_value 
_pdbx_validate_rmsd_angle.angle_target_value 
_pdbx_validate_rmsd_angle.angle_deviation 
_pdbx_validate_rmsd_angle.angle_standard_deviation 
_pdbx_validate_rmsd_angle.linker_flag 
1 1 NE A ARG 129 ? ? CZ A ARG 129 ? ? NH1 A ARG 129 ? ? 124.57 120.30 4.27  0.50 N 
2 1 NE A ARG 129 ? ? CZ A ARG 129 ? ? NH2 A ARG 129 ? ? 117.28 120.30 -3.02 0.50 N 
# 
loop_
_pdbx_validate_torsion.id 
_pdbx_validate_torsion.PDB_model_num 
_pdbx_validate_torsion.auth_comp_id 
_pdbx_validate_torsion.auth_asym_id 
_pdbx_validate_torsion.auth_seq_id 
_pdbx_validate_torsion.PDB_ins_code 
_pdbx_validate_torsion.label_alt_id 
_pdbx_validate_torsion.phi 
_pdbx_validate_torsion.psi 
1 1 PHE A 63 ? ? 171.68  156.84 
2 1 TYR A 69 ? ? -106.31 69.99  
# 
loop_
_pdbx_unobs_or_zero_occ_residues.id 
_pdbx_unobs_or_zero_occ_residues.PDB_model_num 
_pdbx_unobs_or_zero_occ_residues.polymer_flag 
_pdbx_unobs_or_zero_occ_residues.occupancy_flag 
_pdbx_unobs_or_zero_occ_residues.auth_asym_id 
_pdbx_unobs_or_zero_occ_residues.auth_comp_id 
_pdbx_unobs_or_zero_occ_residues.auth_seq_id 
_pdbx_unobs_or_zero_occ_residues.PDB_ins_code 
_pdbx_unobs_or_zero_occ_residues.label_asym_id 
_pdbx_unobs_or_zero_occ_residues.label_comp_id 
_pdbx_unobs_or_zero_occ_residues.label_seq_id 
1 1 Y 1 A ALA 65 ? A ALA 65 
2 1 Y 1 A SER 66 ? A SER 66 
3 1 Y 1 A GLU 67 ? A GLU 67 
# 
loop_
_chem_comp_atom.comp_id 
_chem_comp_atom.atom_id 
_chem_comp_atom.type_symbol 
_chem_comp_atom.pdbx_aromatic_flag 
_chem_comp_atom.pdbx_stereo_config 
_chem_comp_atom.pdbx_ordinal 
4WL O2   O  N N 1   
4WL C1   C  N N 2   
4WL O3   O  N N 3   
4WL C4   C  Y N 4   
4WL C5   C  Y N 5   
4WL C6   C  Y N 6   
4WL C7   C  Y N 7   
4WL N8   N  Y N 8   
4WL S11  S  Y N 9   
4WL C10  C  Y N 10  
4WL C9   C  Y N 11  
4WL H3   H  N N 12  
4WL H5   H  N N 13  
4WL H8   H  N N 14  
4WL H9   H  N N 15  
4WL H10  H  N N 16  
ACT C    C  N N 17  
ACT O    O  N N 18  
ACT OXT  O  N N 19  
ACT CH3  C  N N 20  
ACT H1   H  N N 21  
ACT H2   H  N N 22  
ACT H3   H  N N 23  
ALA N    N  N N 24  
ALA CA   C  N S 25  
ALA C    C  N N 26  
ALA O    O  N N 27  
ALA CB   C  N N 28  
ALA OXT  O  N N 29  
ALA H    H  N N 30  
ALA H2   H  N N 31  
ALA HA   H  N N 32  
ALA HB1  H  N N 33  
ALA HB2  H  N N 34  
ALA HB3  H  N N 35  
ALA HXT  H  N N 36  
ARG N    N  N N 37  
ARG CA   C  N S 38  
ARG C    C  N N 39  
ARG O    O  N N 40  
ARG CB   C  N N 41  
ARG CG   C  N N 42  
ARG CD   C  N N 43  
ARG NE   N  N N 44  
ARG CZ   C  N N 45  
ARG NH1  N  N N 46  
ARG NH2  N  N N 47  
ARG OXT  O  N N 48  
ARG H    H  N N 49  
ARG H2   H  N N 50  
ARG HA   H  N N 51  
ARG HB2  H  N N 52  
ARG HB3  H  N N 53  
ARG HG2  H  N N 54  
ARG HG3  H  N N 55  
ARG HD2  H  N N 56  
ARG HD3  H  N N 57  
ARG HE   H  N N 58  
ARG HH11 H  N N 59  
ARG HH12 H  N N 60  
ARG HH21 H  N N 61  
ARG HH22 H  N N 62  
ARG HXT  H  N N 63  
ASN N    N  N N 64  
ASN CA   C  N S 65  
ASN C    C  N N 66  
ASN O    O  N N 67  
ASN CB   C  N N 68  
ASN CG   C  N N 69  
ASN OD1  O  N N 70  
ASN ND2  N  N N 71  
ASN OXT  O  N N 72  
ASN H    H  N N 73  
ASN H2   H  N N 74  
ASN HA   H  N N 75  
ASN HB2  H  N N 76  
ASN HB3  H  N N 77  
ASN HD21 H  N N 78  
ASN HD22 H  N N 79  
ASN HXT  H  N N 80  
ASP N    N  N N 81  
ASP CA   C  N S 82  
ASP C    C  N N 83  
ASP O    O  N N 84  
ASP CB   C  N N 85  
ASP CG   C  N N 86  
ASP OD1  O  N N 87  
ASP OD2  O  N N 88  
ASP OXT  O  N N 89  
ASP H    H  N N 90  
ASP H2   H  N N 91  
ASP HA   H  N N 92  
ASP HB2  H  N N 93  
ASP HB3  H  N N 94  
ASP HD2  H  N N 95  
ASP HXT  H  N N 96  
CD  CD   CD N N 97  
CYS N    N  N N 98  
CYS CA   C  N R 99  
CYS C    C  N N 100 
CYS O    O  N N 101 
CYS CB   C  N N 102 
CYS SG   S  N N 103 
CYS OXT  O  N N 104 
CYS H    H  N N 105 
CYS H2   H  N N 106 
CYS HA   H  N N 107 
CYS HB2  H  N N 108 
CYS HB3  H  N N 109 
CYS HG   H  N N 110 
CYS HXT  H  N N 111 
GLN N    N  N N 112 
GLN CA   C  N S 113 
GLN C    C  N N 114 
GLN O    O  N N 115 
GLN CB   C  N N 116 
GLN CG   C  N N 117 
GLN CD   C  N N 118 
GLN OE1  O  N N 119 
GLN NE2  N  N N 120 
GLN OXT  O  N N 121 
GLN H    H  N N 122 
GLN H2   H  N N 123 
GLN HA   H  N N 124 
GLN HB2  H  N N 125 
GLN HB3  H  N N 126 
GLN HG2  H  N N 127 
GLN HG3  H  N N 128 
GLN HE21 H  N N 129 
GLN HE22 H  N N 130 
GLN HXT  H  N N 131 
GLU N    N  N N 132 
GLU CA   C  N S 133 
GLU C    C  N N 134 
GLU O    O  N N 135 
GLU CB   C  N N 136 
GLU CG   C  N N 137 
GLU CD   C  N N 138 
GLU OE1  O  N N 139 
GLU OE2  O  N N 140 
GLU OXT  O  N N 141 
GLU H    H  N N 142 
GLU H2   H  N N 143 
GLU HA   H  N N 144 
GLU HB2  H  N N 145 
GLU HB3  H  N N 146 
GLU HG2  H  N N 147 
GLU HG3  H  N N 148 
GLU HE2  H  N N 149 
GLU HXT  H  N N 150 
GLY N    N  N N 151 
GLY CA   C  N N 152 
GLY C    C  N N 153 
GLY O    O  N N 154 
GLY OXT  O  N N 155 
GLY H    H  N N 156 
GLY H2   H  N N 157 
GLY HA2  H  N N 158 
GLY HA3  H  N N 159 
GLY HXT  H  N N 160 
HIS N    N  N N 161 
HIS CA   C  N S 162 
HIS C    C  N N 163 
HIS O    O  N N 164 
HIS CB   C  N N 165 
HIS CG   C  Y N 166 
HIS ND1  N  Y N 167 
HIS CD2  C  Y N 168 
HIS CE1  C  Y N 169 
HIS NE2  N  Y N 170 
HIS OXT  O  N N 171 
HIS H    H  N N 172 
HIS H2   H  N N 173 
HIS HA   H  N N 174 
HIS HB2  H  N N 175 
HIS HB3  H  N N 176 
HIS HD1  H  N N 177 
HIS HD2  H  N N 178 
HIS HE1  H  N N 179 
HIS HE2  H  N N 180 
HIS HXT  H  N N 181 
HOH O    O  N N 182 
HOH H1   H  N N 183 
HOH H2   H  N N 184 
ILE N    N  N N 185 
ILE CA   C  N S 186 
ILE C    C  N N 187 
ILE O    O  N N 188 
ILE CB   C  N S 189 
ILE CG1  C  N N 190 
ILE CG2  C  N N 191 
ILE CD1  C  N N 192 
ILE OXT  O  N N 193 
ILE H    H  N N 194 
ILE H2   H  N N 195 
ILE HA   H  N N 196 
ILE HB   H  N N 197 
ILE HG12 H  N N 198 
ILE HG13 H  N N 199 
ILE HG21 H  N N 200 
ILE HG22 H  N N 201 
ILE HG23 H  N N 202 
ILE HD11 H  N N 203 
ILE HD12 H  N N 204 
ILE HD13 H  N N 205 
ILE HXT  H  N N 206 
LEU N    N  N N 207 
LEU CA   C  N S 208 
LEU C    C  N N 209 
LEU O    O  N N 210 
LEU CB   C  N N 211 
LEU CG   C  N N 212 
LEU CD1  C  N N 213 
LEU CD2  C  N N 214 
LEU OXT  O  N N 215 
LEU H    H  N N 216 
LEU H2   H  N N 217 
LEU HA   H  N N 218 
LEU HB2  H  N N 219 
LEU HB3  H  N N 220 
LEU HG   H  N N 221 
LEU HD11 H  N N 222 
LEU HD12 H  N N 223 
LEU HD13 H  N N 224 
LEU HD21 H  N N 225 
LEU HD22 H  N N 226 
LEU HD23 H  N N 227 
LEU HXT  H  N N 228 
LYS N    N  N N 229 
LYS CA   C  N S 230 
LYS C    C  N N 231 
LYS O    O  N N 232 
LYS CB   C  N N 233 
LYS CG   C  N N 234 
LYS CD   C  N N 235 
LYS CE   C  N N 236 
LYS NZ   N  N N 237 
LYS OXT  O  N N 238 
LYS H    H  N N 239 
LYS H2   H  N N 240 
LYS HA   H  N N 241 
LYS HB2  H  N N 242 
LYS HB3  H  N N 243 
LYS HG2  H  N N 244 
LYS HG3  H  N N 245 
LYS HD2  H  N N 246 
LYS HD3  H  N N 247 
LYS HE2  H  N N 248 
LYS HE3  H  N N 249 
LYS HZ1  H  N N 250 
LYS HZ2  H  N N 251 
LYS HZ3  H  N N 252 
LYS HXT  H  N N 253 
MET N    N  N N 254 
MET CA   C  N S 255 
MET C    C  N N 256 
MET O    O  N N 257 
MET CB   C  N N 258 
MET CG   C  N N 259 
MET SD   S  N N 260 
MET CE   C  N N 261 
MET OXT  O  N N 262 
MET H    H  N N 263 
MET H2   H  N N 264 
MET HA   H  N N 265 
MET HB2  H  N N 266 
MET HB3  H  N N 267 
MET HG2  H  N N 268 
MET HG3  H  N N 269 
MET HE1  H  N N 270 
MET HE2  H  N N 271 
MET HE3  H  N N 272 
MET HXT  H  N N 273 
NA  NA   NA N N 274 
PHE N    N  N N 275 
PHE CA   C  N S 276 
PHE C    C  N N 277 
PHE O    O  N N 278 
PHE CB   C  N N 279 
PHE CG   C  Y N 280 
PHE CD1  C  Y N 281 
PHE CD2  C  Y N 282 
PHE CE1  C  Y N 283 
PHE CE2  C  Y N 284 
PHE CZ   C  Y N 285 
PHE OXT  O  N N 286 
PHE H    H  N N 287 
PHE H2   H  N N 288 
PHE HA   H  N N 289 
PHE HB2  H  N N 290 
PHE HB3  H  N N 291 
PHE HD1  H  N N 292 
PHE HD2  H  N N 293 
PHE HE1  H  N N 294 
PHE HE2  H  N N 295 
PHE HZ   H  N N 296 
PHE HXT  H  N N 297 
PRO N    N  N N 298 
PRO CA   C  N S 299 
PRO C    C  N N 300 
PRO O    O  N N 301 
PRO CB   C  N N 302 
PRO CG   C  N N 303 
PRO CD   C  N N 304 
PRO OXT  O  N N 305 
PRO H    H  N N 306 
PRO HA   H  N N 307 
PRO HB2  H  N N 308 
PRO HB3  H  N N 309 
PRO HG2  H  N N 310 
PRO HG3  H  N N 311 
PRO HD2  H  N N 312 
PRO HD3  H  N N 313 
PRO HXT  H  N N 314 
SER N    N  N N 315 
SER CA   C  N S 316 
SER C    C  N N 317 
SER O    O  N N 318 
SER CB   C  N N 319 
SER OG   O  N N 320 
SER OXT  O  N N 321 
SER H    H  N N 322 
SER H2   H  N N 323 
SER HA   H  N N 324 
SER HB2  H  N N 325 
SER HB3  H  N N 326 
SER HG   H  N N 327 
SER HXT  H  N N 328 
THR N    N  N N 329 
THR CA   C  N S 330 
THR C    C  N N 331 
THR O    O  N N 332 
THR CB   C  N R 333 
THR OG1  O  N N 334 
THR CG2  C  N N 335 
THR OXT  O  N N 336 
THR H    H  N N 337 
THR H2   H  N N 338 
THR HA   H  N N 339 
THR HB   H  N N 340 
THR HG1  H  N N 341 
THR HG21 H  N N 342 
THR HG22 H  N N 343 
THR HG23 H  N N 344 
THR HXT  H  N N 345 
TRP N    N  N N 346 
TRP CA   C  N S 347 
TRP C    C  N N 348 
TRP O    O  N N 349 
TRP CB   C  N N 350 
TRP CG   C  Y N 351 
TRP CD1  C  Y N 352 
TRP CD2  C  Y N 353 
TRP NE1  N  Y N 354 
TRP CE2  C  Y N 355 
TRP CE3  C  Y N 356 
TRP CZ2  C  Y N 357 
TRP CZ3  C  Y N 358 
TRP CH2  C  Y N 359 
TRP OXT  O  N N 360 
TRP H    H  N N 361 
TRP H2   H  N N 362 
TRP HA   H  N N 363 
TRP HB2  H  N N 364 
TRP HB3  H  N N 365 
TRP HD1  H  N N 366 
TRP HE1  H  N N 367 
TRP HE3  H  N N 368 
TRP HZ2  H  N N 369 
TRP HZ3  H  N N 370 
TRP HH2  H  N N 371 
TRP HXT  H  N N 372 
TYR N    N  N N 373 
TYR CA   C  N S 374 
TYR C    C  N N 375 
TYR O    O  N N 376 
TYR CB   C  N N 377 
TYR CG   C  Y N 378 
TYR CD1  C  Y N 379 
TYR CD2  C  Y N 380 
TYR CE1  C  Y N 381 
TYR CE2  C  Y N 382 
TYR CZ   C  Y N 383 
TYR OH   O  N N 384 
TYR OXT  O  N N 385 
TYR H    H  N N 386 
TYR H2   H  N N 387 
TYR HA   H  N N 388 
TYR HB2  H  N N 389 
TYR HB3  H  N N 390 
TYR HD1  H  N N 391 
TYR HD2  H  N N 392 
TYR HE1  H  N N 393 
TYR HE2  H  N N 394 
TYR HH   H  N N 395 
TYR HXT  H  N N 396 
VAL N    N  N N 397 
VAL CA   C  N S 398 
VAL C    C  N N 399 
VAL O    O  N N 400 
VAL CB   C  N N 401 
VAL CG1  C  N N 402 
VAL CG2  C  N N 403 
VAL OXT  O  N N 404 
VAL H    H  N N 405 
VAL H2   H  N N 406 
VAL HA   H  N N 407 
VAL HB   H  N N 408 
VAL HG11 H  N N 409 
VAL HG12 H  N N 410 
VAL HG13 H  N N 411 
VAL HG21 H  N N 412 
VAL HG22 H  N N 413 
VAL HG23 H  N N 414 
VAL HXT  H  N N 415 
# 
loop_
_chem_comp_bond.comp_id 
_chem_comp_bond.atom_id_1 
_chem_comp_bond.atom_id_2 
_chem_comp_bond.value_order 
_chem_comp_bond.pdbx_aromatic_flag 
_chem_comp_bond.pdbx_stereo_config 
_chem_comp_bond.pdbx_ordinal 
4WL O2  C1   doub N N 1   
4WL C1  O3   sing N N 2   
4WL C1  C4   sing N N 3   
4WL C4  C5   doub Y N 4   
4WL C4  N8   sing Y N 5   
4WL C5  C6   sing Y N 6   
4WL C6  C7   doub Y N 7   
4WL C6  S11  sing Y N 8   
4WL C7  N8   sing Y N 9   
4WL C7  C9   sing Y N 10  
4WL S11 C10  sing Y N 11  
4WL C10 C9   doub Y N 12  
4WL O3  H3   sing N N 13  
4WL C5  H5   sing N N 14  
4WL N8  H8   sing N N 15  
4WL C9  H9   sing N N 16  
4WL C10 H10  sing N N 17  
ACT C   O    doub N N 18  
ACT C   OXT  sing N N 19  
ACT C   CH3  sing N N 20  
ACT CH3 H1   sing N N 21  
ACT CH3 H2   sing N N 22  
ACT CH3 H3   sing N N 23  
ALA N   CA   sing N N 24  
ALA N   H    sing N N 25  
ALA N   H2   sing N N 26  
ALA CA  C    sing N N 27  
ALA CA  CB   sing N N 28  
ALA CA  HA   sing N N 29  
ALA C   O    doub N N 30  
ALA C   OXT  sing N N 31  
ALA CB  HB1  sing N N 32  
ALA CB  HB2  sing N N 33  
ALA CB  HB3  sing N N 34  
ALA OXT HXT  sing N N 35  
ARG N   CA   sing N N 36  
ARG N   H    sing N N 37  
ARG N   H2   sing N N 38  
ARG CA  C    sing N N 39  
ARG CA  CB   sing N N 40  
ARG CA  HA   sing N N 41  
ARG C   O    doub N N 42  
ARG C   OXT  sing N N 43  
ARG CB  CG   sing N N 44  
ARG CB  HB2  sing N N 45  
ARG CB  HB3  sing N N 46  
ARG CG  CD   sing N N 47  
ARG CG  HG2  sing N N 48  
ARG CG  HG3  sing N N 49  
ARG CD  NE   sing N N 50  
ARG CD  HD2  sing N N 51  
ARG CD  HD3  sing N N 52  
ARG NE  CZ   sing N N 53  
ARG NE  HE   sing N N 54  
ARG CZ  NH1  sing N N 55  
ARG CZ  NH2  doub N N 56  
ARG NH1 HH11 sing N N 57  
ARG NH1 HH12 sing N N 58  
ARG NH2 HH21 sing N N 59  
ARG NH2 HH22 sing N N 60  
ARG OXT HXT  sing N N 61  
ASN N   CA   sing N N 62  
ASN N   H    sing N N 63  
ASN N   H2   sing N N 64  
ASN CA  C    sing N N 65  
ASN CA  CB   sing N N 66  
ASN CA  HA   sing N N 67  
ASN C   O    doub N N 68  
ASN C   OXT  sing N N 69  
ASN CB  CG   sing N N 70  
ASN CB  HB2  sing N N 71  
ASN CB  HB3  sing N N 72  
ASN CG  OD1  doub N N 73  
ASN CG  ND2  sing N N 74  
ASN ND2 HD21 sing N N 75  
ASN ND2 HD22 sing N N 76  
ASN OXT HXT  sing N N 77  
ASP N   CA   sing N N 78  
ASP N   H    sing N N 79  
ASP N   H2   sing N N 80  
ASP CA  C    sing N N 81  
ASP CA  CB   sing N N 82  
ASP CA  HA   sing N N 83  
ASP C   O    doub N N 84  
ASP C   OXT  sing N N 85  
ASP CB  CG   sing N N 86  
ASP CB  HB2  sing N N 87  
ASP CB  HB3  sing N N 88  
ASP CG  OD1  doub N N 89  
ASP CG  OD2  sing N N 90  
ASP OD2 HD2  sing N N 91  
ASP OXT HXT  sing N N 92  
CYS N   CA   sing N N 93  
CYS N   H    sing N N 94  
CYS N   H2   sing N N 95  
CYS CA  C    sing N N 96  
CYS CA  CB   sing N N 97  
CYS CA  HA   sing N N 98  
CYS C   O    doub N N 99  
CYS C   OXT  sing N N 100 
CYS CB  SG   sing N N 101 
CYS CB  HB2  sing N N 102 
CYS CB  HB3  sing N N 103 
CYS SG  HG   sing N N 104 
CYS OXT HXT  sing N N 105 
GLN N   CA   sing N N 106 
GLN N   H    sing N N 107 
GLN N   H2   sing N N 108 
GLN CA  C    sing N N 109 
GLN CA  CB   sing N N 110 
GLN CA  HA   sing N N 111 
GLN C   O    doub N N 112 
GLN C   OXT  sing N N 113 
GLN CB  CG   sing N N 114 
GLN CB  HB2  sing N N 115 
GLN CB  HB3  sing N N 116 
GLN CG  CD   sing N N 117 
GLN CG  HG2  sing N N 118 
GLN CG  HG3  sing N N 119 
GLN CD  OE1  doub N N 120 
GLN CD  NE2  sing N N 121 
GLN NE2 HE21 sing N N 122 
GLN NE2 HE22 sing N N 123 
GLN OXT HXT  sing N N 124 
GLU N   CA   sing N N 125 
GLU N   H    sing N N 126 
GLU N   H2   sing N N 127 
GLU CA  C    sing N N 128 
GLU CA  CB   sing N N 129 
GLU CA  HA   sing N N 130 
GLU C   O    doub N N 131 
GLU C   OXT  sing N N 132 
GLU CB  CG   sing N N 133 
GLU CB  HB2  sing N N 134 
GLU CB  HB3  sing N N 135 
GLU CG  CD   sing N N 136 
GLU CG  HG2  sing N N 137 
GLU CG  HG3  sing N N 138 
GLU CD  OE1  doub N N 139 
GLU CD  OE2  sing N N 140 
GLU OE2 HE2  sing N N 141 
GLU OXT HXT  sing N N 142 
GLY N   CA   sing N N 143 
GLY N   H    sing N N 144 
GLY N   H2   sing N N 145 
GLY CA  C    sing N N 146 
GLY CA  HA2  sing N N 147 
GLY CA  HA3  sing N N 148 
GLY C   O    doub N N 149 
GLY C   OXT  sing N N 150 
GLY OXT HXT  sing N N 151 
HIS N   CA   sing N N 152 
HIS N   H    sing N N 153 
HIS N   H2   sing N N 154 
HIS CA  C    sing N N 155 
HIS CA  CB   sing N N 156 
HIS CA  HA   sing N N 157 
HIS C   O    doub N N 158 
HIS C   OXT  sing N N 159 
HIS CB  CG   sing N N 160 
HIS CB  HB2  sing N N 161 
HIS CB  HB3  sing N N 162 
HIS CG  ND1  sing Y N 163 
HIS CG  CD2  doub Y N 164 
HIS ND1 CE1  doub Y N 165 
HIS ND1 HD1  sing N N 166 
HIS CD2 NE2  sing Y N 167 
HIS CD2 HD2  sing N N 168 
HIS CE1 NE2  sing Y N 169 
HIS CE1 HE1  sing N N 170 
HIS NE2 HE2  sing N N 171 
HIS OXT HXT  sing N N 172 
HOH O   H1   sing N N 173 
HOH O   H2   sing N N 174 
ILE N   CA   sing N N 175 
ILE N   H    sing N N 176 
ILE N   H2   sing N N 177 
ILE CA  C    sing N N 178 
ILE CA  CB   sing N N 179 
ILE CA  HA   sing N N 180 
ILE C   O    doub N N 181 
ILE C   OXT  sing N N 182 
ILE CB  CG1  sing N N 183 
ILE CB  CG2  sing N N 184 
ILE CB  HB   sing N N 185 
ILE CG1 CD1  sing N N 186 
ILE CG1 HG12 sing N N 187 
ILE CG1 HG13 sing N N 188 
ILE CG2 HG21 sing N N 189 
ILE CG2 HG22 sing N N 190 
ILE CG2 HG23 sing N N 191 
ILE CD1 HD11 sing N N 192 
ILE CD1 HD12 sing N N 193 
ILE CD1 HD13 sing N N 194 
ILE OXT HXT  sing N N 195 
LEU N   CA   sing N N 196 
LEU N   H    sing N N 197 
LEU N   H2   sing N N 198 
LEU CA  C    sing N N 199 
LEU CA  CB   sing N N 200 
LEU CA  HA   sing N N 201 
LEU C   O    doub N N 202 
LEU C   OXT  sing N N 203 
LEU CB  CG   sing N N 204 
LEU CB  HB2  sing N N 205 
LEU CB  HB3  sing N N 206 
LEU CG  CD1  sing N N 207 
LEU CG  CD2  sing N N 208 
LEU CG  HG   sing N N 209 
LEU CD1 HD11 sing N N 210 
LEU CD1 HD12 sing N N 211 
LEU CD1 HD13 sing N N 212 
LEU CD2 HD21 sing N N 213 
LEU CD2 HD22 sing N N 214 
LEU CD2 HD23 sing N N 215 
LEU OXT HXT  sing N N 216 
LYS N   CA   sing N N 217 
LYS N   H    sing N N 218 
LYS N   H2   sing N N 219 
LYS CA  C    sing N N 220 
LYS CA  CB   sing N N 221 
LYS CA  HA   sing N N 222 
LYS C   O    doub N N 223 
LYS C   OXT  sing N N 224 
LYS CB  CG   sing N N 225 
LYS CB  HB2  sing N N 226 
LYS CB  HB3  sing N N 227 
LYS CG  CD   sing N N 228 
LYS CG  HG2  sing N N 229 
LYS CG  HG3  sing N N 230 
LYS CD  CE   sing N N 231 
LYS CD  HD2  sing N N 232 
LYS CD  HD3  sing N N 233 
LYS CE  NZ   sing N N 234 
LYS CE  HE2  sing N N 235 
LYS CE  HE3  sing N N 236 
LYS NZ  HZ1  sing N N 237 
LYS NZ  HZ2  sing N N 238 
LYS NZ  HZ3  sing N N 239 
LYS OXT HXT  sing N N 240 
MET N   CA   sing N N 241 
MET N   H    sing N N 242 
MET N   H2   sing N N 243 
MET CA  C    sing N N 244 
MET CA  CB   sing N N 245 
MET CA  HA   sing N N 246 
MET C   O    doub N N 247 
MET C   OXT  sing N N 248 
MET CB  CG   sing N N 249 
MET CB  HB2  sing N N 250 
MET CB  HB3  sing N N 251 
MET CG  SD   sing N N 252 
MET CG  HG2  sing N N 253 
MET CG  HG3  sing N N 254 
MET SD  CE   sing N N 255 
MET CE  HE1  sing N N 256 
MET CE  HE2  sing N N 257 
MET CE  HE3  sing N N 258 
MET OXT HXT  sing N N 259 
PHE N   CA   sing N N 260 
PHE N   H    sing N N 261 
PHE N   H2   sing N N 262 
PHE CA  C    sing N N 263 
PHE CA  CB   sing N N 264 
PHE CA  HA   sing N N 265 
PHE C   O    doub N N 266 
PHE C   OXT  sing N N 267 
PHE CB  CG   sing N N 268 
PHE CB  HB2  sing N N 269 
PHE CB  HB3  sing N N 270 
PHE CG  CD1  doub Y N 271 
PHE CG  CD2  sing Y N 272 
PHE CD1 CE1  sing Y N 273 
PHE CD1 HD1  sing N N 274 
PHE CD2 CE2  doub Y N 275 
PHE CD2 HD2  sing N N 276 
PHE CE1 CZ   doub Y N 277 
PHE CE1 HE1  sing N N 278 
PHE CE2 CZ   sing Y N 279 
PHE CE2 HE2  sing N N 280 
PHE CZ  HZ   sing N N 281 
PHE OXT HXT  sing N N 282 
PRO N   CA   sing N N 283 
PRO N   CD   sing N N 284 
PRO N   H    sing N N 285 
PRO CA  C    sing N N 286 
PRO CA  CB   sing N N 287 
PRO CA  HA   sing N N 288 
PRO C   O    doub N N 289 
PRO C   OXT  sing N N 290 
PRO CB  CG   sing N N 291 
PRO CB  HB2  sing N N 292 
PRO CB  HB3  sing N N 293 
PRO CG  CD   sing N N 294 
PRO CG  HG2  sing N N 295 
PRO CG  HG3  sing N N 296 
PRO CD  HD2  sing N N 297 
PRO CD  HD3  sing N N 298 
PRO OXT HXT  sing N N 299 
SER N   CA   sing N N 300 
SER N   H    sing N N 301 
SER N   H2   sing N N 302 
SER CA  C    sing N N 303 
SER CA  CB   sing N N 304 
SER CA  HA   sing N N 305 
SER C   O    doub N N 306 
SER C   OXT  sing N N 307 
SER CB  OG   sing N N 308 
SER CB  HB2  sing N N 309 
SER CB  HB3  sing N N 310 
SER OG  HG   sing N N 311 
SER OXT HXT  sing N N 312 
THR N   CA   sing N N 313 
THR N   H    sing N N 314 
THR N   H2   sing N N 315 
THR CA  C    sing N N 316 
THR CA  CB   sing N N 317 
THR CA  HA   sing N N 318 
THR C   O    doub N N 319 
THR C   OXT  sing N N 320 
THR CB  OG1  sing N N 321 
THR CB  CG2  sing N N 322 
THR CB  HB   sing N N 323 
THR OG1 HG1  sing N N 324 
THR CG2 HG21 sing N N 325 
THR CG2 HG22 sing N N 326 
THR CG2 HG23 sing N N 327 
THR OXT HXT  sing N N 328 
TRP N   CA   sing N N 329 
TRP N   H    sing N N 330 
TRP N   H2   sing N N 331 
TRP CA  C    sing N N 332 
TRP CA  CB   sing N N 333 
TRP CA  HA   sing N N 334 
TRP C   O    doub N N 335 
TRP C   OXT  sing N N 336 
TRP CB  CG   sing N N 337 
TRP CB  HB2  sing N N 338 
TRP CB  HB3  sing N N 339 
TRP CG  CD1  doub Y N 340 
TRP CG  CD2  sing Y N 341 
TRP CD1 NE1  sing Y N 342 
TRP CD1 HD1  sing N N 343 
TRP CD2 CE2  doub Y N 344 
TRP CD2 CE3  sing Y N 345 
TRP NE1 CE2  sing Y N 346 
TRP NE1 HE1  sing N N 347 
TRP CE2 CZ2  sing Y N 348 
TRP CE3 CZ3  doub Y N 349 
TRP CE3 HE3  sing N N 350 
TRP CZ2 CH2  doub Y N 351 
TRP CZ2 HZ2  sing N N 352 
TRP CZ3 CH2  sing Y N 353 
TRP CZ3 HZ3  sing N N 354 
TRP CH2 HH2  sing N N 355 
TRP OXT HXT  sing N N 356 
TYR N   CA   sing N N 357 
TYR N   H    sing N N 358 
TYR N   H2   sing N N 359 
TYR CA  C    sing N N 360 
TYR CA  CB   sing N N 361 
TYR CA  HA   sing N N 362 
TYR C   O    doub N N 363 
TYR C   OXT  sing N N 364 
TYR CB  CG   sing N N 365 
TYR CB  HB2  sing N N 366 
TYR CB  HB3  sing N N 367 
TYR CG  CD1  doub Y N 368 
TYR CG  CD2  sing Y N 369 
TYR CD1 CE1  sing Y N 370 
TYR CD1 HD1  sing N N 371 
TYR CD2 CE2  doub Y N 372 
TYR CD2 HD2  sing N N 373 
TYR CE1 CZ   doub Y N 374 
TYR CE1 HE1  sing N N 375 
TYR CE2 CZ   sing Y N 376 
TYR CE2 HE2  sing N N 377 
TYR CZ  OH   sing N N 378 
TYR OH  HH   sing N N 379 
TYR OXT HXT  sing N N 380 
VAL N   CA   sing N N 381 
VAL N   H    sing N N 382 
VAL N   H2   sing N N 383 
VAL CA  C    sing N N 384 
VAL CA  CB   sing N N 385 
VAL CA  HA   sing N N 386 
VAL C   O    doub N N 387 
VAL C   OXT  sing N N 388 
VAL CB  CG1  sing N N 389 
VAL CB  CG2  sing N N 390 
VAL CB  HB   sing N N 391 
VAL CG1 HG11 sing N N 392 
VAL CG1 HG12 sing N N 393 
VAL CG1 HG13 sing N N 394 
VAL CG2 HG21 sing N N 395 
VAL CG2 HG22 sing N N 396 
VAL CG2 HG23 sing N N 397 
VAL OXT HXT  sing N N 398 
# 
_atom_sites.entry_id                    5CWY 
_atom_sites.fract_transf_matrix[1][1]   0.00833907 
_atom_sites.fract_transf_matrix[1][2]   -0.01771449 
_atom_sites.fract_transf_matrix[1][3]   -0.00020181 
_atom_sites.fract_transf_matrix[2][1]   -0.00834902 
_atom_sites.fract_transf_matrix[2][2]   -0.01463768 
_atom_sites.fract_transf_matrix[2][3]   -0.00997038 
_atom_sites.fract_transf_matrix[3][1]   0.00198293 
_atom_sites.fract_transf_matrix[3][2]   0.00096858 
_atom_sites.fract_transf_matrix[3][3]   -0.00308246 
_atom_sites.fract_transf_vector[1]      -0.038595 
_atom_sites.fract_transf_vector[2]      -0.335088 
_atom_sites.fract_transf_vector[3]      0.014167 
# 
loop_
_atom_type.symbol 
C  
CD 
N  
NA 
O  
S  
# 
loop_
_atom_site.group_PDB 
_atom_site.id 
_atom_site.type_symbol 
_atom_site.label_atom_id 
_atom_site.label_alt_id 
_atom_site.label_comp_id 
_atom_site.label_asym_id 
_atom_site.label_entity_id 
_atom_site.label_seq_id 
_atom_site.pdbx_PDB_ins_code 
_atom_site.Cartn_x 
_atom_site.Cartn_y 
_atom_site.Cartn_z 
_atom_site.occupancy 
_atom_site.B_iso_or_equiv 
_atom_site.pdbx_formal_charge 
_atom_site.auth_seq_id 
_atom_site.auth_comp_id 
_atom_site.auth_asym_id 
_atom_site.auth_atom_id 
_atom_site.pdbx_PDB_model_num 
ATOM   1    N  N   . MET A 1 1   ? -5.993  15.918  -9.797  1.00 32.26 ? 1   MET A N   1 
ATOM   2    C  CA  . MET A 1 1   ? -6.655  15.154  -10.879 1.00 37.95 ? 1   MET A CA  1 
ATOM   3    C  C   . MET A 1 1   ? -6.766  13.700  -10.419 1.00 38.29 ? 1   MET A C   1 
ATOM   4    O  O   . MET A 1 1   ? -5.771  13.113  -10.004 1.00 40.14 ? 1   MET A O   1 
ATOM   5    C  CB  . MET A 1 1   ? -5.827  15.258  -12.140 1.00 39.05 ? 1   MET A CB  1 
ATOM   6    C  CG  . MET A 1 1   ? -6.578  14.875  -13.417 1.00 50.63 ? 1   MET A CG  1 
ATOM   7    S  SD  . MET A 1 1   ? -5.524  14.021  -14.646 1.00 66.07 ? 1   MET A SD  1 
ATOM   8    C  CE  . MET A 1 1   ? -3.934  14.906  -14.581 1.00 65.06 ? 1   MET A CE  1 
ATOM   9    N  N   . ILE A 1 2   ? -7.969  13.130  -10.444 1.00 37.62 ? 2   ILE A N   1 
ATOM   10   C  CA  . ILE A 1 2   ? -8.193  11.749  -9.993  1.00 33.06 ? 2   ILE A CA  1 
ATOM   11   C  C   . ILE A 1 2   ? -7.748  10.874  -11.175 1.00 34.69 ? 2   ILE A C   1 
ATOM   12   O  O   . ILE A 1 2   ? -8.123  11.164  -12.302 1.00 34.98 ? 2   ILE A O   1 
ATOM   13   C  CB  . ILE A 1 2   ? -9.702  11.518  -9.614  1.00 33.46 ? 2   ILE A CB  1 
ATOM   14   C  CG1 . ILE A 1 2   ? -10.052 12.131  -8.241  1.00 31.41 ? 2   ILE A CG1 1 
ATOM   15   C  CG2 . ILE A 1 2   ? -10.096 10.038  -9.543  1.00 26.89 ? 2   ILE A CG2 1 
ATOM   16   C  CD1 . ILE A 1 2   ? -11.556 12.173  -8.017  1.00 30.29 ? 2   ILE A CD1 1 
ATOM   17   N  N   . ARG A 1 3   ? -6.942  9.826   -10.933 1.00 33.90 ? 3   ARG A N   1 
ATOM   18   C  CA  . ARG A 1 3   ? -6.534  8.862   -11.987 1.00 30.42 ? 3   ARG A CA  1 
ATOM   19   C  C   . ARG A 1 3   ? -7.318  7.566   -11.879 1.00 31.33 ? 3   ARG A C   1 
ATOM   20   O  O   . ARG A 1 3   ? -7.703  7.193   -10.787 1.00 30.43 ? 3   ARG A O   1 
ATOM   21   C  CB  . ARG A 1 3   ? -5.068  8.496   -11.781 1.00 32.23 ? 3   ARG A CB  1 
ATOM   22   C  CG  . ARG A 1 3   ? -4.171  9.707   -11.590 1.00 32.70 ? 3   ARG A CG  1 
ATOM   23   C  CD  . ARG A 1 3   ? -3.753  10.293  -12.936 1.00 31.88 ? 3   ARG A CD  1 
ATOM   24   N  NE  . ARG A 1 3   ? -2.639  11.204  -12.695 1.00 40.52 ? 3   ARG A NE  1 
ATOM   25   C  CZ  . ARG A 1 3   ? -1.376  10.982  -13.058 1.00 36.37 ? 3   ARG A CZ  1 
ATOM   26   N  NH1 . ARG A 1 3   ? -1.043  9.872   -13.742 1.00 32.51 ? 3   ARG A NH1 1 
ATOM   27   N  NH2 . ARG A 1 3   ? -0.459  11.901  -12.764 1.00 33.16 ? 3   ARG A NH2 1 
ATOM   28   N  N   . ASP A 1 4   ? -7.541  6.887   -12.998 1.00 29.23 ? 4   ASP A N   1 
ATOM   29   C  CA  . ASP A 1 4   ? -8.129  5.567   -12.993 1.00 28.48 ? 4   ASP A CA  1 
ATOM   30   C  C   . ASP A 1 4   ? -7.172  4.633   -12.260 1.00 28.27 ? 4   ASP A C   1 
ATOM   31   O  O   . ASP A 1 4   ? -5.949  4.660   -12.508 1.00 26.03 ? 4   ASP A O   1 
ATOM   32   C  CB  . ASP A 1 4   ? -8.297  5.031   -14.437 1.00 31.52 ? 4   ASP A CB  1 
ATOM   33   C  CG  . ASP A 1 4   ? -9.236  5.885   -15.288 1.00 35.92 ? 4   ASP A CG  1 
ATOM   34   O  OD1 . ASP A 1 4   ? -10.313 6.330   -14.833 1.00 37.24 ? 4   ASP A OD1 1 
ATOM   35   O  OD2 . ASP A 1 4   ? -8.901  6.111   -16.444 1.00 39.07 ? 4   ASP A OD2 1 
ATOM   36   N  N   . ILE A 1 5   ? -7.738  3.801   -11.383 1.00 25.06 ? 5   ILE A N   1 
ATOM   37   C  CA  . ILE A 1 5   ? -7.031  2.728   -10.725 1.00 23.93 ? 5   ILE A CA  1 
ATOM   38   C  C   . ILE A 1 5   ? -7.201  1.490   -11.588 1.00 26.54 ? 5   ILE A C   1 
ATOM   39   O  O   . ILE A 1 5   ? -8.329  1.017   -11.802 1.00 31.03 ? 5   ILE A O   1 
ATOM   40   C  CB  . ILE A 1 5   ? -7.616  2.492   -9.346  1.00 24.06 ? 5   ILE A CB  1 
ATOM   41   C  CG1 . ILE A 1 5   ? -7.364  3.730   -8.460  1.00 23.75 ? 5   ILE A CG1 1 
ATOM   42   C  CG2 . ILE A 1 5   ? -7.035  1.239   -8.741  1.00 24.06 ? 5   ILE A CG2 1 
ATOM   43   C  CD1 . ILE A 1 5   ? -8.265  3.774   -7.252  1.00 23.07 ? 5   ILE A CD1 1 
ATOM   44   N  N   . ILE A 1 6   ? -6.093  0.964   -12.089 1.00 23.49 ? 6   ILE A N   1 
ATOM   45   C  CA  . ILE A 1 6   ? -6.137  -0.227  -12.914 1.00 24.67 ? 6   ILE A CA  1 
ATOM   46   C  C   . ILE A 1 6   ? -6.377  -1.511  -12.058 1.00 27.40 ? 6   ILE A C   1 
ATOM   47   O  O   . ILE A 1 6   ? -6.041  -1.539  -10.866 1.00 29.36 ? 6   ILE A O   1 
ATOM   48   C  CB  . ILE A 1 6   ? -4.918  -0.270  -13.878 1.00 22.07 ? 6   ILE A CB  1 
ATOM   49   C  CG1 . ILE A 1 6   ? -3.600  -0.472  -13.081 1.00 18.99 ? 6   ILE A CG1 1 
ATOM   50   C  CG2 . ILE A 1 6   ? -4.989  0.995   -14.785 1.00 20.23 ? 6   ILE A CG2 1 
ATOM   51   C  CD1 . ILE A 1 6   ? -2.380  -0.875  -13.913 1.00 16.66 ? 6   ILE A CD1 1 
ATOM   52   N  N   . ARG A 1 7   ? -6.987  -2.544  -12.642 1.00 27.30 ? 7   ARG A N   1 
ATOM   53   C  CA  . ARG A 1 7   ? -7.496  -3.685  -11.820 1.00 28.98 ? 7   ARG A CA  1 
ATOM   54   C  C   . ARG A 1 7   ? -6.648  -4.930  -11.979 1.00 24.16 ? 7   ARG A C   1 
ATOM   55   O  O   . ARG A 1 7   ? -6.032  -5.105  -13.010 1.00 23.33 ? 7   ARG A O   1 
ATOM   56   C  CB  . ARG A 1 7   ? -8.976  -3.963  -12.145 1.00 30.74 ? 7   ARG A CB  1 
ATOM   57   C  CG  . ARG A 1 7   ? -9.956  -3.137  -11.326 1.00 37.22 ? 7   ARG A CG  1 
ATOM   58   C  CD  . ARG A 1 7   ? -11.126 -2.567  -12.130 1.00 44.89 ? 7   ARG A CD  1 
ATOM   59   N  NE  . ARG A 1 7   ? -11.387 -3.202  -13.436 1.00 46.37 ? 7   ARG A NE  1 
ATOM   60   C  CZ  . ARG A 1 7   ? -12.181 -4.251  -13.635 1.00 49.47 ? 7   ARG A CZ  1 
ATOM   61   N  NH1 . ARG A 1 7   ? -12.831 -4.849  -12.640 1.00 49.14 ? 7   ARG A NH1 1 
ATOM   62   N  NH2 . ARG A 1 7   ? -12.335 -4.713  -14.854 1.00 57.41 ? 7   ARG A NH2 1 
ATOM   63   N  N   . MET A 1 8   ? -6.609  -5.785  -10.956 1.00 24.85 ? 8   MET A N   1 
ATOM   64   C  CA  . MET A 1 8   ? -5.836  -7.047  -11.003 1.00 24.70 ? 8   MET A CA  1 
ATOM   65   C  C   . MET A 1 8   ? -6.073  -7.796  -12.355 1.00 24.60 ? 8   MET A C   1 
ATOM   66   O  O   . MET A 1 8   ? -7.186  -7.772  -12.880 1.00 21.89 ? 8   MET A O   1 
ATOM   67   C  CB  . MET A 1 8   ? -6.147  -7.940  -9.809  1.00 23.74 ? 8   MET A CB  1 
ATOM   68   C  CG  . MET A 1 8   ? -5.403  -9.273  -9.853  1.00 22.80 ? 8   MET A CG  1 
ATOM   69   S  SD  . MET A 1 8   ? -5.550  -10.158 -8.285  1.00 23.52 ? 8   MET A SD  1 
ATOM   70   C  CE  . MET A 1 8   ? -7.208  -10.793 -8.517  1.00 23.33 ? 8   MET A CE  1 
ATOM   71   N  N   . GLY A 1 9   ? -5.018  -8.378  -12.935 1.00 25.02 ? 9   GLY A N   1 
ATOM   72   C  CA  . GLY A 1 9   ? -5.079  -8.794  -14.336 1.00 27.33 ? 9   GLY A CA  1 
ATOM   73   C  C   . GLY A 1 9   ? -4.360  -7.870  -15.290 1.00 29.17 ? 9   GLY A C   1 
ATOM   74   O  O   . GLY A 1 9   ? -3.873  -8.330  -16.313 1.00 30.45 ? 9   GLY A O   1 
ATOM   75   N  N   . ASP A 1 10  ? -4.275  -6.570  -14.976 1.00 29.37 ? 10  ASP A N   1 
ATOM   76   C  CA  . ASP A 1 10  ? -3.462  -5.648  -15.812 1.00 28.50 ? 10  ASP A CA  1 
ATOM   77   C  C   . ASP A 1 10  ? -2.006  -6.028  -15.622 1.00 27.54 ? 10  ASP A C   1 
ATOM   78   O  O   . ASP A 1 10  ? -1.560  -6.181  -14.482 1.00 28.94 ? 10  ASP A O   1 
ATOM   79   C  CB  . ASP A 1 10  ? -3.672  -4.204  -15.378 1.00 28.31 ? 10  ASP A CB  1 
ATOM   80   C  CG  . ASP A 1 10  ? -3.203  -3.204  -16.423 1.00 28.16 ? 10  ASP A CG  1 
ATOM   81   O  OD1 . ASP A 1 10  ? -1.992  -3.208  -16.765 1.00 24.22 ? 10  ASP A OD1 1 
ATOM   82   O  OD2 . ASP A 1 10  ? -4.052  -2.405  -16.871 1.00 27.95 ? 10  ASP A OD2 1 
ATOM   83   N  N   . LYS A 1 11  ? -1.271  -6.249  -16.704 1.00 27.37 ? 11  LYS A N   1 
ATOM   84   C  CA  . LYS A 1 11  ? 0.164   -6.612  -16.543 1.00 28.42 ? 11  LYS A CA  1 
ATOM   85   C  C   . LYS A 1 11  ? 0.995   -5.520  -15.828 1.00 24.63 ? 11  LYS A C   1 
ATOM   86   O  O   . LYS A 1 11  ? 2.058   -5.780  -15.266 1.00 22.49 ? 11  LYS A O   1 
ATOM   87   C  CB  . LYS A 1 11  ? 0.801   -7.042  -17.880 1.00 31.07 ? 11  LYS A CB  1 
ATOM   88   C  CG  . LYS A 1 11  ? 0.679   -8.538  -18.048 1.00 36.21 ? 11  LYS A CG  1 
ATOM   89   C  CD  . LYS A 1 11  ? 1.253   -9.088  -19.359 1.00 42.52 ? 11  LYS A CD  1 
ATOM   90   C  CE  . LYS A 1 11  ? 0.204   -9.429  -20.408 1.00 46.20 ? 11  LYS A CE  1 
ATOM   91   N  NZ  . LYS A 1 11  ? 0.583   -10.680 -21.145 1.00 52.61 ? 11  LYS A NZ  1 
ATOM   92   N  N   . ARG A 1 12  ? 0.490   -4.294  -15.823 1.00 24.80 ? 12  ARG A N   1 
ATOM   93   C  CA  . ARG A 1 12  ? 1.276   -3.194  -15.249 1.00 23.93 ? 12  ARG A CA  1 
ATOM   94   C  C   . ARG A 1 12  ? 1.333   -3.271  -13.732 1.00 24.32 ? 12  ARG A C   1 
ATOM   95   O  O   . ARG A 1 12  ? 2.092   -2.528  -13.126 1.00 28.70 ? 12  ARG A O   1 
ATOM   96   C  CB  . ARG A 1 12  ? 0.826   -1.814  -15.777 1.00 21.79 ? 12  ARG A CB  1 
ATOM   97   C  CG  . ARG A 1 12  ? 0.941   -1.719  -17.298 1.00 22.38 ? 12  ARG A CG  1 
ATOM   98   C  CD  . ARG A 1 12  ? 0.204   -0.490  -17.820 1.00 24.48 ? 12  ARG A CD  1 
ATOM   99   N  NE  . ARG A 1 12  ? -1.269  -0.606  -17.796 1.00 21.91 ? 12  ARG A NE  1 
ATOM   100  C  CZ  . ARG A 1 12  ? -2.102  0.307   -18.295 1.00 22.63 ? 12  ARG A CZ  1 
ATOM   101  N  NH1 . ARG A 1 12  ? -1.620  1.455   -18.799 1.00 23.21 ? 12  ARG A NH1 1 
ATOM   102  N  NH2 . ARG A 1 12  ? -3.425  0.123   -18.237 1.00 20.84 ? 12  ARG A NH2 1 
ATOM   103  N  N   . LEU A 1 13  ? 0.520   -4.130  -13.105 1.00 22.14 ? 13  LEU A N   1 
ATOM   104  C  CA  . LEU A 1 13  ? 0.635   -4.342  -11.648 1.00 21.29 ? 13  LEU A CA  1 
ATOM   105  C  C   . LEU A 1 13  ? 1.681   -5.373  -11.260 1.00 22.39 ? 13  LEU A C   1 
ATOM   106  O  O   . LEU A 1 13  ? 1.989   -5.514  -10.073 1.00 25.25 ? 13  LEU A O   1 
ATOM   107  C  CB  . LEU A 1 13  ? -0.698  -4.793  -11.064 1.00 22.62 ? 13  LEU A CB  1 
ATOM   108  C  CG  . LEU A 1 13  ? -1.826  -3.782  -11.094 1.00 22.89 ? 13  LEU A CG  1 
ATOM   109  C  CD1 . LEU A 1 13  ? -3.121  -4.524  -10.869 1.00 22.78 ? 13  LEU A CD1 1 
ATOM   110  C  CD2 . LEU A 1 13  ? -1.582  -2.721  -10.047 1.00 22.58 ? 13  LEU A CD2 1 
ATOM   111  N  N   . LEU A 1 14  ? 2.233   -6.065  -12.258 1.00 23.24 ? 14  LEU A N   1 
ATOM   112  C  CA  . LEU A 1 14  ? 3.135   -7.222  -12.116 1.00 27.16 ? 14  LEU A CA  1 
ATOM   113  C  C   . LEU A 1 14  ? 4.641   -6.923  -12.338 1.00 29.66 ? 14  LEU A C   1 
ATOM   114  O  O   . LEU A 1 14  ? 5.489   -7.826  -12.213 1.00 32.71 ? 14  LEU A O   1 
ATOM   115  C  CB  . LEU A 1 14  ? 2.685   -8.355  -13.074 1.00 25.58 ? 14  LEU A CB  1 
ATOM   116  C  CG  . LEU A 1 14  ? 1.223   -8.879  -12.898 1.00 28.85 ? 14  LEU A CG  1 
ATOM   117  C  CD1 . LEU A 1 14  ? 0.907   -9.927  -13.949 1.00 25.25 ? 14  LEU A CD1 1 
ATOM   118  C  CD2 . LEU A 1 14  ? 0.903   -9.407  -11.482 1.00 24.08 ? 14  LEU A CD2 1 
ATOM   119  N  N   . ARG A 1 15  ? 4.941   -5.664  -12.665 1.00 31.45 ? 15  ARG A N   1 
ATOM   120  C  CA  . ARG A 1 15  ? 6.283   -5.157  -12.964 1.00 30.38 ? 15  ARG A CA  1 
ATOM   121  C  C   . ARG A 1 15  ? 7.063   -4.850  -11.718 1.00 28.33 ? 15  ARG A C   1 
ATOM   122  O  O   . ARG A 1 15  ? 6.451   -4.605  -10.718 1.00 28.70 ? 15  ARG A O   1 
ATOM   123  C  CB  . ARG A 1 15  ? 6.144   -3.815  -13.651 1.00 29.15 ? 15  ARG A CB  1 
ATOM   124  C  CG  . ARG A 1 15  ? 5.543   -3.888  -15.014 1.00 30.26 ? 15  ARG A CG  1 
ATOM   125  C  CD  . ARG A 1 15  ? 5.799   -2.591  -15.723 1.00 32.34 ? 15  ARG A CD  1 
ATOM   126  N  NE  . ARG A 1 15  ? 4.865   -1.520  -15.362 1.00 32.05 ? 15  ARG A NE  1 
ATOM   127  C  CZ  . ARG A 1 15  ? 4.413   -0.663  -16.272 1.00 31.33 ? 15  ARG A CZ  1 
ATOM   128  N  NH1 . ARG A 1 15  ? 4.788   -0.840  -17.549 1.00 28.41 ? 15  ARG A NH1 1 
ATOM   129  N  NH2 . ARG A 1 15  ? 3.587   0.324   -15.934 1.00 26.61 ? 15  ARG A NH2 1 
ATOM   130  N  N   . VAL A 1 16  ? 8.407   -4.854  -11.806 1.00 29.99 ? 16  VAL A N   1 
ATOM   131  C  CA  . VAL A 1 16  ? 9.305   -4.329  -10.796 1.00 27.59 ? 16  VAL A CA  1 
ATOM   132  C  C   . VAL A 1 16  ? 9.581   -2.849  -11.180 1.00 31.33 ? 16  VAL A C   1 
ATOM   133  O  O   . VAL A 1 16  ? 10.232  -2.582  -12.204 1.00 33.41 ? 16  VAL A O   1 
ATOM   134  C  CB  . VAL A 1 16  ? 10.625  -5.144  -10.762 1.00 29.38 ? 16  VAL A CB  1 
ATOM   135  C  CG1 . VAL A 1 16  ? 11.550  -4.660  -9.635  1.00 23.57 ? 16  VAL A CG1 1 
ATOM   136  C  CG2 . VAL A 1 16  ? 10.332  -6.621  -10.549 1.00 26.73 ? 16  VAL A CG2 1 
ATOM   137  N  N   . ALA A 1 17  ? 9.054   -1.897  -10.387 1.00 26.67 ? 17  ALA A N   1 
ATOM   138  C  CA  . ALA A 1 17  ? 9.171   -0.446  -10.644 1.00 23.16 ? 17  ALA A CA  1 
ATOM   139  C  C   . ALA A 1 17  ? 10.584  0.129   -10.369 1.00 24.13 ? 17  ALA A C   1 
ATOM   140  O  O   . ALA A 1 17  ? 11.202  -0.180  -9.312  1.00 22.00 ? 17  ALA A O   1 
ATOM   141  C  CB  . ALA A 1 17  ? 8.163   0.309   -9.816  1.00 19.67 ? 17  ALA A CB  1 
ATOM   142  N  N   . PRO A 1 18  ? 11.074  1.009   -11.277 1.00 24.42 ? 18  PRO A N   1 
ATOM   143  C  CA  . PRO A 1 18  ? 12.357  1.700   -11.029 1.00 24.62 ? 18  PRO A CA  1 
ATOM   144  C  C   . PRO A 1 18  ? 12.171  2.833   -10.027 1.00 24.95 ? 18  PRO A C   1 
ATOM   145  O  O   . PRO A 1 18  ? 11.027  3.190   -9.602  1.00 25.47 ? 18  PRO A O   1 
ATOM   146  C  CB  . PRO A 1 18  ? 12.747  2.220   -12.409 1.00 23.36 ? 18  PRO A CB  1 
ATOM   147  C  CG  . PRO A 1 18  ? 11.424  2.532   -13.037 1.00 23.93 ? 18  PRO A CG  1 
ATOM   148  C  CD  . PRO A 1 18  ? 10.486  1.429   -12.565 1.00 26.09 ? 18  PRO A CD  1 
ATOM   149  N  N   . GLN A 1 19  ? 13.297  3.342   -9.582  1.00 25.33 ? 19  GLN A N   1 
ATOM   150  C  CA  . GLN A 1 19  ? 13.331  4.349   -8.550  1.00 25.64 ? 19  GLN A CA  1 
ATOM   151  C  C   . GLN A 1 19  ? 12.845  5.687   -9.018  1.00 23.20 ? 19  GLN A C   1 
ATOM   152  O  O   . GLN A 1 19  ? 12.876  5.988   -10.214 1.00 20.66 ? 19  GLN A O   1 
ATOM   153  C  CB  . GLN A 1 19  ? 14.741  4.521   -8.098  1.00 30.56 ? 19  GLN A CB  1 
ATOM   154  C  CG  . GLN A 1 19  ? 15.138  3.498   -7.081  1.00 43.04 ? 19  GLN A CG  1 
ATOM   155  C  CD  . GLN A 1 19  ? 16.522  3.816   -6.563  1.00 50.61 ? 19  GLN A CD  1 
ATOM   156  O  OE1 . GLN A 1 19  ? 17.360  4.280   -7.343  1.00 50.01 ? 19  GLN A OE1 1 
ATOM   157  N  NE2 . GLN A 1 19  ? 16.764  3.603   -5.250  1.00 45.25 ? 19  GLN A NE2 1 
ATOM   158  N  N   . VAL A 1 20  ? 12.398  6.499   -8.070  1.00 20.99 ? 20  VAL A N   1 
ATOM   159  C  CA  . VAL A 1 20  ? 12.111  7.871   -8.376  1.00 22.12 ? 20  VAL A CA  1 
ATOM   160  C  C   . VAL A 1 20  ? 13.485  8.609   -8.384  1.00 23.52 ? 20  VAL A C   1 
ATOM   161  O  O   . VAL A 1 20  ? 14.312  8.451   -7.471  1.00 20.69 ? 20  VAL A O   1 
ATOM   162  C  CB  . VAL A 1 20  ? 11.229  8.492   -7.284  1.00 23.89 ? 20  VAL A CB  1 
ATOM   163  C  CG1 . VAL A 1 20  ? 11.106  10.002  -7.495  1.00 23.69 ? 20  VAL A CG1 1 
ATOM   164  C  CG2 . VAL A 1 20  ? 9.872   7.793   -7.192  1.00 24.33 ? 20  VAL A CG2 1 
ATOM   165  N  N   . THR A 1 21  ? 13.700  9.433   -9.399  1.00 24.19 ? 21  THR A N   1 
ATOM   166  C  CA  . THR A 1 21  ? 14.915  10.226  -9.502  1.00 23.79 ? 21  THR A CA  1 
ATOM   167  C  C   . THR A 1 21  ? 14.572  11.709  -9.672  1.00 22.88 ? 21  THR A C   1 
ATOM   168  O  O   . THR A 1 21  ? 15.459  12.493  -9.994  1.00 24.96 ? 21  THR A O   1 
ATOM   169  C  CB  . THR A 1 21  ? 15.778  9.753   -10.704 1.00 23.68 ? 21  THR A CB  1 
ATOM   170  O  OG1 . THR A 1 21  ? 14.978  9.786   -11.886 1.00 24.31 ? 21  THR A OG1 1 
ATOM   171  C  CG2 . THR A 1 21  ? 16.231  8.288   -10.518 1.00 24.29 ? 21  THR A CG2 1 
ATOM   172  N  N   . ASN A 1 22  ? 13.301  12.097  -9.492  1.00 21.87 ? 22  ASN A N   1 
ATOM   173  C  CA  . ASN A 1 22  ? 12.925  13.533  -9.516  1.00 20.20 ? 22  ASN A CA  1 
ATOM   174  C  C   . ASN A 1 22  ? 12.394  14.115  -8.214  1.00 19.44 ? 22  ASN A C   1 
ATOM   175  O  O   . ASN A 1 22  ? 11.531  15.013  -8.205  1.00 22.08 ? 22  ASN A O   1 
ATOM   176  C  CB  . ASN A 1 22  ? 12.064  13.933  -10.712 1.00 19.41 ? 22  ASN A CB  1 
ATOM   177  C  CG  . ASN A 1 22  ? 10.690  13.189  -10.785 1.00 24.41 ? 22  ASN A CG  1 
ATOM   178  O  OD1 . ASN A 1 22  ? 9.883   13.493  -11.679 1.00 26.20 ? 22  ASN A OD1 1 
ATOM   179  N  ND2 . ASN A 1 22  ? 10.433  12.237  -9.900  1.00 19.75 ? 22  ASN A ND2 1 
ATOM   180  N  N   . LEU A 1 23  ? 12.936  13.638  -7.118  1.00 17.05 ? 23  LEU A N   1 
ATOM   181  C  CA  . LEU A 1 23  ? 12.682  14.241  -5.814  1.00 17.60 ? 23  LEU A CA  1 
ATOM   182  C  C   . LEU A 1 23  ? 12.808  15.756  -5.847  1.00 19.48 ? 23  LEU A C   1 
ATOM   183  O  O   . LEU A 1 23  ? 13.678  16.315  -6.510  1.00 20.98 ? 23  LEU A O   1 
ATOM   184  C  CB  . LEU A 1 23  ? 13.621  13.619  -4.767  1.00 17.34 ? 23  LEU A CB  1 
ATOM   185  C  CG  . LEU A 1 23  ? 13.446  12.080  -4.561  1.00 17.50 ? 23  LEU A CG  1 
ATOM   186  C  CD1 . LEU A 1 23  ? 14.598  11.599  -3.659  1.00 16.80 ? 23  LEU A CD1 1 
ATOM   187  C  CD2 . LEU A 1 23  ? 12.048  11.750  -4.006  1.00 14.24 ? 23  LEU A CD2 1 
ATOM   188  N  N   . GLY A 1 24  ? 11.891  16.430  -5.160  1.00 22.24 ? 24  GLY A N   1 
ATOM   189  C  CA  . GLY A 1 24  ? 11.790  17.890  -5.134  1.00 18.88 ? 24  GLY A CA  1 
ATOM   190  C  C   . GLY A 1 24  ? 11.291  18.555  -6.405  1.00 19.91 ? 24  GLY A C   1 
ATOM   191  O  O   . GLY A 1 24  ? 11.282  19.768  -6.464  1.00 20.42 ? 24  GLY A O   1 
ATOM   192  N  N   . SER A 1 25  ? 10.908  17.805  -7.440  1.00 19.64 ? 25  SER A N   1 
ATOM   193  C  CA  . SER A 1 25  ? 10.421  18.460  -8.620  1.00 21.12 ? 25  SER A CA  1 
ATOM   194  C  C   . SER A 1 25  ? 8.916   18.728  -8.621  1.00 24.08 ? 25  SER A C   1 
ATOM   195  O  O   . SER A 1 25  ? 8.160   18.135  -7.833  1.00 24.05 ? 25  SER A O   1 
ATOM   196  C  CB  . SER A 1 25  ? 10.755  17.605  -9.833  1.00 23.23 ? 25  SER A CB  1 
ATOM   197  O  OG  . SER A 1 25  ? 9.939   16.447  -9.894  1.00 20.87 ? 25  SER A OG  1 
ATOM   198  N  N   . ALA A 1 26  ? 8.474   19.562  -9.567  1.00 22.03 ? 26  ALA A N   1 
ATOM   199  C  CA  . ALA A 1 26  ? 7.088   19.902  -9.704  1.00 24.15 ? 26  ALA A CA  1 
ATOM   200  C  C   . ALA A 1 26  ? 6.270   18.737  -10.346 1.00 25.54 ? 26  ALA A C   1 
ATOM   201  O  O   . ALA A 1 26  ? 5.072   18.591  -10.095 1.00 28.00 ? 26  ALA A O   1 
ATOM   202  C  CB  . ALA A 1 26  ? 6.944   21.202  -10.534 1.00 23.14 ? 26  ALA A CB  1 
ATOM   203  N  N   . GLU A 1 27  ? 6.900   17.960  -11.205 1.00 26.56 ? 27  GLU A N   1 
ATOM   204  C  CA  . GLU A 1 27  ? 6.312   16.828  -11.883 1.00 27.56 ? 27  GLU A CA  1 
ATOM   205  C  C   . GLU A 1 27  ? 5.983   15.785  -10.773 1.00 28.27 ? 27  GLU A C   1 
ATOM   206  O  O   . GLU A 1 27  ? 4.882   15.238  -10.688 1.00 27.99 ? 27  GLU A O   1 
ATOM   207  C  CB  . GLU A 1 27  ? 7.391   16.313  -12.833 1.00 36.95 ? 27  GLU A CB  1 
ATOM   208  C  CG  . GLU A 1 27  ? 7.031   15.841  -14.247 1.00 52.67 ? 27  GLU A CG  1 
ATOM   209  C  CD  . GLU A 1 27  ? 8.105   14.863  -14.857 1.00 69.05 ? 27  GLU A CD  1 
ATOM   210  O  OE1 . GLU A 1 27  ? 9.364   15.012  -14.618 1.00 67.52 ? 27  GLU A OE1 1 
ATOM   211  O  OE2 . GLU A 1 27  ? 7.698   13.904  -15.579 1.00 62.85 ? 27  GLU A OE2 1 
ATOM   212  N  N   . LEU A 1 28  ? 6.919   15.537  -9.872  1.00 24.06 ? 28  LEU A N   1 
ATOM   213  C  CA  . LEU A 1 28  ? 6.642   14.626  -8.790  1.00 23.03 ? 28  LEU A CA  1 
ATOM   214  C  C   . LEU A 1 28  ? 5.558   15.169  -7.825  1.00 25.51 ? 28  LEU A C   1 
ATOM   215  O  O   . LEU A 1 28  ? 4.715   14.373  -7.406  1.00 26.83 ? 28  LEU A O   1 
ATOM   216  C  CB  . LEU A 1 28  ? 7.916   14.304  -8.013  1.00 19.17 ? 28  LEU A CB  1 
ATOM   217  C  CG  . LEU A 1 28  ? 7.794   13.361  -6.816  1.00 18.65 ? 28  LEU A CG  1 
ATOM   218  C  CD1 . LEU A 1 28  ? 7.395   11.953  -7.309  1.00 17.83 ? 28  LEU A CD1 1 
ATOM   219  C  CD2 . LEU A 1 28  ? 9.093   13.282  -6.013  1.00 16.74 ? 28  LEU A CD2 1 
ATOM   220  N  N   . HIS A 1 29  ? 5.602   16.460  -7.436  1.00 25.17 ? 29  HIS A N   1 
ATOM   221  C  CA  . HIS A 1 29  ? 4.601   16.996  -6.478  1.00 27.65 ? 29  HIS A CA  1 
ATOM   222  C  C   . HIS A 1 29  ? 3.187   16.821  -7.070  1.00 25.69 ? 29  HIS A C   1 
ATOM   223  O  O   . HIS A 1 29  ? 2.276   16.496  -6.362  1.00 21.37 ? 29  HIS A O   1 
ATOM   224  C  CB  . HIS A 1 29  ? 4.885   18.426  -5.952  1.00 32.60 ? 29  HIS A CB  1 
ATOM   225  C  CG  . HIS A 1 29  ? 6.112   18.513  -5.031  1.00 54.48 ? 29  HIS A CG  1 
ATOM   226  N  ND1 . HIS A 1 29  ? 6.034   18.733  -3.663  1.00 57.22 ? 29  HIS A ND1 1 
ATOM   227  C  CD2 . HIS A 1 29  ? 7.449   18.400  -5.296  1.00 57.38 ? 29  HIS A CD2 1 
ATOM   228  C  CE1 . HIS A 1 29  ? 7.251   18.782  -3.142  1.00 50.05 ? 29  HIS A CE1 1 
ATOM   229  N  NE2 . HIS A 1 29  ? 8.128   18.587  -4.111  1.00 51.46 ? 29  HIS A NE2 1 
ATOM   230  N  N   . ALA A 1 30  ? 3.047   16.987  -8.372  1.00 21.02 ? 30  ALA A N   1 
ATOM   231  C  CA  . ALA A 1 30  ? 1.777   16.930  -9.000  1.00 22.92 ? 30  ALA A CA  1 
ATOM   232  C  C   . ALA A 1 30  ? 1.256   15.503  -9.065  1.00 26.07 ? 30  ALA A C   1 
ATOM   233  O  O   . ALA A 1 30  ? 0.059   15.277  -8.886  1.00 24.93 ? 30  ALA A O   1 
ATOM   234  C  CB  . ALA A 1 30  ? 1.834   17.490  -10.404 1.00 20.95 ? 30  ALA A CB  1 
ATOM   235  N  N   . LEU A 1 31  ? 2.151   14.562  -9.383  1.00 25.80 ? 31  LEU A N   1 
ATOM   236  C  CA  . LEU A 1 31  ? 1.858   13.149  -9.353  1.00 24.34 ? 31  LEU A CA  1 
ATOM   237  C  C   . LEU A 1 31  ? 1.450   12.677  -7.915  1.00 23.33 ? 31  LEU A C   1 
ATOM   238  O  O   . LEU A 1 31  ? 0.472   11.936  -7.759  1.00 23.46 ? 31  LEU A O   1 
ATOM   239  C  CB  . LEU A 1 31  ? 3.069   12.366  -9.851  1.00 24.26 ? 31  LEU A CB  1 
ATOM   240  C  CG  . LEU A 1 31  ? 3.015   10.884  -9.457  1.00 25.07 ? 31  LEU A CG  1 
ATOM   241  C  CD1 . LEU A 1 31  ? 1.875   10.184  -10.200 1.00 22.39 ? 31  LEU A CD1 1 
ATOM   242  C  CD2 . LEU A 1 31  ? 4.342   10.204  -9.783  1.00 24.94 ? 31  LEU A CD2 1 
ATOM   243  N  N   . VAL A 1 32  ? 2.178   13.116  -6.899  1.00 20.40 ? 32  VAL A N   1 
ATOM   244  C  CA  . VAL A 1 32  ? 1.858   12.768  -5.516  1.00 20.63 ? 32  VAL A CA  1 
ATOM   245  C  C   . VAL A 1 32  ? 0.437   13.251  -5.156  1.00 23.17 ? 32  VAL A C   1 
ATOM   246  O  O   . VAL A 1 32  ? -0.400  12.508  -4.564  1.00 20.99 ? 32  VAL A O   1 
ATOM   247  C  CB  . VAL A 1 32  ? 2.924   13.322  -4.553  1.00 19.93 ? 32  VAL A CB  1 
ATOM   248  C  CG1 . VAL A 1 32  ? 2.447   13.363  -3.080  1.00 17.46 ? 32  VAL A CG1 1 
ATOM   249  C  CG2 . VAL A 1 32  ? 4.187   12.473  -4.703  1.00 17.58 ? 32  VAL A CG2 1 
ATOM   250  N  N   . SER A 1 33  ? 0.176   14.475  -5.583  1.00 22.81 ? 33  SER A N   1 
ATOM   251  C  CA  . SER A 1 33  ? -1.078  15.158  -5.406  1.00 23.31 ? 33  SER A CA  1 
ATOM   252  C  C   . SER A 1 33  ? -2.270  14.429  -6.035  1.00 23.88 ? 33  SER A C   1 
ATOM   253  O  O   . SER A 1 33  ? -3.308  14.305  -5.407  1.00 23.06 ? 33  SER A O   1 
ATOM   254  C  CB  . SER A 1 33  ? -0.958  16.515  -6.047  1.00 25.84 ? 33  SER A CB  1 
ATOM   255  O  OG  . SER A 1 33  ? -1.866  17.386  -5.408  1.00 33.55 ? 33  SER A OG  1 
ATOM   256  N  N   . ASP A 1 34  ? -2.105  14.003  -7.289  1.00 24.35 ? 34  ASP A N   1 
ATOM   257  C  CA  . ASP A 1 34  ? -2.988  13.089  -7.976  1.00 24.02 ? 34  ASP A CA  1 
ATOM   258  C  C   . ASP A 1 34  ? -3.186  11.775  -7.170  1.00 24.72 ? 34  ASP A C   1 
ATOM   259  O  O   . ASP A 1 34  ? -4.303  11.242  -7.115  1.00 26.27 ? 34  ASP A O   1 
ATOM   260  C  CB  . ASP A 1 34  ? -2.428  12.772  -9.371  1.00 25.48 ? 34  ASP A CB  1 
ATOM   261  C  CG  . ASP A 1 34  ? -2.621  13.945  -10.406 1.00 28.62 ? 34  ASP A CG  1 
ATOM   262  O  OD1 . ASP A 1 34  ? -3.172  15.035  -10.079 1.00 28.23 ? 34  ASP A OD1 1 
ATOM   263  O  OD2 . ASP A 1 34  ? -2.223  13.749  -11.571 1.00 29.64 ? 34  ASP A OD2 1 
ATOM   264  N  N   . MET A 1 35  ? -2.131  11.259  -6.543  1.00 21.83 ? 35  MET A N   1 
ATOM   265  C  CA  . MET A 1 35  ? -2.252  10.008  -5.771  1.00 20.56 ? 35  MET A CA  1 
ATOM   266  C  C   . MET A 1 35  ? -3.077  10.175  -4.491  1.00 21.02 ? 35  MET A C   1 
ATOM   267  O  O   . MET A 1 35  ? -4.010  9.390   -4.229  1.00 22.16 ? 35  MET A O   1 
ATOM   268  C  CB  . MET A 1 35  ? -0.892  9.436   -5.468  1.00 18.34 ? 35  MET A CB  1 
ATOM   269  C  CG  . MET A 1 35  ? -0.212  9.008   -6.743  1.00 18.89 ? 35  MET A CG  1 
ATOM   270  S  SD  . MET A 1 35  ? 1.399   8.251   -6.501  1.00 18.90 ? 35  MET A SD  1 
ATOM   271  C  CE  . MET A 1 35  ? 1.042   6.841   -5.403  1.00 16.88 ? 35  MET A CE  1 
ATOM   272  N  N   . PHE A 1 36  ? -2.803  11.215  -3.725  1.00 20.40 ? 36  PHE A N   1 
ATOM   273  C  CA  . PHE A 1 36  ? -3.605  11.454  -2.542  1.00 22.60 ? 36  PHE A CA  1 
ATOM   274  C  C   . PHE A 1 36  ? -5.101  11.625  -2.886  1.00 24.82 ? 36  PHE A C   1 
ATOM   275  O  O   . PHE A 1 36  ? -6.009  11.151  -2.210  1.00 22.53 ? 36  PHE A O   1 
ATOM   276  C  CB  . PHE A 1 36  ? -3.099  12.724  -1.890  1.00 21.28 ? 36  PHE A CB  1 
ATOM   277  C  CG  . PHE A 1 36  ? -1.956  12.485  -0.950  1.00 19.88 ? 36  PHE A CG  1 
ATOM   278  C  CD1 . PHE A 1 36  ? -2.093  11.562  0.069   1.00 17.60 ? 36  PHE A CD1 1 
ATOM   279  C  CD2 . PHE A 1 36  ? -0.736  13.173  -1.108  1.00 16.33 ? 36  PHE A CD2 1 
ATOM   280  C  CE1 . PHE A 1 36  ? -1.028  11.328  0.953   1.00 18.48 ? 36  PHE A CE1 1 
ATOM   281  C  CE2 . PHE A 1 36  ? 0.305   12.970  -0.234  1.00 16.19 ? 36  PHE A CE2 1 
ATOM   282  C  CZ  . PHE A 1 36  ? 0.170   12.049  0.809   1.00 18.92 ? 36  PHE A CZ  1 
ATOM   283  N  N   . GLU A 1 37  ? -5.326  12.311  -3.988  1.00 25.67 ? 37  GLU A N   1 
ATOM   284  C  CA  . GLU A 1 37  ? -6.631  12.646  -4.365  1.00 26.32 ? 37  GLU A CA  1 
ATOM   285  C  C   . GLU A 1 37  ? -7.370  11.437  -4.944  1.00 25.66 ? 37  GLU A C   1 
ATOM   286  O  O   . GLU A 1 37  ? -8.578  11.263  -4.681  1.00 25.93 ? 37  GLU A O   1 
ATOM   287  C  CB  . GLU A 1 37  ? -6.519  13.816  -5.312  1.00 28.11 ? 37  GLU A CB  1 
ATOM   288  C  CG  . GLU A 1 37  ? -7.636  13.910  -6.267  1.00 32.05 ? 37  GLU A CG  1 
ATOM   289  C  CD  . GLU A 1 37  ? -7.754  15.272  -6.922  1.00 39.20 ? 37  GLU A CD  1 
ATOM   290  O  OE1 . GLU A 1 37  ? -6.720  15.872  -7.392  1.00 33.89 ? 37  GLU A OE1 1 
ATOM   291  O  OE2 . GLU A 1 37  ? -8.944  15.706  -6.967  1.00 39.45 ? 37  GLU A OE2 1 
ATOM   292  N  N   . THR A 1 38  ? -6.649  10.589  -5.693  1.00 23.37 ? 38  THR A N   1 
ATOM   293  C  CA  . THR A 1 38  ? -7.185  9.337   -6.196  1.00 20.98 ? 38  THR A CA  1 
ATOM   294  C  C   . THR A 1 38  ? -7.484  8.402   -5.018  1.00 24.35 ? 38  THR A C   1 
ATOM   295  O  O   . THR A 1 38  ? -8.554  7.757   -4.955  1.00 22.17 ? 38  THR A O   1 
ATOM   296  C  CB  . THR A 1 38  ? -6.180  8.683   -7.154  1.00 21.77 ? 38  THR A CB  1 
ATOM   297  O  OG1 . THR A 1 38  ? -5.918  9.612   -8.223  1.00 20.36 ? 38  THR A OG1 1 
ATOM   298  C  CG2 . THR A 1 38  ? -6.737  7.330   -7.720  1.00 17.92 ? 38  THR A CG2 1 
ATOM   299  N  N   . MET A 1 39  ? -6.526  8.335   -4.087  1.00 25.09 ? 39  MET A N   1 
ATOM   300  C  CA  . MET A 1 39  ? -6.641  7.474   -2.928  1.00 23.12 ? 39  MET A CA  1 
ATOM   301  C  C   . MET A 1 39  ? -7.892  7.904   -2.196  1.00 24.73 ? 39  MET A C   1 
ATOM   302  O  O   . MET A 1 39  ? -8.705  7.029   -1.764  1.00 23.22 ? 39  MET A O   1 
ATOM   303  C  CB  . MET A 1 39  ? -5.444  7.600   -1.982  1.00 22.10 ? 39  MET A CB  1 
ATOM   304  C  CG  . MET A 1 39  ? -5.513  6.587   -0.830  1.00 22.79 ? 39  MET A CG  1 
ATOM   305  S  SD  . MET A 1 39  ? -4.068  6.569   0.241   1.00 23.81 ? 39  MET A SD  1 
ATOM   306  C  CE  . MET A 1 39  ? -4.401  7.775   1.520   1.00 17.21 ? 39  MET A CE  1 
ATOM   307  N  N   . GLY A 1 40  ? -8.039  9.232   -2.048  1.00 22.25 ? 40  GLY A N   1 
ATOM   308  C  CA  . GLY A 1 40  ? -9.085  9.830   -1.193  1.00 20.98 ? 40  GLY A CA  1 
ATOM   309  C  C   . GLY A 1 40  ? -10.473 9.571   -1.760  1.00 23.40 ? 40  GLY A C   1 
ATOM   310  O  O   . GLY A 1 40  ? -11.391 9.252   -0.997  1.00 22.89 ? 40  GLY A O   1 
ATOM   311  N  N   . ALA A 1 41  ? -10.617 9.708   -3.088  1.00 22.62 ? 41  ALA A N   1 
ATOM   312  C  CA  . ALA A 1 41  ? -11.916 9.531   -3.771  1.00 25.18 ? 41  ALA A CA  1 
ATOM   313  C  C   . ALA A 1 41  ? -12.406 8.068   -3.710  1.00 27.34 ? 41  ALA A C   1 
ATOM   314  O  O   . ALA A 1 41  ? -13.629 7.802   -3.653  1.00 28.76 ? 41  ALA A O   1 
ATOM   315  C  CB  . ALA A 1 41  ? -11.845 9.986   -5.224  1.00 20.79 ? 41  ALA A CB  1 
ATOM   316  N  N   . ALA A 1 42  ? -11.454 7.134   -3.694  1.00 25.67 ? 42  ALA A N   1 
ATOM   317  C  CA  . ALA A 1 42  ? -11.775 5.698   -3.657  1.00 26.42 ? 42  ALA A CA  1 
ATOM   318  C  C   . ALA A 1 42  ? -11.834 5.210   -2.200  1.00 24.64 ? 42  ALA A C   1 
ATOM   319  O  O   . ALA A 1 42  ? -12.071 4.063   -1.944  1.00 27.00 ? 42  ALA A O   1 
ATOM   320  C  CB  . ALA A 1 42  ? -10.759 4.891   -4.479  1.00 22.97 ? 42  ALA A CB  1 
ATOM   321  N  N   . HIS A 1 43  ? -11.631 6.111   -1.255  1.00 25.15 ? 43  HIS A N   1 
ATOM   322  C  CA  . HIS A 1 43  ? -11.566 5.753   0.156   1.00 27.33 ? 43  HIS A CA  1 
ATOM   323  C  C   . HIS A 1 43  ? -10.446 4.786   0.531   1.00 28.86 ? 43  HIS A C   1 
ATOM   324  O  O   . HIS A 1 43  ? -10.632 3.903   1.388   1.00 31.28 ? 43  HIS A O   1 
ATOM   325  C  CB  . HIS A 1 43  ? -12.928 5.269   0.669   1.00 28.39 ? 43  HIS A CB  1 
ATOM   326  C  CG  . HIS A 1 43  ? -13.965 6.344   0.618   1.00 31.00 ? 43  HIS A CG  1 
ATOM   327  N  ND1 . HIS A 1 43  ? -14.345 7.047   1.738   1.00 36.16 ? 43  HIS A ND1 1 
ATOM   328  C  CD2 . HIS A 1 43  ? -14.590 6.935   -0.426  1.00 28.22 ? 43  HIS A CD2 1 
ATOM   329  C  CE1 . HIS A 1 43  ? -15.220 7.977   1.390   1.00 35.82 ? 43  HIS A CE1 1 
ATOM   330  N  NE2 . HIS A 1 43  ? -15.390 7.926   0.085   1.00 28.35 ? 43  HIS A NE2 1 
ATOM   331  N  N   . GLY A 1 44  ? -9.277  4.961   -0.067  1.00 26.57 ? 44  GLY A N   1 
ATOM   332  C  CA  . GLY A 1 44  ? -8.161  4.040   0.211   1.00 26.72 ? 44  GLY A CA  1 
ATOM   333  C  C   . GLY A 1 44  ? -7.497  4.329   1.537   1.00 23.17 ? 44  GLY A C   1 
ATOM   334  O  O   . GLY A 1 44  ? -7.752  5.364   2.112   1.00 24.87 ? 44  GLY A O   1 
ATOM   335  N  N   . VAL A 1 45  ? -6.683  3.409   2.042   1.00 23.16 ? 45  VAL A N   1 
ATOM   336  C  CA  . VAL A 1 45  ? -5.776  3.719   3.140   1.00 22.13 ? 45  VAL A CA  1 
ATOM   337  C  C   . VAL A 1 45  ? -4.330  3.772   2.615   1.00 21.32 ? 45  VAL A C   1 
ATOM   338  O  O   . VAL A 1 45  ? -3.467  4.301   3.278   1.00 25.13 ? 45  VAL A O   1 
ATOM   339  C  CB  . VAL A 1 45  ? -5.914  2.719   4.352   1.00 25.26 ? 45  VAL A CB  1 
ATOM   340  C  CG1 . VAL A 1 45  ? -7.361  2.687   4.886   1.00 25.20 ? 45  VAL A CG1 1 
ATOM   341  C  CG2 . VAL A 1 45  ? -5.438  1.307   3.996   1.00 23.12 ? 45  VAL A CG2 1 
ATOM   342  N  N   . GLY A 1 46  ? -4.069  3.234   1.426   1.00 20.73 ? 46  GLY A N   1 
ATOM   343  C  CA  . GLY A 1 46  ? -2.740  3.324   0.795   1.00 21.56 ? 46  GLY A CA  1 
ATOM   344  C  C   . GLY A 1 46  ? -2.971  3.223   -0.692  1.00 22.58 ? 46  GLY A C   1 
ATOM   345  O  O   . GLY A 1 46  ? -3.979  2.664   -1.117  1.00 22.31 ? 46  GLY A O   1 
ATOM   346  N  N   . LEU A 1 47  ? -2.064  3.765   -1.500  1.00 24.39 ? 47  LEU A N   1 
ATOM   347  C  CA  . LEU A 1 47  ? -2.141  3.606   -2.978  1.00 24.54 ? 47  LEU A CA  1 
ATOM   348  C  C   . LEU A 1 47  ? -0.716  3.666   -3.522  1.00 24.60 ? 47  LEU A C   1 
ATOM   349  O  O   . LEU A 1 47  ? 0.020   4.591   -3.174  1.00 24.24 ? 47  LEU A O   1 
ATOM   350  C  CB  . LEU A 1 47  ? -2.958  4.749   -3.601  1.00 22.45 ? 47  LEU A CB  1 
ATOM   351  C  CG  . LEU A 1 47  ? -3.087  4.751   -5.118  1.00 21.91 ? 47  LEU A CG  1 
ATOM   352  C  CD1 . LEU A 1 47  ? -4.110  3.705   -5.633  1.00 20.65 ? 47  LEU A CD1 1 
ATOM   353  C  CD2 . LEU A 1 47  ? -3.489  6.175   -5.436  1.00 22.14 ? 47  LEU A CD2 1 
ATOM   354  N  N   . ALA A 1 48  ? -0.332  2.665   -4.319  1.00 22.96 ? 48  ALA A N   1 
ATOM   355  C  CA  . ALA A 1 48  ? 0.991   2.578   -4.903  1.00 20.46 ? 48  ALA A CA  1 
ATOM   356  C  C   . ALA A 1 48  ? 0.947   3.069   -6.333  1.00 21.39 ? 48  ALA A C   1 
ATOM   357  O  O   . ALA A 1 48  ? -0.057  2.847   -7.050  1.00 22.85 ? 48  ALA A O   1 
ATOM   358  C  CB  . ALA A 1 48  ? 1.477   1.142   -4.871  1.00 19.45 ? 48  ALA A CB  1 
ATOM   359  N  N   . ALA A 1 49  ? 2.035   3.693   -6.794  1.00 22.39 ? 49  ALA A N   1 
ATOM   360  C  CA  . ALA A 1 49  ? 2.046   4.325   -8.153  1.00 21.43 ? 49  ALA A CA  1 
ATOM   361  C  C   . ALA A 1 49  ? 1.669   3.374   -9.268  1.00 21.00 ? 49  ALA A C   1 
ATOM   362  O  O   . ALA A 1 49  ? 0.955   3.783   -10.191 1.00 19.45 ? 49  ALA A O   1 
ATOM   363  C  CB  . ALA A 1 49  ? 3.370   5.050   -8.459  1.00 18.66 ? 49  ALA A CB  1 
ATOM   364  N  N   . PRO A 1 50  ? 2.123   2.098   -9.199  1.00 20.74 ? 50  PRO A N   1 
ATOM   365  C  CA  . PRO A 1 50  ? 1.678   1.154   -10.273 1.00 20.84 ? 50  PRO A CA  1 
ATOM   366  C  C   . PRO A 1 50  ? 0.152   0.911   -10.352 1.00 22.15 ? 50  PRO A C   1 
ATOM   367  O  O   . PRO A 1 50  ? -0.363  0.505   -11.421 1.00 22.36 ? 50  PRO A O   1 
ATOM   368  C  CB  . PRO A 1 50  ? 2.461   -0.139  -9.998  1.00 19.51 ? 50  PRO A CB  1 
ATOM   369  C  CG  . PRO A 1 50  ? 3.533   0.241   -9.058  1.00 19.87 ? 50  PRO A CG  1 
ATOM   370  C  CD  . PRO A 1 50  ? 3.125   1.488   -8.308  1.00 20.85 ? 50  PRO A CD  1 
ATOM   371  N  N   . GLN A 1 51  ? -0.601  1.251   -9.301  1.00 21.61 ? 51  GLN A N   1 
ATOM   372  C  CA  . GLN A 1 51  ? -2.057  1.050   -9.398  1.00 20.15 ? 51  GLN A CA  1 
ATOM   373  C  C   . GLN A 1 51  ? -2.754  2.112   -10.220 1.00 22.13 ? 51  GLN A C   1 
ATOM   374  O  O   . GLN A 1 51  ? -3.966  1.928   -10.575 1.00 23.83 ? 51  GLN A O   1 
ATOM   375  C  CB  . GLN A 1 51  ? -2.705  0.969   -8.031  1.00 18.67 ? 51  GLN A CB  1 
ATOM   376  C  CG  . GLN A 1 51  ? -2.178  -0.144  -7.134  1.00 15.99 ? 51  GLN A CG  1 
ATOM   377  C  CD  . GLN A 1 51  ? -2.878  -0.013  -5.797  1.00 17.71 ? 51  GLN A CD  1 
ATOM   378  O  OE1 . GLN A 1 51  ? -2.344  0.613   -4.888  1.00 20.55 ? 51  GLN A OE1 1 
ATOM   379  N  NE2 . GLN A 1 51  ? -4.141  -0.476  -5.713  1.00 16.73 ? 51  GLN A NE2 1 
ATOM   380  N  N   . ILE A 1 52  ? -2.053  3.228   -10.496 1.00 19.04 ? 52  ILE A N   1 
ATOM   381  C  CA  . ILE A 1 52  ? -2.539  4.204   -11.456 1.00 19.51 ? 52  ILE A CA  1 
ATOM   382  C  C   . ILE A 1 52  ? -1.656  4.125   -12.679 1.00 22.28 ? 52  ILE A C   1 
ATOM   383  O  O   . ILE A 1 52  ? -1.511  5.093   -13.400 1.00 26.77 ? 52  ILE A O   1 
ATOM   384  C  CB  . ILE A 1 52  ? -2.633  5.648   -10.896 1.00 20.64 ? 52  ILE A CB  1 
ATOM   385  C  CG1 . ILE A 1 52  ? -1.241  6.218   -10.489 1.00 19.00 ? 52  ILE A CG1 1 
ATOM   386  C  CG2 . ILE A 1 52  ? -3.642  5.700   -9.731  1.00 20.01 ? 52  ILE A CG2 1 
ATOM   387  C  CD1 . ILE A 1 52  ? -1.249  7.615   -9.887  1.00 19.15 ? 52  ILE A CD1 1 
ATOM   388  N  N   . ALA A 1 53  ? -1.068  2.945   -12.915 1.00 23.99 ? 53  ALA A N   1 
ATOM   389  C  CA  . ALA A 1 53  ? -0.220  2.653   -14.108 1.00 24.66 ? 53  ALA A CA  1 
ATOM   390  C  C   . ALA A 1 53  ? 0.984   3.629   -14.200 1.00 26.64 ? 53  ALA A C   1 
ATOM   391  O  O   . ALA A 1 53  ? 1.349   4.073   -15.286 1.00 30.76 ? 53  ALA A O   1 
ATOM   392  C  CB  . ALA A 1 53  ? -1.050  2.654   -15.428 1.00 23.11 ? 53  ALA A CB  1 
ATOM   393  N  N   . VAL A 1 54  ? 1.585   3.996   -13.072 1.00 26.89 ? 54  VAL A N   1 
ATOM   394  C  CA  . VAL A 1 54  ? 2.825   4.759   -13.111 1.00 22.77 ? 54  VAL A CA  1 
ATOM   395  C  C   . VAL A 1 54  ? 3.903   3.863   -12.549 1.00 24.86 ? 54  VAL A C   1 
ATOM   396  O  O   . VAL A 1 54  ? 3.862   3.461   -11.372 1.00 22.51 ? 54  VAL A O   1 
ATOM   397  C  CB  . VAL A 1 54  ? 2.689   6.102   -12.362 1.00 21.94 ? 54  VAL A CB  1 
ATOM   398  C  CG1 . VAL A 1 54  ? 4.052   6.765   -12.162 1.00 20.29 ? 54  VAL A CG1 1 
ATOM   399  C  CG2 . VAL A 1 54  ? 1.719   7.043   -13.131 1.00 19.71 ? 54  VAL A CG2 1 
ATOM   400  N  N   . ASP A 1 55  ? 4.865   3.544   -13.414 1.00 24.86 ? 55  ASP A N   1 
ATOM   401  C  CA  . ASP A 1 55  ? 5.947   2.610   -13.088 1.00 23.85 ? 55  ASP A CA  1 
ATOM   402  C  C   . ASP A 1 55  ? 7.074   3.260   -12.246 1.00 22.26 ? 55  ASP A C   1 
ATOM   403  O  O   . ASP A 1 55  ? 8.160   3.481   -12.760 1.00 21.92 ? 55  ASP A O   1 
ATOM   404  C  CB  . ASP A 1 55  ? 6.500   2.013   -14.396 1.00 22.51 ? 55  ASP A CB  1 
ATOM   405  C  CG  . ASP A 1 55  ? 7.310   0.737   -14.145 1.00 27.23 ? 55  ASP A CG  1 
ATOM   406  O  OD1 . ASP A 1 55  ? 7.201   0.210   -13.003 1.00 25.95 ? 55  ASP A OD1 1 
ATOM   407  O  OD2 . ASP A 1 55  ? 8.050   0.252   -15.061 1.00 26.40 ? 55  ASP A OD2 1 
ATOM   408  N  N   . LEU A 1 56  ? 6.797   3.571   -10.972 1.00 21.01 ? 56  LEU A N   1 
ATOM   409  C  CA  . LEU A 1 56  ? 7.752   4.268   -10.080 1.00 20.70 ? 56  LEU A CA  1 
ATOM   410  C  C   . LEU A 1 56  ? 7.662   3.699   -8.659  1.00 21.36 ? 56  LEU A C   1 
ATOM   411  O  O   . LEU A 1 56  ? 6.596   3.192   -8.257  1.00 22.48 ? 56  LEU A O   1 
ATOM   412  C  CB  . LEU A 1 56  ? 7.431   5.790   -10.021 1.00 22.29 ? 56  LEU A CB  1 
ATOM   413  C  CG  . LEU A 1 56  ? 7.804   6.728   -11.206 1.00 22.75 ? 56  LEU A CG  1 
ATOM   414  C  CD1 . LEU A 1 56  ? 7.498   8.168   -10.786 1.00 22.18 ? 56  LEU A CD1 1 
ATOM   415  C  CD2 . LEU A 1 56  ? 9.277   6.564   -11.619 1.00 19.06 ? 56  LEU A CD2 1 
ATOM   416  N  N   . GLN A 1 57  ? 8.763   3.770   -7.906  1.00 20.23 ? 57  GLN A N   1 
ATOM   417  C  CA  . GLN A 1 57  ? 8.808   3.338   -6.492  1.00 18.24 ? 57  GLN A CA  1 
ATOM   418  C  C   . GLN A 1 57  ? 8.236   4.408   -5.590  1.00 19.08 ? 57  GLN A C   1 
ATOM   419  O  O   . GLN A 1 57  ? 8.956   5.089   -4.874  1.00 18.44 ? 57  GLN A O   1 
ATOM   420  C  CB  . GLN A 1 57  ? 10.246  2.932   -6.040  1.00 18.50 ? 57  GLN A CB  1 
ATOM   421  C  CG  . GLN A 1 57  ? 10.771  1.631   -6.668  1.00 16.94 ? 57  GLN A CG  1 
ATOM   422  C  CD  . GLN A 1 57  ? 12.229  1.349   -6.356  1.00 17.25 ? 57  GLN A CD  1 
ATOM   423  O  OE1 . GLN A 1 57  ? 12.753  1.727   -5.300  1.00 17.70 ? 57  GLN A OE1 1 
ATOM   424  N  NE2 . GLN A 1 57  ? 12.886  0.634   -7.265  1.00 15.56 ? 57  GLN A NE2 1 
ATOM   425  N  N   . LEU A 1 58  ? 6.906   4.559   -5.628  1.00 19.61 ? 58  LEU A N   1 
ATOM   426  C  CA  . LEU A 1 58  ? 6.234   5.622   -4.918  1.00 16.14 ? 58  LEU A CA  1 
ATOM   427  C  C   . LEU A 1 58  ? 4.829   5.103   -4.393  1.00 18.34 ? 58  LEU A C   1 
ATOM   428  O  O   . LEU A 1 58  ? 4.096   4.319   -5.070  1.00 19.00 ? 58  LEU A O   1 
ATOM   429  C  CB  . LEU A 1 58  ? 6.106   6.799   -5.917  1.00 13.86 ? 58  LEU A CB  1 
ATOM   430  C  CG  . LEU A 1 58  ? 5.341   8.056   -5.494  1.00 13.01 ? 58  LEU A CG  1 
ATOM   431  C  CD1 . LEU A 1 58  ? 6.101   8.821   -4.420  1.00 10.89 ? 58  LEU A CD1 1 
ATOM   432  C  CD2 . LEU A 1 58  ? 4.974   8.878   -6.737  1.00 12.57 ? 58  LEU A CD2 1 
ATOM   433  N  N   . MET A 1 59  ? 4.447   5.548   -3.211  1.00 17.66 ? 59  MET A N   1 
ATOM   434  C  CA  . MET A 1 59  ? 3.174   5.146   -2.605  1.00 18.50 ? 59  MET A CA  1 
ATOM   435  C  C   . MET A 1 59  ? 2.750   6.306   -1.737  1.00 20.22 ? 59  MET A C   1 
ATOM   436  O  O   . MET A 1 59  ? 3.611   7.084   -1.240  1.00 21.11 ? 59  MET A O   1 
ATOM   437  C  CB  . MET A 1 59  ? 3.407   3.923   -1.668  1.00 20.17 ? 59  MET A CB  1 
ATOM   438  C  CG  . MET A 1 59  ? 4.330   4.174   -0.472  1.00 17.88 ? 59  MET A CG  1 
ATOM   439  S  SD  . MET A 1 59  ? 4.586   2.767   0.661   1.00 23.70 ? 59  MET A SD  1 
ATOM   440  C  CE  . MET A 1 59  ? 5.576   1.613   -0.319  1.00 20.22 ? 59  MET A CE  1 
ATOM   441  N  N   . VAL A 1 60  ? 1.444   6.428   -1.524  1.00 20.78 ? 60  VAL A N   1 
ATOM   442  C  CA  . VAL A 1 60  ? 0.908   7.321   -0.499  1.00 18.72 ? 60  VAL A CA  1 
ATOM   443  C  C   . VAL A 1 60  ? 0.088   6.448   0.431   1.00 20.12 ? 60  VAL A C   1 
ATOM   444  O  O   . VAL A 1 60  ? -0.419  5.382   0.007   1.00 20.69 ? 60  VAL A O   1 
ATOM   445  C  CB  . VAL A 1 60  ? 0.019   8.440   -1.126  1.00 18.63 ? 60  VAL A CB  1 
ATOM   446  C  CG1 . VAL A 1 60  ? 0.861   9.356   -2.033  1.00 17.04 ? 60  VAL A CG1 1 
ATOM   447  C  CG2 . VAL A 1 60  ? -1.127  7.874   -1.941  1.00 16.05 ? 60  VAL A CG2 1 
ATOM   448  N  N   . PHE A 1 61  ? -0.055  6.866   1.692   1.00 20.32 ? 61  PHE A N   1 
ATOM   449  C  CA  . PHE A 1 61  ? -0.900  6.125   2.616   1.00 21.71 ? 61  PHE A CA  1 
ATOM   450  C  C   . PHE A 1 61  ? -1.276  6.998   3.794   1.00 22.96 ? 61  PHE A C   1 
ATOM   451  O  O   . PHE A 1 61  ? -0.744  8.114   3.918   1.00 24.86 ? 61  PHE A O   1 
ATOM   452  C  CB  . PHE A 1 61  ? -0.204  4.816   3.082   1.00 20.48 ? 61  PHE A CB  1 
ATOM   453  C  CG  . PHE A 1 61  ? 1.157   5.026   3.717   1.00 19.30 ? 61  PHE A CG  1 
ATOM   454  C  CD1 . PHE A 1 61  ? 2.351   4.991   2.921   1.00 18.25 ? 61  PHE A CD1 1 
ATOM   455  C  CD2 . PHE A 1 61  ? 1.277   5.253   5.097   1.00 17.12 ? 61  PHE A CD2 1 
ATOM   456  C  CE1 . PHE A 1 61  ? 3.612   5.183   3.504   1.00 16.03 ? 61  PHE A CE1 1 
ATOM   457  C  CE2 . PHE A 1 61  ? 2.531   5.464   5.680   1.00 16.67 ? 61  PHE A CE2 1 
ATOM   458  C  CZ  . PHE A 1 61  ? 3.695   5.387   4.885   1.00 17.00 ? 61  PHE A CZ  1 
ATOM   459  N  N   . GLY A 1 62  ? -2.174  6.503   4.652   1.00 23.24 ? 62  GLY A N   1 
ATOM   460  C  CA  . GLY A 1 62  ? -2.463  7.151   5.935   1.00 27.83 ? 62  GLY A CA  1 
ATOM   461  C  C   . GLY A 1 62  ? -3.874  7.701   5.962   1.00 33.40 ? 62  GLY A C   1 
ATOM   462  O  O   . GLY A 1 62  ? -4.525  7.768   4.904   1.00 35.68 ? 62  GLY A O   1 
ATOM   463  N  N   . PHE A 1 63  ? -4.341  8.106   7.153   1.00 38.84 ? 63  PHE A N   1 
ATOM   464  C  CA  . PHE A 1 63  ? -5.729  8.573   7.382   1.00 45.48 ? 63  PHE A CA  1 
ATOM   465  C  C   . PHE A 1 63  ? -6.000  8.766   8.874   1.00 47.70 ? 63  PHE A C   1 
ATOM   466  O  O   . PHE A 1 63  ? -5.349  8.105   9.699   1.00 48.57 ? 63  PHE A O   1 
ATOM   467  C  CB  . PHE A 1 63  ? -6.691  7.470   6.925   1.00 50.81 ? 63  PHE A CB  1 
ATOM   468  C  CG  . PHE A 1 63  ? -6.505  6.173   7.685   1.00 55.91 ? 63  PHE A CG  1 
ATOM   469  C  CD1 . PHE A 1 63  ? -7.307  5.878   8.805   1.00 56.04 ? 63  PHE A CD1 1 
ATOM   470  C  CD2 . PHE A 1 63  ? -5.516  5.259   7.311   1.00 55.41 ? 63  PHE A CD2 1 
ATOM   471  C  CE1 . PHE A 1 63  ? -7.144  4.694   9.508   1.00 56.41 ? 63  PHE A CE1 1 
ATOM   472  C  CE2 . PHE A 1 63  ? -5.332  4.085   8.034   1.00 53.61 ? 63  PHE A CE2 1 
ATOM   473  C  CZ  . PHE A 1 63  ? -6.148  3.801   9.126   1.00 55.37 ? 63  PHE A CZ  1 
ATOM   474  N  N   . GLU A 1 64  ? -6.988  9.604   9.220   1.00 50.84 ? 64  GLU A N   1 
ATOM   475  C  CA  . GLU A 1 64  ? -7.562  9.641   10.594  1.00 52.78 ? 64  GLU A CA  1 
ATOM   476  C  C   . GLU A 1 64  ? -8.681  8.609   10.761  1.00 53.07 ? 64  GLU A C   1 
ATOM   477  O  O   . GLU A 1 64  ? -8.471  7.573   11.390  1.00 52.91 ? 64  GLU A O   1 
ATOM   478  C  CB  . GLU A 1 64  ? -8.118  11.014  10.944  1.00 51.97 ? 64  GLU A CB  1 
ATOM   479  C  CG  . GLU A 1 64  ? -7.121  12.165  10.878  1.00 60.05 ? 64  GLU A CG  1 
ATOM   480  C  CD  . GLU A 1 64  ? -7.744  13.515  11.254  1.00 57.22 ? 64  GLU A CD  1 
ATOM   481  O  OE1 . GLU A 1 64  ? -8.965  13.711  11.079  1.00 62.07 ? 64  GLU A OE1 1 
ATOM   482  O  OE2 . GLU A 1 64  ? -7.006  14.381  11.735  1.00 53.13 ? 64  GLU A OE2 1 
ATOM   483  N  N   . ARG A 1 68  ? -14.750 2.330   6.455   1.00 62.39 ? 68  ARG A N   1 
ATOM   484  C  CA  . ARG A 1 68  ? -13.669 1.752   5.630   1.00 86.19 ? 68  ARG A CA  1 
ATOM   485  C  C   . ARG A 1 68  ? -12.913 0.583   6.309   1.00 83.54 ? 68  ARG A C   1 
ATOM   486  O  O   . ARG A 1 68  ? -13.307 -0.580  6.178   1.00 77.39 ? 68  ARG A O   1 
ATOM   487  C  CB  . ARG A 1 68  ? -12.665 2.834   5.184   1.00 92.47 ? 68  ARG A CB  1 
ATOM   488  C  CG  . ARG A 1 68  ? -12.160 2.649   3.751   1.00 90.49 ? 68  ARG A CG  1 
ATOM   489  C  CD  . ARG A 1 68  ? -12.337 1.226   3.177   1.00 77.94 ? 68  ARG A CD  1 
ATOM   490  N  NE  . ARG A 1 68  ? -12.783 1.286   1.782   1.00 67.14 ? 68  ARG A NE  1 
ATOM   491  C  CZ  . ARG A 1 68  ? -12.031 1.012   0.715   1.00 64.20 ? 68  ARG A CZ  1 
ATOM   492  N  NH1 . ARG A 1 68  ? -10.768 0.598   0.857   1.00 69.71 ? 68  ARG A NH1 1 
ATOM   493  N  NH2 . ARG A 1 68  ? -12.564 1.127   -0.502  1.00 53.05 ? 68  ARG A NH2 1 
ATOM   494  N  N   . TYR A 1 69  ? -11.806 0.891   6.986   1.00 94.32 ? 69  TYR A N   1 
ATOM   495  C  CA  . TYR A 1 69  ? -11.206 -0.065  7.923   1.00 96.40 ? 69  TYR A CA  1 
ATOM   496  C  C   . TYR A 1 69  ? -11.476 0.387   9.357   1.00 98.43 ? 69  TYR A C   1 
ATOM   497  O  O   . TYR A 1 69  ? -10.546 0.803   10.068  1.00 97.05 ? 69  TYR A O   1 
ATOM   498  C  CB  . TYR A 1 69  ? -9.733  -0.387  7.586   1.00 87.33 ? 69  TYR A CB  1 
ATOM   499  C  CG  . TYR A 1 69  ? -9.721  -1.498  6.567   1.00 97.50 ? 69  TYR A CG  1 
ATOM   500  C  CD1 . TYR A 1 69  ? -9.958  -2.834  6.965   1.00 97.68 ? 69  TYR A CD1 1 
ATOM   501  C  CD2 . TYR A 1 69  ? -9.585  -1.221  5.195   1.00 94.57 ? 69  TYR A CD2 1 
ATOM   502  C  CE1 . TYR A 1 69  ? -10.012 -3.861  6.036   1.00 95.10 ? 69  TYR A CE1 1 
ATOM   503  C  CE2 . TYR A 1 69  ? -9.642  -2.245  4.254   1.00 96.30 ? 69  TYR A CE2 1 
ATOM   504  C  CZ  . TYR A 1 69  ? -9.852  -3.558  4.682   1.00 97.31 ? 69  TYR A CZ  1 
ATOM   505  O  OH  . TYR A 1 69  ? -9.920  -4.574  3.769   1.00 90.87 ? 69  TYR A OH  1 
ATOM   506  N  N   . PRO A 1 70  ? -12.770 0.290   9.779   1.00 99.27 ? 70  PRO A N   1 
ATOM   507  C  CA  . PRO A 1 70  ? -13.328 1.050   10.918  1.00 95.75 ? 70  PRO A CA  1 
ATOM   508  C  C   . PRO A 1 70  ? -12.670 0.811   12.297  1.00 88.59 ? 70  PRO A C   1 
ATOM   509  O  O   . PRO A 1 70  ? -12.599 1.745   13.084  1.00 74.88 ? 70  PRO A O   1 
ATOM   510  C  CB  . PRO A 1 70  ? -14.825 0.662   10.913  1.00 91.37 ? 70  PRO A CB  1 
ATOM   511  C  CG  . PRO A 1 70  ? -15.074 0.059   9.561   1.00 82.62 ? 70  PRO A CG  1 
ATOM   512  C  CD  . PRO A 1 70  ? -13.786 -0.635  9.230   1.00 89.68 ? 70  PRO A CD  1 
ATOM   513  N  N   . GLU A 1 71  ? -12.170 -0.402  12.563  1.00 91.29 ? 71  GLU A N   1 
ATOM   514  C  CA  . GLU A 1 71  ? -11.534 -0.731  13.852  1.00 87.33 ? 71  GLU A CA  1 
ATOM   515  C  C   . GLU A 1 71  ? -10.038 -0.279  14.002  1.00 85.83 ? 71  GLU A C   1 
ATOM   516  O  O   . GLU A 1 71  ? -9.455  -0.441  15.081  1.00 80.65 ? 71  GLU A O   1 
ATOM   517  C  CB  . GLU A 1 71  ? -11.725 -2.224  14.175  1.00 76.84 ? 71  GLU A CB  1 
ATOM   518  N  N   . ALA A 1 72  ? -9.461  0.326   12.945  1.00 82.12 ? 72  ALA A N   1 
ATOM   519  C  CA  . ALA A 1 72  ? -7.991  0.643   12.806  1.00 75.87 ? 72  ALA A CA  1 
ATOM   520  C  C   . ALA A 1 72  ? -7.469  1.995   13.428  1.00 71.33 ? 72  ALA A C   1 
ATOM   521  O  O   . ALA A 1 72  ? -8.197  2.994   13.407  1.00 68.16 ? 72  ALA A O   1 
ATOM   522  C  CB  . ALA A 1 72  ? -7.605  0.552   11.326  1.00 65.96 ? 72  ALA A CB  1 
ATOM   523  N  N   . PRO A 1 73  ? -6.221  2.036   13.979  1.00 65.50 ? 73  PRO A N   1 
ATOM   524  C  CA  . PRO A 1 73  ? -5.780  3.336   14.568  1.00 64.57 ? 73  PRO A CA  1 
ATOM   525  C  C   . PRO A 1 73  ? -5.250  4.307   13.491  1.00 69.16 ? 73  PRO A C   1 
ATOM   526  O  O   . PRO A 1 73  ? -4.958  3.859   12.375  1.00 64.49 ? 73  PRO A O   1 
ATOM   527  C  CB  . PRO A 1 73  ? -4.671  2.943   15.567  1.00 65.83 ? 73  PRO A CB  1 
ATOM   528  C  CG  . PRO A 1 73  ? -4.307  1.507   15.248  1.00 67.45 ? 73  PRO A CG  1 
ATOM   529  C  CD  . PRO A 1 73  ? -5.196  0.980   14.140  1.00 65.63 ? 73  PRO A CD  1 
ATOM   530  N  N   . ALA A 1 74  ? -5.160  5.614   13.807  1.00 66.51 ? 74  ALA A N   1 
ATOM   531  C  CA  . ALA A 1 74  ? -4.640  6.642   12.869  1.00 59.95 ? 74  ALA A CA  1 
ATOM   532  C  C   . ALA A 1 74  ? -3.236  6.266   12.408  1.00 56.34 ? 74  ALA A C   1 
ATOM   533  O  O   . ALA A 1 74  ? -2.442  5.762   13.223  1.00 49.88 ? 74  ALA A O   1 
ATOM   534  C  CB  . ALA A 1 74  ? -4.628  8.033   13.502  1.00 56.35 ? 74  ALA A CB  1 
ATOM   535  N  N   . VAL A 1 75  ? -2.988  6.475   11.101  1.00 44.15 ? 75  VAL A N   1 
ATOM   536  C  CA  . VAL A 1 75  ? -1.672  6.322   10.422  1.00 39.35 ? 75  VAL A CA  1 
ATOM   537  C  C   . VAL A 1 75  ? -1.346  7.662   9.711   1.00 36.67 ? 75  VAL A C   1 
ATOM   538  O  O   . VAL A 1 75  ? -2.176  8.145   8.925   1.00 37.90 ? 75  VAL A O   1 
ATOM   539  C  CB  . VAL A 1 75  ? -1.728  5.207   9.346   1.00 38.20 ? 75  VAL A CB  1 
ATOM   540  C  CG1 . VAL A 1 75  ? -0.438  5.193   8.540   1.00 34.92 ? 75  VAL A CG1 1 
ATOM   541  C  CG2 . VAL A 1 75  ? -2.027  3.835   9.955   1.00 35.04 ? 75  VAL A CG2 1 
ATOM   542  N  N   . PRO A 1 76  ? -0.165  8.273   9.940   1.00 33.99 ? 76  PRO A N   1 
ATOM   543  C  CA  . PRO A 1 76  ? 0.033   9.627   9.291   1.00 31.96 ? 76  PRO A CA  1 
ATOM   544  C  C   . PRO A 1 76  ? 0.042   9.633   7.769   1.00 27.67 ? 76  PRO A C   1 
ATOM   545  O  O   . PRO A 1 76  ? 0.487   8.652   7.150   1.00 26.93 ? 76  PRO A O   1 
ATOM   546  C  CB  . PRO A 1 76  ? 1.371   10.130  9.832   1.00 33.25 ? 76  PRO A CB  1 
ATOM   547  C  CG  . PRO A 1 76  ? 1.981   8.953   10.555  1.00 40.27 ? 76  PRO A CG  1 
ATOM   548  C  CD  . PRO A 1 76  ? 1.092   7.724   10.452  1.00 35.28 ? 76  PRO A CD  1 
ATOM   549  N  N   . LEU A 1 77  ? -0.520  10.702  7.184   1.00 25.96 ? 77  LEU A N   1 
ATOM   550  C  CA  . LEU A 1 77  ? -0.618  10.844  5.745   1.00 24.40 ? 77  LEU A CA  1 
ATOM   551  C  C   . LEU A 1 77  ? 0.789   10.945  5.232   1.00 22.67 ? 77  LEU A C   1 
ATOM   552  O  O   . LEU A 1 77  ? 1.527   11.803  5.660   1.00 21.78 ? 77  LEU A O   1 
ATOM   553  C  CB  . LEU A 1 77  ? -1.367  12.122  5.396   1.00 25.49 ? 77  LEU A CB  1 
ATOM   554  C  CG  . LEU A 1 77  ? -2.881  12.065  5.253   1.00 28.99 ? 77  LEU A CG  1 
ATOM   555  C  CD1 . LEU A 1 77  ? -3.417  13.469  4.944   1.00 27.25 ? 77  LEU A CD1 1 
ATOM   556  C  CD2 . LEU A 1 77  ? -3.258  11.060  4.165   1.00 27.37 ? 77  LEU A CD2 1 
ATOM   557  N  N   . THR A 1 78  ? 1.183   10.058  4.340   1.00 22.76 ? 78  THR A N   1 
ATOM   558  C  CA  . THR A 1 78  ? 2.606   9.960   3.964   1.00 21.96 ? 78  THR A CA  1 
ATOM   559  C  C   . THR A 1 78  ? 2.737   9.686   2.469   1.00 21.36 ? 78  THR A C   1 
ATOM   560  O  O   . THR A 1 78  ? 1.971   8.904   1.889   1.00 19.65 ? 78  THR A O   1 
ATOM   561  C  CB  . THR A 1 78  ? 3.336   8.824   4.754   1.00 22.50 ? 78  THR A CB  1 
ATOM   562  O  OG1 . THR A 1 78  ? 3.051   8.952   6.162   1.00 20.98 ? 78  THR A OG1 1 
ATOM   563  C  CG2 . THR A 1 78  ? 4.892   8.844   4.503   1.00 20.72 ? 78  THR A CG2 1 
ATOM   564  N  N   . ALA A 1 79  ? 3.725   10.336  1.851   1.00 20.85 ? 79  ALA A N   1 
ATOM   565  C  CA  . ALA A 1 79  ? 4.087   10.045  0.486   1.00 18.22 ? 79  ALA A CA  1 
ATOM   566  C  C   . ALA A 1 79  ? 5.527   9.556   0.596   1.00 20.35 ? 79  ALA A C   1 
ATOM   567  O  O   . ALA A 1 79  ? 6.381   10.238  1.191   1.00 23.26 ? 79  ALA A O   1 
ATOM   568  C  CB  . ALA A 1 79  ? 3.978   11.322  -0.295  1.00 18.20 ? 79  ALA A CB  1 
ATOM   569  N  N   . LEU A 1 80  ? 5.828   8.382   0.060   1.00 19.02 ? 80  LEU A N   1 
ATOM   570  C  CA  . LEU A 1 80  ? 7.140   7.778   0.284   1.00 17.59 ? 80  LEU A CA  1 
ATOM   571  C  C   . LEU A 1 80  ? 7.669   7.282   -1.032  1.00 18.22 ? 80  LEU A C   1 
ATOM   572  O  O   . LEU A 1 80  ? 7.006   6.482   -1.736  1.00 17.99 ? 80  LEU A O   1 
ATOM   573  C  CB  . LEU A 1 80  ? 7.016   6.591   1.251   1.00 16.94 ? 80  LEU A CB  1 
ATOM   574  C  CG  . LEU A 1 80  ? 8.207   5.765   1.746   1.00 16.84 ? 80  LEU A CG  1 
ATOM   575  C  CD1 . LEU A 1 80  ? 9.088   6.695   2.567   1.00 15.71 ? 80  LEU A CD1 1 
ATOM   576  C  CD2 . LEU A 1 80  ? 7.731   4.563   2.586   1.00 16.44 ? 80  LEU A CD2 1 
ATOM   577  N  N   . ALA A 1 81  ? 8.870   7.760   -1.365  1.00 18.49 ? 81  ALA A N   1 
ATOM   578  C  CA  . ALA A 1 81  ? 9.587   7.348   -2.588  1.00 18.89 ? 81  ALA A CA  1 
ATOM   579  C  C   . ALA A 1 81  ? 10.716  6.416   -2.185  1.00 19.59 ? 81  ALA A C   1 
ATOM   580  O  O   . ALA A 1 81  ? 11.316  6.585   -1.113  1.00 17.46 ? 81  ALA A O   1 
ATOM   581  C  CB  . ALA A 1 81  ? 10.170  8.551   -3.322  1.00 18.71 ? 81  ALA A CB  1 
ATOM   582  N  N   . ASN A 1 82  ? 10.986  5.448   -3.069  1.00 22.28 ? 82  ASN A N   1 
ATOM   583  C  CA  . ASN A 1 82  ? 12.134  4.549   -2.976  1.00 22.77 ? 82  ASN A CA  1 
ATOM   584  C  C   . ASN A 1 82  ? 12.084  3.788   -1.652  1.00 22.72 ? 82  ASN A C   1 
ATOM   585  O  O   . ASN A 1 82  ? 13.106  3.545   -1.059  1.00 22.09 ? 82  ASN A O   1 
ATOM   586  C  CB  . ASN A 1 82  ? 13.450  5.326   -3.193  1.00 20.28 ? 82  ASN A CB  1 
ATOM   587  C  CG  . ASN A 1 82  ? 13.467  6.026   -4.553  1.00 22.73 ? 82  ASN A CG  1 
ATOM   588  O  OD1 . ASN A 1 82  ? 12.728  5.625   -5.465  1.00 20.63 ? 82  ASN A OD1 1 
ATOM   589  N  ND2 . ASN A 1 82  ? 14.258  7.114   -4.688  1.00 22.19 ? 82  ASN A ND2 1 
ATOM   590  N  N   . ALA A 1 83  ? 10.883  3.386   -1.230  1.00 22.04 ? 83  ALA A N   1 
ATOM   591  C  CA  . ALA A 1 83  ? 10.731  2.626   0.037   1.00 22.96 ? 83  ALA A CA  1 
ATOM   592  C  C   . ALA A 1 83  ? 11.632  1.398   0.100   1.00 23.75 ? 83  ALA A C   1 
ATOM   593  O  O   . ALA A 1 83  ? 11.763  0.631   -0.874  1.00 19.49 ? 83  ALA A O   1 
ATOM   594  C  CB  . ALA A 1 83  ? 9.290   2.201   0.288   1.00 19.70 ? 83  ALA A CB  1 
ATOM   595  N  N   . GLN A 1 84  ? 12.199  1.208   1.282   1.00 25.61 ? 84  GLN A N   1 
ATOM   596  C  CA  . GLN A 1 84  ? 12.985  0.022   1.624   1.00 29.83 ? 84  GLN A CA  1 
ATOM   597  C  C   . GLN A 1 84  ? 12.470  -0.421  2.981   1.00 28.33 ? 84  GLN A C   1 
ATOM   598  O  O   . GLN A 1 84  ? 12.259  0.411   3.892   1.00 23.24 ? 84  GLN A O   1 
ATOM   599  C  CB  . GLN A 1 84  ? 14.448  0.402   1.846   1.00 34.23 ? 84  GLN A CB  1 
ATOM   600  C  CG  . GLN A 1 84  ? 15.409  0.284   0.672   1.00 45.31 ? 84  GLN A CG  1 
ATOM   601  C  CD  . GLN A 1 84  ? 16.811  0.808   1.092   1.00 56.07 ? 84  GLN A CD  1 
ATOM   602  O  OE1 . GLN A 1 84  ? 17.529  1.385   0.280   1.00 49.87 ? 84  GLN A OE1 1 
ATOM   603  N  NE2 . GLN A 1 84  ? 17.166  0.659   2.397   1.00 55.71 ? 84  GLN A NE2 1 
ATOM   604  N  N   . ILE A 1 85  ? 12.334  -1.732  3.137   1.00 28.64 ? 85  ILE A N   1 
ATOM   605  C  CA  . ILE A 1 85  ? 11.716  -2.321  4.328   1.00 27.53 ? 85  ILE A CA  1 
ATOM   606  C  C   . ILE A 1 85  ? 12.568  -3.453  4.952   1.00 28.79 ? 85  ILE A C   1 
ATOM   607  O  O   . ILE A 1 85  ? 13.056  -4.377  4.261   1.00 25.60 ? 85  ILE A O   1 
ATOM   608  C  CB  . ILE A 1 85  ? 10.323  -2.886  3.981   1.00 27.34 ? 85  ILE A CB  1 
ATOM   609  C  CG1 . ILE A 1 85  ? 9.340   -1.767  3.719   1.00 26.27 ? 85  ILE A CG1 1 
ATOM   610  C  CG2 . ILE A 1 85  ? 9.800   -3.796  5.081   1.00 24.62 ? 85  ILE A CG2 1 
ATOM   611  C  CD1 . ILE A 1 85  ? 7.967   -2.322  3.417   1.00 30.62 ? 85  ILE A CD1 1 
ATOM   612  N  N   . GLU A 1 86  ? 12.691  -3.369  6.274   1.00 28.43 ? 86  GLU A N   1 
ATOM   613  C  CA  . GLU A 1 86  ? 13.351  -4.377  7.086   1.00 32.13 ? 86  GLU A CA  1 
ATOM   614  C  C   . GLU A 1 86  ? 12.428  -4.743  8.237   1.00 29.34 ? 86  GLU A C   1 
ATOM   615  O  O   . GLU A 1 86  ? 11.903  -3.874  8.943   1.00 28.09 ? 86  GLU A O   1 
ATOM   616  C  CB  . GLU A 1 86  ? 14.628  -3.805  7.696   1.00 33.88 ? 86  GLU A CB  1 
ATOM   617  C  CG  . GLU A 1 86  ? 15.701  -4.819  8.014   1.00 42.38 ? 86  GLU A CG  1 
ATOM   618  C  CD  . GLU A 1 86  ? 16.883  -4.151  8.734   1.00 51.54 ? 86  GLU A CD  1 
ATOM   619  O  OE1 . GLU A 1 86  ? 17.192  -2.967  8.428   1.00 55.65 ? 86  GLU A OE1 1 
ATOM   620  O  OE2 . GLU A 1 86  ? 17.488  -4.794  9.624   1.00 53.58 ? 86  GLU A OE2 1 
ATOM   621  N  N   . PRO A 1 87  ? 12.251  -6.050  8.436   1.00 31.99 ? 87  PRO A N   1 
ATOM   622  C  CA  . PRO A 1 87  ? 11.556  -6.593  9.612   1.00 30.92 ? 87  PRO A CA  1 
ATOM   623  C  C   . PRO A 1 87  ? 12.421  -6.375  10.859  1.00 27.30 ? 87  PRO A C   1 
ATOM   624  O  O   . PRO A 1 87  ? 13.626  -6.598  10.799  1.00 26.94 ? 87  PRO A O   1 
ATOM   625  C  CB  . PRO A 1 87  ? 11.436  -8.093  9.267   1.00 30.73 ? 87  PRO A CB  1 
ATOM   626  C  CG  . PRO A 1 87  ? 12.625  -8.359  8.378   1.00 31.85 ? 87  PRO A CG  1 
ATOM   627  C  CD  . PRO A 1 87  ? 12.738  -7.117  7.522   1.00 30.70 ? 87  PRO A CD  1 
ATOM   628  N  N   . LEU A 1 88  ? 11.816  -5.878  11.938  1.00 26.81 ? 88  LEU A N   1 
ATOM   629  C  CA  . LEU A 1 88  ? 12.507  -5.685  13.225  1.00 27.89 ? 88  LEU A CA  1 
ATOM   630  C  C   . LEU A 1 88  ? 12.342  -6.853  14.190  1.00 27.93 ? 88  LEU A C   1 
ATOM   631  O  O   . LEU A 1 88  ? 12.921  -6.855  15.269  1.00 28.32 ? 88  LEU A O   1 
ATOM   632  C  CB  . LEU A 1 88  ? 12.044  -4.388  13.904  1.00 27.63 ? 88  LEU A CB  1 
ATOM   633  C  CG  . LEU A 1 88  ? 12.545  -3.169  13.106  1.00 28.07 ? 88  LEU A CG  1 
ATOM   634  C  CD1 . LEU A 1 88  ? 12.285  -1.931  13.908  1.00 25.46 ? 88  LEU A CD1 1 
ATOM   635  C  CD2 . LEU A 1 88  ? 14.020  -3.262  12.719  1.00 25.13 ? 88  LEU A CD2 1 
ATOM   636  N  N   . SER A 1 89  ? 11.560  -7.850  13.773  1.00 27.32 ? 89  SER A N   1 
ATOM   637  C  CA  . SER A 1 89  ? 11.304  -9.057  14.544  1.00 26.92 ? 89  SER A CA  1 
ATOM   638  C  C   . SER A 1 89  ? 10.773  -10.027 13.530  1.00 29.68 ? 89  SER A C   1 
ATOM   639  O  O   . SER A 1 89  ? 10.353  -9.617  12.419  1.00 32.17 ? 89  SER A O   1 
ATOM   640  C  CB  . SER A 1 89  ? 10.301  -8.754  15.656  1.00 27.56 ? 89  SER A CB  1 
ATOM   641  O  OG  . SER A 1 89  ? 9.433   -9.812  15.959  1.00 27.82 ? 89  SER A OG  1 
ATOM   642  N  N   . ASP A 1 90  ? 10.779  -11.303 13.896  1.00 31.44 ? 90  ASP A N   1 
ATOM   643  C  CA  . ASP A 1 90  ? 10.274  -12.379 13.039  1.00 29.94 ? 90  ASP A CA  1 
ATOM   644  C  C   . ASP A 1 90  ? 8.789   -12.603 13.302  1.00 29.92 ? 90  ASP A C   1 
ATOM   645  O  O   . ASP A 1 90  ? 8.135   -13.267 12.484  1.00 31.23 ? 90  ASP A O   1 
ATOM   646  C  CB  . ASP A 1 90  ? 11.043  -13.700 13.241  1.00 37.54 ? 90  ASP A CB  1 
ATOM   647  C  CG  . ASP A 1 90  ? 12.358  -13.795 12.415  1.00 47.09 ? 90  ASP A CG  1 
ATOM   648  O  OD1 . ASP A 1 90  ? 12.380  -13.507 11.163  1.00 49.73 ? 90  ASP A OD1 1 
ATOM   649  O  OD2 . ASP A 1 90  ? 13.378  -14.209 13.043  1.00 51.93 ? 90  ASP A OD2 1 
ATOM   650  N  N   . GLU A 1 91  ? 8.244   -12.028 14.386  1.00 26.24 ? 91  GLU A N   1 
ATOM   651  C  CA  . GLU A 1 91  ? 6.777   -12.111 14.679  1.00 30.52 ? 91  GLU A CA  1 
ATOM   652  C  C   . GLU A 1 91  ? 5.836   -11.694 13.466  1.00 32.03 ? 91  GLU A C   1 
ATOM   653  O  O   . GLU A 1 91  ? 5.954   -10.596 12.879  1.00 26.33 ? 91  GLU A O   1 
ATOM   654  C  CB  . GLU A 1 91  ? 6.417   -11.407 16.009  1.00 29.17 ? 91  GLU A CB  1 
ATOM   655  C  CG  . GLU A 1 91  ? 5.053   -11.736 16.642  1.00 35.12 ? 91  GLU A CG  1 
ATOM   656  C  CD  . GLU A 1 91  ? 4.862   -11.032 17.986  1.00 41.21 ? 91  GLU A CD  1 
ATOM   657  O  OE1 . GLU A 1 91  ? 3.967   -11.366 18.801  1.00 43.54 ? 91  GLU A OE1 1 
ATOM   658  O  OE2 . GLU A 1 91  ? 5.633   -10.097 18.251  1.00 47.34 ? 91  GLU A OE2 1 
ATOM   659  N  N   . MET A 1 92  ? 4.973   -12.636 13.061  1.00 32.76 ? 92  MET A N   1 
ATOM   660  C  CA  . MET A 1 92  ? 3.973   -12.419 12.020  1.00 32.52 ? 92  MET A CA  1 
ATOM   661  C  C   . MET A 1 92  ? 2.654   -12.158 12.709  1.00 32.57 ? 92  MET A C   1 
ATOM   662  O  O   . MET A 1 92  ? 2.428   -12.631 13.840  1.00 31.00 ? 92  MET A O   1 
ATOM   663  C  CB  . MET A 1 92  ? 3.817   -13.668 11.130  1.00 34.73 ? 92  MET A CB  1 
ATOM   664  C  CG  . MET A 1 92  ? 5.082   -14.104 10.392  1.00 34.13 ? 92  MET A CG  1 
ATOM   665  S  SD  . MET A 1 92  ? 5.811   -12.763 9.435   1.00 38.34 ? 92  MET A SD  1 
ATOM   666  C  CE  . MET A 1 92  ? 4.919   -12.857 7.872   1.00 31.18 ? 92  MET A CE  1 
ATOM   667  N  N   . GLU A 1 93  ? 1.760   -11.426 12.048  1.00 29.56 ? 93  GLU A N   1 
ATOM   668  C  CA  . GLU A 1 93  ? 0.443   -11.225 12.607  1.00 27.70 ? 93  GLU A CA  1 
ATOM   669  C  C   . GLU A 1 93  ? -0.550  -11.278 11.462  1.00 30.76 ? 93  GLU A C   1 
ATOM   670  O  O   . GLU A 1 93  ? -0.275  -10.709 10.385  1.00 31.10 ? 93  GLU A O   1 
ATOM   671  C  CB  . GLU A 1 93  ? 0.401   -9.893  13.312  1.00 32.18 ? 93  GLU A CB  1 
ATOM   672  C  CG  . GLU A 1 93  ? -0.968  -9.560  13.827  1.00 37.28 ? 93  GLU A CG  1 
ATOM   673  C  CD  . GLU A 1 93  ? -0.919  -8.433  14.812  1.00 43.68 ? 93  GLU A CD  1 
ATOM   674  O  OE1 . GLU A 1 93  ? -0.490  -7.329  14.433  1.00 43.16 ? 93  GLU A OE1 1 
ATOM   675  O  OE2 . GLU A 1 93  ? -1.335  -8.654  15.966  1.00 50.09 ? 93  GLU A OE2 1 
ATOM   676  N  N   . ASN A 1 94  ? -1.662  -11.997 11.653  1.00 27.86 ? 94  ASN A N   1 
ATOM   677  C  CA  . ASN A 1 94  ? -2.702  -12.092 10.634  1.00 27.71 ? 94  ASN A CA  1 
ATOM   678  C  C   . ASN A 1 94  ? -3.641  -10.868 10.773  1.00 28.81 ? 94  ASN A C   1 
ATOM   679  O  O   . ASN A 1 94  ? -3.903  -10.398 11.895  1.00 29.57 ? 94  ASN A O   1 
ATOM   680  C  CB  . ASN A 1 94  ? -3.533  -13.391 10.786  1.00 27.21 ? 94  ASN A CB  1 
ATOM   681  C  CG  . ASN A 1 94  ? -2.759  -14.655 10.444  1.00 29.13 ? 94  ASN A CG  1 
ATOM   682  O  OD1 . ASN A 1 94  ? -2.175  -14.782 9.368   1.00 32.55 ? 94  ASN A OD1 1 
ATOM   683  N  ND2 . ASN A 1 94  ? -2.774  -15.618 11.356  1.00 26.27 ? 94  ASN A ND2 1 
ATOM   684  N  N   . GLY A 1 95  ? -4.181  -10.391 9.651   1.00 25.64 ? 95  GLY A N   1 
ATOM   685  C  CA  . GLY A 1 95  ? -5.104  -9.231  9.624   1.00 24.43 ? 95  GLY A CA  1 
ATOM   686  C  C   . GLY A 1 95  ? -5.824  -9.190  8.265   1.00 26.23 ? 95  GLY A C   1 
ATOM   687  O  O   . GLY A 1 95  ? -5.331  -9.749  7.269   1.00 24.11 ? 95  GLY A O   1 
ATOM   688  N  N   . TRP A 1 96  ? -7.004  -8.571  8.238   1.00 25.89 ? 96  TRP A N   1 
ATOM   689  C  CA  . TRP A 1 96  ? -7.772  -8.344  7.007   1.00 24.34 ? 96  TRP A CA  1 
ATOM   690  C  C   . TRP A 1 96  ? -7.065  -7.309  6.081   1.00 25.59 ? 96  TRP A C   1 
ATOM   691  O  O   . TRP A 1 96  ? -6.756  -6.190  6.530   1.00 20.19 ? 96  TRP A O   1 
ATOM   692  C  CB  . TRP A 1 96  ? -9.213  -7.845  7.342   1.00 23.60 ? 96  TRP A CB  1 
ATOM   693  C  CG  . TRP A 1 96  ? -10.040 -8.898  7.989   1.00 27.94 ? 96  TRP A CG  1 
ATOM   694  C  CD1 . TRP A 1 96  ? -10.362 -9.000  9.337   1.00 26.68 ? 96  TRP A CD1 1 
ATOM   695  C  CD2 . TRP A 1 96  ? -10.596 -10.084 7.349   1.00 27.07 ? 96  TRP A CD2 1 
ATOM   696  N  NE1 . TRP A 1 96  ? -11.097 -10.161 9.550   1.00 31.51 ? 96  TRP A NE1 1 
ATOM   697  C  CE2 . TRP A 1 96  ? -11.250 -10.839 8.358   1.00 27.92 ? 96  TRP A CE2 1 
ATOM   698  C  CE3 . TRP A 1 96  ? -10.599 -10.567 6.035   1.00 26.22 ? 96  TRP A CE3 1 
ATOM   699  C  CZ2 . TRP A 1 96  ? -11.910 -12.038 8.084   1.00 28.03 ? 96  TRP A CZ2 1 
ATOM   700  C  CZ3 . TRP A 1 96  ? -11.282 -11.756 5.765   1.00 27.14 ? 96  TRP A CZ3 1 
ATOM   701  C  CH2 . TRP A 1 96  ? -11.927 -12.476 6.783   1.00 25.12 ? 96  TRP A CH2 1 
ATOM   702  N  N   . GLU A 1 97  ? -6.828  -7.705  4.815   1.00 24.60 ? 97  GLU A N   1 
ATOM   703  C  CA  . GLU A 1 97  ? -6.491  -6.755  3.745   1.00 26.89 ? 97  GLU A CA  1 
ATOM   704  C  C   . GLU A 1 97  ? -7.471  -6.797  2.592   1.00 26.99 ? 97  GLU A C   1 
ATOM   705  O  O   . GLU A 1 97  ? -8.088  -7.833  2.341   1.00 26.31 ? 97  GLU A O   1 
ATOM   706  C  CB  . GLU A 1 97  ? -5.079  -7.000  3.234   1.00 22.35 ? 97  GLU A CB  1 
ATOM   707  C  CG  . GLU A 1 97  ? -4.119  -6.867  4.392   1.00 19.09 ? 97  GLU A CG  1 
ATOM   708  C  CD  . GLU A 1 97  ? -2.715  -7.095  3.979   1.00 19.68 ? 97  GLU A CD  1 
ATOM   709  O  OE1 . GLU A 1 97  ? -2.392  -6.895  2.777   1.00 19.13 ? 97  GLU A OE1 1 
ATOM   710  O  OE2 . GLU A 1 97  ? -1.929  -7.477  4.849   1.00 21.38 ? 97  GLU A OE2 1 
ATOM   711  N  N   . GLY A 1 98  ? -7.619  -5.646  1.935   1.00 26.10 ? 98  GLY A N   1 
ATOM   712  C  CA  . GLY A 1 98  ? -8.287  -5.485  0.643   1.00 24.72 ? 98  GLY A CA  1 
ATOM   713  C  C   . GLY A 1 98  ? -7.358  -4.637  -0.200  1.00 28.72 ? 98  GLY A C   1 
ATOM   714  O  O   . GLY A 1 98  ? -6.206  -4.376  0.193   1.00 27.41 ? 98  GLY A O   1 
ATOM   715  N  N   . CYS A 1 99  ? -7.842  -4.191  -1.355  1.00 26.92 ? 99  CYS A N   1 
ATOM   716  C  CA  . CYS A 1 99  ? -7.016  -3.527  -2.291  1.00 21.73 ? 99  CYS A CA  1 
ATOM   717  C  C   . CYS A 1 99  ? -7.915  -2.825  -3.309  1.00 22.42 ? 99  CYS A C   1 
ATOM   718  O  O   . CYS A 1 99  ? -8.732  -3.478  -3.946  1.00 19.95 ? 99  CYS A O   1 
ATOM   719  C  CB  . CYS A 1 99  ? -6.166  -4.598  -2.992  1.00 23.51 ? 99  CYS A CB  1 
ATOM   720  S  SG  . CYS A 1 99  ? -4.978  -3.957  -4.255  1.00 26.03 ? 99  CYS A SG  1 
ATOM   721  N  N   . LEU A 1 100 ? -7.689  -1.533  -3.570  1.00 23.88 ? 100 LEU A N   1 
ATOM   722  C  CA  . LEU A 1 100 ? -8.460  -0.832  -4.627  1.00 23.33 ? 100 LEU A CA  1 
ATOM   723  C  C   . LEU A 1 100 ? -8.364  -1.438  -6.029  1.00 24.22 ? 100 LEU A C   1 
ATOM   724  O  O   . LEU A 1 100 ? -9.262  -1.232  -6.813  1.00 29.40 ? 100 LEU A O   1 
ATOM   725  C  CB  . LEU A 1 100 ? -8.132  0.655   -4.639  1.00 23.98 ? 100 LEU A CB  1 
ATOM   726  C  CG  . LEU A 1 100 ? -8.202  1.299   -3.252  1.00 23.16 ? 100 LEU A CG  1 
ATOM   727  C  CD1 . LEU A 1 100 ? -7.523  2.670   -3.282  1.00 23.61 ? 100 LEU A CD1 1 
ATOM   728  C  CD2 . LEU A 1 100 ? -9.663  1.393   -2.831  1.00 21.24 ? 100 LEU A CD2 1 
ATOM   729  N  N   . SER A 1 101 ? -7.311  -2.204  -6.339  1.00 25.06 ? 101 SER A N   1 
ATOM   730  C  CA  . SER A 1 101 ? -7.200  -2.892  -7.640  1.00 24.17 ? 101 SER A CA  1 
ATOM   731  C  C   . SER A 1 101 ? -7.954  -4.243  -7.644  1.00 24.99 ? 101 SER A C   1 
ATOM   732  O  O   . SER A 1 101 ? -8.067  -4.864  -8.705  1.00 25.03 ? 101 SER A O   1 
ATOM   733  C  CB  . SER A 1 101 ? -5.720  -3.137  -8.080  1.00 23.44 ? 101 SER A CB  1 
ATOM   734  O  OG  . SER A 1 101 ? -5.039  -1.917  -8.271  1.00 23.71 ? 101 SER A OG  1 
ATOM   735  N  N   . ILE A 1 102 ? -8.459  -4.684  -6.486  1.00 22.93 ? 102 ILE A N   1 
ATOM   736  C  CA  . ILE A 1 102 ? -9.223  -5.948  -6.400  1.00 25.11 ? 102 ILE A CA  1 
ATOM   737  C  C   . ILE A 1 102 ? -10.587 -5.629  -5.711  1.00 24.40 ? 102 ILE A C   1 
ATOM   738  O  O   . ILE A 1 102 ? -10.807 -6.043  -4.568  1.00 24.18 ? 102 ILE A O   1 
ATOM   739  C  CB  . ILE A 1 102 ? -8.420  -7.066  -5.600  1.00 23.29 ? 102 ILE A CB  1 
ATOM   740  C  CG1 . ILE A 1 102 ? -6.973  -7.283  -6.119  1.00 22.53 ? 102 ILE A CG1 1 
ATOM   741  C  CG2 . ILE A 1 102 ? -9.166  -8.397  -5.575  1.00 23.13 ? 102 ILE A CG2 1 
ATOM   742  C  CD1 . ILE A 1 102 ? -6.020  -7.989  -5.146  1.00 20.77 ? 102 ILE A CD1 1 
ATOM   743  N  N   . PRO A 1 103 ? -11.461 -4.832  -6.354  1.00 23.00 ? 103 PRO A N   1 
ATOM   744  C  CA  . PRO A 1 103 ? -12.621 -4.286  -5.573  1.00 22.88 ? 103 PRO A CA  1 
ATOM   745  C  C   . PRO A 1 103 ? -13.627 -5.380  -5.094  1.00 23.95 ? 103 PRO A C   1 
ATOM   746  O  O   . PRO A 1 103 ? -13.854 -6.349  -5.795  1.00 22.14 ? 103 PRO A O   1 
ATOM   747  C  CB  . PRO A 1 103 ? -13.323 -3.328  -6.579  1.00 21.32 ? 103 PRO A CB  1 
ATOM   748  C  CG  . PRO A 1 103 ? -12.833 -3.755  -7.968  1.00 21.39 ? 103 PRO A CG  1 
ATOM   749  C  CD  . PRO A 1 103 ? -11.393 -4.260  -7.723  1.00 24.33 ? 103 PRO A CD  1 
ATOM   750  N  N   . GLY A 1 104 ? -14.161 -5.207  -3.882  1.00 24.73 ? 104 GLY A N   1 
ATOM   751  C  CA  . GLY A 1 104 ? -15.175 -6.063  -3.303  1.00 23.18 ? 104 GLY A CA  1 
ATOM   752  C  C   . GLY A 1 104 ? -14.664 -7.223  -2.465  1.00 25.66 ? 104 GLY A C   1 
ATOM   753  O  O   . GLY A 1 104 ? -15.457 -7.915  -1.837  1.00 27.51 ? 104 GLY A O   1 
ATOM   754  N  N   . LEU A 1 105 ? -13.357 -7.493  -2.470  1.00 24.95 ? 105 LEU A N   1 
ATOM   755  C  CA  . LEU A 1 105 ? -12.870 -8.726  -1.844  1.00 24.23 ? 105 LEU A CA  1 
ATOM   756  C  C   . LEU A 1 105 ? -11.954 -8.397  -0.713  1.00 24.98 ? 105 LEU A C   1 
ATOM   757  O  O   . LEU A 1 105 ? -11.458 -7.275  -0.602  1.00 29.70 ? 105 LEU A O   1 
ATOM   758  C  CB  . LEU A 1 105 ? -12.164 -9.643  -2.874  1.00 24.00 ? 105 LEU A CB  1 
ATOM   759  C  CG  . LEU A 1 105 ? -13.056 -10.415 -3.872  1.00 27.76 ? 105 LEU A CG  1 
ATOM   760  C  CD1 . LEU A 1 105 ? -12.568 -10.315 -5.291  1.00 29.75 ? 105 LEU A CD1 1 
ATOM   761  C  CD2 . LEU A 1 105 ? -13.273 -11.895 -3.541  1.00 27.40 ? 105 LEU A CD2 1 
ATOM   762  N  N   . ARG A 1 106 ? -11.723 -9.367  0.152   1.00 26.34 ? 106 ARG A N   1 
ATOM   763  C  CA  . ARG A 1 106 ? -10.730 -9.242  1.190   1.00 26.25 ? 106 ARG A CA  1 
ATOM   764  C  C   . ARG A 1 106 ? -10.302 -10.640 1.656   1.00 26.70 ? 106 ARG A C   1 
ATOM   765  O  O   . ARG A 1 106 ? -10.927 -11.632 1.295   1.00 28.53 ? 106 ARG A O   1 
ATOM   766  C  CB  . ARG A 1 106 ? -11.204 -8.309  2.306   1.00 28.33 ? 106 ARG A CB  1 
ATOM   767  C  CG  . ARG A 1 106 ? -12.355 -8.847  3.080   1.00 32.47 ? 106 ARG A CG  1 
ATOM   768  C  CD  . ARG A 1 106 ? -13.052 -7.790  3.914   1.00 36.17 ? 106 ARG A CD  1 
ATOM   769  N  NE  . ARG A 1 106 ? -13.309 -8.404  5.211   1.00 46.26 ? 106 ARG A NE  1 
ATOM   770  C  CZ  . ARG A 1 106 ? -14.495 -8.719  5.738   1.00 46.69 ? 106 ARG A CZ  1 
ATOM   771  N  NH1 . ARG A 1 106 ? -15.629 -8.397  5.143   1.00 47.79 ? 106 ARG A NH1 1 
ATOM   772  N  NH2 . ARG A 1 106 ? -14.522 -9.323  6.917   1.00 45.30 ? 106 ARG A NH2 1 
ATOM   773  N  N   . ALA A 1 107 ? -9.175  -10.730 2.374   1.00 25.43 ? 107 ALA A N   1 
ATOM   774  C  CA  . ALA A 1 107 ? -8.670  -11.998 2.911   1.00 20.79 ? 107 ALA A CA  1 
ATOM   775  C  C   . ALA A 1 107 ? -7.858  -11.653 4.116   1.00 20.38 ? 107 ALA A C   1 
ATOM   776  O  O   . ALA A 1 107 ? -7.494  -10.483 4.300   1.00 19.78 ? 107 ALA A O   1 
ATOM   777  C  CB  . ALA A 1 107 ? -7.825  -12.713 1.865   1.00 19.73 ? 107 ALA A CB  1 
ATOM   778  N  N   . VAL A 1 108 ? -7.618  -12.639 4.984   1.00 20.26 ? 108 VAL A N   1 
ATOM   779  C  CA  . VAL A 1 108 ? -6.714  -12.486 6.103   1.00 19.52 ? 108 VAL A CA  1 
ATOM   780  C  C   . VAL A 1 108 ? -5.308  -12.781 5.531   1.00 21.88 ? 108 VAL A C   1 
ATOM   781  O  O   . VAL A 1 108 ? -5.142  -13.792 4.765   1.00 20.79 ? 108 VAL A O   1 
ATOM   782  C  CB  . VAL A 1 108 ? -7.051  -13.471 7.248   1.00 20.33 ? 108 VAL A CB  1 
ATOM   783  C  CG1 . VAL A 1 108 ? -5.942  -13.517 8.303   1.00 17.48 ? 108 VAL A CG1 1 
ATOM   784  C  CG2 . VAL A 1 108 ? -8.391  -13.156 7.856   1.00 20.71 ? 108 VAL A CG2 1 
ATOM   785  N  N   . ILE A 1 109 ? -4.316  -11.929 5.881   1.00 19.93 ? 109 ILE A N   1 
ATOM   786  C  CA  . ILE A 1 109 ? -2.959  -12.041 5.319   1.00 20.63 ? 109 ILE A CA  1 
ATOM   787  C  C   . ILE A 1 109 ? -1.927  -11.917 6.435   1.00 20.89 ? 109 ILE A C   1 
ATOM   788  O  O   . ILE A 1 109 ? -2.056  -11.002 7.267   1.00 21.41 ? 109 ILE A O   1 
ATOM   789  C  CB  . ILE A 1 109 ? -2.679  -10.873 4.324   1.00 21.96 ? 109 ILE A CB  1 
ATOM   790  C  CG1 . ILE A 1 109 ? -3.803  -10.791 3.246   1.00 21.51 ? 109 ILE A CG1 1 
ATOM   791  C  CG2 . ILE A 1 109 ? -1.281  -10.999 3.715   1.00 18.01 ? 109 ILE A CG2 1 
ATOM   792  C  CD1 . ILE A 1 109 ? -3.764  -11.964 2.287   1.00 20.53 ? 109 ILE A CD1 1 
ATOM   793  N  N   . PRO A 1 110 ? -0.934  -12.829 6.490   1.00 20.95 ? 110 PRO A N   1 
ATOM   794  C  CA  . PRO A 1 110 ? 0.109   -12.654 7.506   1.00 21.63 ? 110 PRO A CA  1 
ATOM   795  C  C   . PRO A 1 110 ? 1.151   -11.610 7.067   1.00 22.75 ? 110 PRO A C   1 
ATOM   796  O  O   . PRO A 1 110 ? 1.623   -11.659 5.923   1.00 24.75 ? 110 PRO A O   1 
ATOM   797  C  CB  . PRO A 1 110 ? 0.768   -14.057 7.576   1.00 19.28 ? 110 PRO A CB  1 
ATOM   798  C  CG  . PRO A 1 110 ? 0.683   -14.534 6.185   1.00 20.81 ? 110 PRO A CG  1 
ATOM   799  C  CD  . PRO A 1 110 ? -0.717  -14.092 5.721   1.00 21.83 ? 110 PRO A CD  1 
ATOM   800  N  N   . ARG A 1 111 ? 1.531   -10.707 7.975   1.00 21.31 ? 111 ARG A N   1 
ATOM   801  C  CA  . ARG A 1 111 ? 2.546   -9.691  7.709   1.00 20.68 ? 111 ARG A CA  1 
ATOM   802  C  C   . ARG A 1 111 ? 3.458   -9.636  8.924   1.00 23.42 ? 111 ARG A C   1 
ATOM   803  O  O   . ARG A 1 111 ? 3.045   -10.088 10.021  1.00 25.21 ? 111 ARG A O   1 
ATOM   804  C  CB  . ARG A 1 111 ? 1.885   -8.334  7.538   1.00 19.30 ? 111 ARG A CB  1 
ATOM   805  C  CG  . ARG A 1 111 ? 0.987   -8.145  6.318   1.00 18.63 ? 111 ARG A CG  1 
ATOM   806  C  CD  . ARG A 1 111 ? 1.722   -8.120  4.979   1.00 18.63 ? 111 ARG A CD  1 
ATOM   807  N  NE  . ARG A 1 111 ? 0.768   -7.789  3.909   1.00 17.87 ? 111 ARG A NE  1 
ATOM   808  C  CZ  . ARG A 1 111 ? 1.093   -7.772  2.617   1.00 18.79 ? 111 ARG A CZ  1 
ATOM   809  N  NH1 . ARG A 1 111 ? 2.358   -8.023  2.264   1.00 19.77 ? 111 ARG A NH1 1 
ATOM   810  N  NH2 . ARG A 1 111 ? 0.180   -7.512  1.678   1.00 16.53 ? 111 ARG A NH2 1 
ATOM   811  N  N   . TYR A 1 112 ? 4.675   -9.083  8.778   1.00 22.88 ? 112 TYR A N   1 
ATOM   812  C  CA  . TYR A 1 112 ? 5.469   -8.719  9.961   1.00 22.64 ? 112 TYR A CA  1 
ATOM   813  C  C   . TYR A 1 112 ? 4.725   -7.745  10.877  1.00 24.06 ? 112 TYR A C   1 
ATOM   814  O  O   . TYR A 1 112 ? 4.216   -6.734  10.405  1.00 25.11 ? 112 TYR A O   1 
ATOM   815  C  CB  . TYR A 1 112 ? 6.809   -8.120  9.558   1.00 23.79 ? 112 TYR A CB  1 
ATOM   816  C  CG  . TYR A 1 112 ? 7.720   -9.133  8.875   1.00 25.45 ? 112 TYR A CG  1 
ATOM   817  C  CD1 . TYR A 1 112 ? 8.377   -10.104 9.622   1.00 26.25 ? 112 TYR A CD1 1 
ATOM   818  C  CD2 . TYR A 1 112 ? 7.913   -9.117  7.497   1.00 28.22 ? 112 TYR A CD2 1 
ATOM   819  C  CE1 . TYR A 1 112 ? 9.186   -11.050 9.040   1.00 28.19 ? 112 TYR A CE1 1 
ATOM   820  C  CE2 . TYR A 1 112 ? 8.737   -10.061 6.884   1.00 30.78 ? 112 TYR A CE2 1 
ATOM   821  C  CZ  . TYR A 1 112 ? 9.366   -11.024 7.663   1.00 31.28 ? 112 TYR A CZ  1 
ATOM   822  O  OH  . TYR A 1 112 ? 10.206  -11.957 7.103   1.00 33.64 ? 112 TYR A OH  1 
ATOM   823  N  N   . ARG A 1 113 ? 4.690   -8.037  12.177  1.00 24.17 ? 113 ARG A N   1 
ATOM   824  C  CA  . ARG A 1 113 ? 4.145   -7.125  13.180  1.00 26.86 ? 113 ARG A CA  1 
ATOM   825  C  C   . ARG A 1 113 ? 4.950   -5.803  13.184  1.00 27.25 ? 113 ARG A C   1 
ATOM   826  O  O   . ARG A 1 113 ? 4.330   -4.748  13.325  1.00 25.82 ? 113 ARG A O   1 
ATOM   827  C  CB  . ARG A 1 113 ? 4.231   -7.773  14.578  1.00 29.31 ? 113 ARG A CB  1 
ATOM   828  C  CG  . ARG A 1 113 ? 3.041   -7.732  15.527  1.00 37.07 ? 113 ARG A CG  1 
ATOM   829  C  CD  . ARG A 1 113 ? 2.795   -6.510  16.407  1.00 50.24 ? 113 ARG A CD  1 
ATOM   830  N  NE  . ARG A 1 113 ? 1.343   -6.164  16.337  1.00 66.03 ? 113 ARG A NE  1 
ATOM   831  C  CZ  . ARG A 1 113 ? 0.700   -5.134  16.916  1.00 59.14 ? 113 ARG A CZ  1 
ATOM   832  N  NH1 . ARG A 1 113 ? 1.333   -4.268  17.690  1.00 58.98 ? 113 ARG A NH1 1 
ATOM   833  N  NH2 . ARG A 1 113 ? -0.609  -4.972  16.712  1.00 52.23 ? 113 ARG A NH2 1 
ATOM   834  N  N   . TYR A 1 114 ? 6.308   -5.880  13.052  1.00 25.84 ? 114 TYR A N   1 
ATOM   835  C  CA  . TYR A 1 114 ? 7.285   -4.786  13.399  1.00 26.12 ? 114 TYR A CA  1 
ATOM   836  C  C   . TYR A 1 114 ? 8.289   -4.574  12.297  1.00 24.43 ? 114 TYR A C   1 
ATOM   837  O  O   . TYR A 1 114 ? 9.092   -5.481  11.989  1.00 22.60 ? 114 TYR A O   1 
ATOM   838  C  CB  . TYR A 1 114 ? 8.090   -5.071  14.712  1.00 30.25 ? 114 TYR A CB  1 
ATOM   839  C  CG  . TYR A 1 114 ? 7.190   -5.139  15.927  1.00 37.13 ? 114 TYR A CG  1 
ATOM   840  C  CD1 . TYR A 1 114 ? 6.616   -6.368  16.365  1.00 42.39 ? 114 TYR A CD1 1 
ATOM   841  C  CD2 . TYR A 1 114 ? 6.869   -3.978  16.643  1.00 42.23 ? 114 TYR A CD2 1 
ATOM   842  C  CE1 . TYR A 1 114 ? 5.753   -6.427  17.471  1.00 38.27 ? 114 TYR A CE1 1 
ATOM   843  C  CE2 . TYR A 1 114 ? 6.025   -4.042  17.758  1.00 44.18 ? 114 TYR A CE2 1 
ATOM   844  C  CZ  . TYR A 1 114 ? 5.459   -5.262  18.131  1.00 41.61 ? 114 TYR A CZ  1 
ATOM   845  O  OH  . TYR A 1 114 ? 4.627   -5.248  19.202  1.00 50.12 ? 114 TYR A OH  1 
ATOM   846  N  N   . ILE A 1 115 ? 8.262   -3.383  11.697  1.00 20.77 ? 115 ILE A N   1 
ATOM   847  C  CA  . ILE A 1 115 ? 9.192   -3.065  10.643  1.00 18.84 ? 115 ILE A CA  1 
ATOM   848  C  C   . ILE A 1 115 ? 9.816   -1.697  10.868  1.00 19.70 ? 115 ILE A C   1 
ATOM   849  O  O   . ILE A 1 115 ? 9.286   -0.841  11.662  1.00 16.87 ? 115 ILE A O   1 
ATOM   850  C  CB  . ILE A 1 115 ? 8.567   -3.115  9.228   1.00 18.35 ? 115 ILE A CB  1 
ATOM   851  C  CG1 . ILE A 1 115 ? 7.633   -1.900  8.986   1.00 16.24 ? 115 ILE A CG1 1 
ATOM   852  C  CG2 . ILE A 1 115 ? 7.941   -4.498  8.935   1.00 19.55 ? 115 ILE A CG2 1 
ATOM   853  C  CD1 . ILE A 1 115 ? 6.973   -1.852  7.614   1.00 15.33 ? 115 ILE A CD1 1 
ATOM   854  N  N   . ARG A 1 116 ? 10.950  -1.530  10.185  1.00 18.07 ? 116 ARG A N   1 
ATOM   855  C  CA  . ARG A 1 116 ? 11.485  -0.205  9.841   1.00 20.81 ? 116 ARG A CA  1 
ATOM   856  C  C   . ARG A 1 116 ? 11.265  -0.028  8.322   1.00 21.59 ? 116 ARG A C   1 
ATOM   857  O  O   . ARG A 1 116 ? 11.554  -0.919  7.513   1.00 21.00 ? 116 ARG A O   1 
ATOM   858  C  CB  . ARG A 1 116 ? 13.011  -0.051  10.125  1.00 20.46 ? 116 ARG A CB  1 
ATOM   859  C  CG  . ARG A 1 116 ? 13.566  1.372   9.825   1.00 23.54 ? 116 ARG A CG  1 
ATOM   860  C  CD  . ARG A 1 116 ? 15.006  1.636   10.326  1.00 22.46 ? 116 ARG A CD  1 
ATOM   861  N  NE  . ARG A 1 116 ? 15.207  1.420   11.789  1.00 24.07 ? 116 ARG A NE  1 
ATOM   862  C  CZ  . ARG A 1 116 ? 15.900  0.379   12.293  1.00 24.15 ? 116 ARG A CZ  1 
ATOM   863  N  NH1 . ARG A 1 116 ? 16.072  0.206   13.598  1.00 24.16 ? 116 ARG A NH1 1 
ATOM   864  N  NH2 . ARG A 1 116 ? 16.414  -0.514  11.470  1.00 25.16 ? 116 ARG A NH2 1 
ATOM   865  N  N   . TYR A 1 117 ? 10.818  1.153   7.935   1.00 21.98 ? 117 TYR A N   1 
ATOM   866  C  CA  . TYR A 1 117 ? 10.921  1.536   6.533   1.00 21.98 ? 117 TYR A CA  1 
ATOM   867  C  C   . TYR A 1 117 ? 11.632  2.896   6.374   1.00 21.54 ? 117 TYR A C   1 
ATOM   868  O  O   . TYR A 1 117 ? 11.563  3.725   7.286   1.00 21.68 ? 117 TYR A O   1 
ATOM   869  C  CB  . TYR A 1 117 ? 9.538   1.543   5.887   1.00 23.04 ? 117 TYR A CB  1 
ATOM   870  C  CG  . TYR A 1 117 ? 8.563   2.563   6.444   1.00 22.81 ? 117 TYR A CG  1 
ATOM   871  C  CD1 . TYR A 1 117 ? 7.689   2.210   7.489   1.00 21.98 ? 117 TYR A CD1 1 
ATOM   872  C  CD2 . TYR A 1 117 ? 8.470   3.878   5.879   1.00 22.19 ? 117 TYR A CD2 1 
ATOM   873  C  CE1 . TYR A 1 117 ? 6.719   3.115   7.955   1.00 23.44 ? 117 TYR A CE1 1 
ATOM   874  C  CE2 . TYR A 1 117 ? 7.533   4.795   6.338   1.00 22.82 ? 117 TYR A CE2 1 
ATOM   875  C  CZ  . TYR A 1 117 ? 6.645   4.398   7.363   1.00 26.53 ? 117 TYR A CZ  1 
ATOM   876  O  OH  . TYR A 1 117 ? 5.692   5.261   7.835   1.00 30.51 ? 117 TYR A OH  1 
ATOM   877  N  N   . ARG A 1 118 ? 12.358  3.043   5.257   1.00 22.96 ? 118 ARG A N   1 
ATOM   878  C  CA  . ARG A 1 118 ? 13.100  4.239   4.830   1.00 26.97 ? 118 ARG A CA  1 
ATOM   879  C  C   . ARG A 1 118 ? 12.796  4.577   3.360   1.00 26.66 ? 118 ARG A C   1 
ATOM   880  O  O   . ARG A 1 118 ? 12.459  3.692   2.542   1.00 26.46 ? 118 ARG A O   1 
ATOM   881  C  CB  . ARG A 1 118 ? 14.603  3.996   4.812   1.00 29.50 ? 118 ARG A CB  1 
ATOM   882  C  CG  . ARG A 1 118 ? 15.248  3.662   6.098   1.00 37.11 ? 118 ARG A CG  1 
ATOM   883  C  CD  . ARG A 1 118 ? 16.696  3.251   5.782   1.00 45.20 ? 118 ARG A CD  1 
ATOM   884  N  NE  . ARG A 1 118 ? 17.232  2.500   6.922   1.00 54.22 ? 118 ARG A NE  1 
ATOM   885  C  CZ  . ARG A 1 118 ? 17.799  3.032   8.016   1.00 56.30 ? 118 ARG A CZ  1 
ATOM   886  N  NH1 . ARG A 1 118 ? 17.971  4.364   8.134   1.00 51.89 ? 118 ARG A NH1 1 
ATOM   887  N  NH2 . ARG A 1 118 ? 18.242  2.213   8.982   1.00 50.40 ? 118 ARG A NH2 1 
ATOM   888  N  N   . GLY A 1 119 ? 13.011  5.854   3.027   1.00 24.36 ? 119 GLY A N   1 
ATOM   889  C  CA  . GLY A 1 119 ? 12.952  6.367   1.652   1.00 19.78 ? 119 GLY A CA  1 
ATOM   890  C  C   . GLY A 1 119 ? 12.925  7.882   1.771   1.00 20.31 ? 119 GLY A C   1 
ATOM   891  O  O   . GLY A 1 119 ? 13.551  8.455   2.681   1.00 18.10 ? 119 GLY A O   1 
ATOM   892  N  N   . PHE A 1 120 ? 12.186  8.542   0.882   1.00 19.63 ? 120 PHE A N   1 
ATOM   893  C  CA  . PHE A 1 120 ? 12.218  10.002  0.827   1.00 19.48 ? 120 PHE A CA  1 
ATOM   894  C  C   . PHE A 1 120 ? 10.822  10.598  0.715   1.00 19.53 ? 120 PHE A C   1 
ATOM   895  O  O   . PHE A 1 120 ? 9.991   10.061  0.029   1.00 18.64 ? 120 PHE A O   1 
ATOM   896  C  CB  . PHE A 1 120 ? 13.127  10.429  -0.374  1.00 20.58 ? 120 PHE A CB  1 
ATOM   897  C  CG  . PHE A 1 120 ? 14.555  9.909   -0.224  1.00 22.57 ? 120 PHE A CG  1 
ATOM   898  C  CD1 . PHE A 1 120 ? 15.509  10.642  0.537   1.00 22.00 ? 120 PHE A CD1 1 
ATOM   899  C  CD2 . PHE A 1 120 ? 14.912  8.632   -0.713  1.00 21.30 ? 120 PHE A CD2 1 
ATOM   900  C  CE1 . PHE A 1 120 ? 16.793  10.139  0.738   1.00 23.31 ? 120 PHE A CE1 1 
ATOM   901  C  CE2 . PHE A 1 120 ? 16.190  8.111   -0.455  1.00 23.20 ? 120 PHE A CE2 1 
ATOM   902  C  CZ  . PHE A 1 120 ? 17.130  8.870   0.261   1.00 22.51 ? 120 PHE A CZ  1 
ATOM   903  N  N   . ALA A 1 121 ? 10.586  11.736  1.355   1.00 20.80 ? 121 ALA A N   1 
ATOM   904  C  CA  . ALA A 1 121 ? 9.414   12.540  1.021   1.00 20.85 ? 121 ALA A CA  1 
ATOM   905  C  C   . ALA A 1 121 ? 9.589   13.075  -0.399  1.00 22.23 ? 121 ALA A C   1 
ATOM   906  O  O   . ALA A 1 121 ? 10.729  13.153  -0.925  1.00 24.25 ? 121 ALA A O   1 
ATOM   907  C  CB  . ALA A 1 121 ? 9.199   13.656  2.047   1.00 19.59 ? 121 ALA A CB  1 
ATOM   908  N  N   . PRO A 1 122 ? 8.471   13.423  -1.056  1.00 22.54 ? 122 PRO A N   1 
ATOM   909  C  CA  . PRO A 1 122 ? 8.534   14.028  -2.396  1.00 21.89 ? 122 PRO A CA  1 
ATOM   910  C  C   . PRO A 1 122 ? 9.470   15.242  -2.481  1.00 21.59 ? 122 PRO A C   1 
ATOM   911  O  O   . PRO A 1 122 ? 10.026  15.466  -3.533  1.00 21.14 ? 122 PRO A O   1 
ATOM   912  C  CB  . PRO A 1 122 ? 7.093   14.509  -2.604  1.00 21.05 ? 122 PRO A CB  1 
ATOM   913  C  CG  . PRO A 1 122 ? 6.309   13.525  -1.805  1.00 21.44 ? 122 PRO A CG  1 
ATOM   914  C  CD  . PRO A 1 122 ? 7.083   13.394  -0.558  1.00 21.52 ? 122 PRO A CD  1 
ATOM   915  N  N   . ASP A 1 123 ? 9.602   16.012  -1.400  1.00 21.49 ? 123 ASP A N   1 
ATOM   916  C  CA  . ASP A 1 123 ? 10.502  17.142  -1.359  1.00 25.94 ? 123 ASP A CA  1 
ATOM   917  C  C   . ASP A 1 123 ? 11.985  16.701  -1.255  1.00 27.18 ? 123 ASP A C   1 
ATOM   918  O  O   . ASP A 1 123 ? 12.867  17.527  -1.238  1.00 30.61 ? 123 ASP A O   1 
ATOM   919  C  CB  . ASP A 1 123 ? 10.130  18.124  -0.192  1.00 26.43 ? 123 ASP A CB  1 
ATOM   920  C  CG  . ASP A 1 123 ? 10.584  17.627  1.209   1.00 29.82 ? 123 ASP A CG  1 
ATOM   921  O  OD1 . ASP A 1 123 ? 10.417  18.378  2.220   1.00 29.36 ? 123 ASP A OD1 1 
ATOM   922  O  OD2 . ASP A 1 123 ? 11.098  16.490  1.333   1.00 29.41 ? 123 ASP A OD2 1 
ATOM   923  N  N   . GLY A 1 124 ? 12.263  15.422  -1.120  1.00 23.88 ? 124 GLY A N   1 
ATOM   924  C  CA  . GLY A 1 124 ? 13.651  15.021  -0.948  1.00 24.07 ? 124 GLY A CA  1 
ATOM   925  C  C   . GLY A 1 124 ? 14.136  14.793  0.478   1.00 23.18 ? 124 GLY A C   1 
ATOM   926  O  O   . GLY A 1 124 ? 15.208  14.290  0.693   1.00 23.35 ? 124 GLY A O   1 
ATOM   927  N  N   . SER A 1 125 ? 13.373  15.133  1.496   1.00 25.23 ? 125 SER A N   1 
ATOM   928  C  CA  . SER A 1 125 ? 13.934  14.865  2.804   1.00 26.92 ? 125 SER A CA  1 
ATOM   929  C  C   . SER A 1 125 ? 13.808  13.377  3.123   1.00 27.49 ? 125 SER A C   1 
ATOM   930  O  O   . SER A 1 125 ? 12.953  12.706  2.604   1.00 26.34 ? 125 SER A O   1 
ATOM   931  C  CB  . SER A 1 125 ? 13.407  15.819  3.893   1.00 29.19 ? 125 SER A CB  1 
ATOM   932  O  OG  . SER A 1 125 ? 12.015  15.876  3.905   1.00 29.04 ? 125 SER A OG  1 
ATOM   933  N  N   . PRO A 1 126 ? 14.759  12.848  3.883   1.00 31.72 ? 126 PRO A N   1 
ATOM   934  C  CA  . PRO A 1 126 ? 14.751  11.423  4.229   1.00 29.33 ? 126 PRO A CA  1 
ATOM   935  C  C   . PRO A 1 126 ? 13.573  11.097  5.141   1.00 31.35 ? 126 PRO A C   1 
ATOM   936  O  O   . PRO A 1 126 ? 13.116  11.953  5.913   1.00 32.12 ? 126 PRO A O   1 
ATOM   937  C  CB  . PRO A 1 126 ? 16.083  11.218  4.960   1.00 30.80 ? 126 PRO A CB  1 
ATOM   938  C  CG  . PRO A 1 126 ? 16.933  12.421  4.609   1.00 34.09 ? 126 PRO A CG  1 
ATOM   939  C  CD  . PRO A 1 126 ? 15.976  13.556  4.345   1.00 30.76 ? 126 PRO A CD  1 
ATOM   940  N  N   . ILE A 1 127 ? 13.036  9.888   4.999   1.00 27.36 ? 127 ILE A N   1 
ATOM   941  C  CA  . ILE A 1 127 ? 12.026  9.400   5.896   1.00 26.62 ? 127 ILE A CA  1 
ATOM   942  C  C   . ILE A 1 127 ? 12.554  8.052   6.401   1.00 26.18 ? 127 ILE A C   1 
ATOM   943  O  O   . ILE A 1 127 ? 12.979  7.189   5.606   1.00 28.44 ? 127 ILE A O   1 
ATOM   944  C  CB  . ILE A 1 127 ? 10.668  9.164   5.203   1.00 24.51 ? 127 ILE A CB  1 
ATOM   945  C  CG1 . ILE A 1 127 ? 9.941   10.491  4.959   1.00 25.81 ? 127 ILE A CG1 1 
ATOM   946  C  CG2 . ILE A 1 127 ? 9.762   8.287   6.103   1.00 23.39 ? 127 ILE A CG2 1 
ATOM   947  C  CD1 . ILE A 1 127 ? 8.741   10.354  4.044   1.00 21.92 ? 127 ILE A CD1 1 
ATOM   948  N  N   . GLU A 1 128 ? 12.464  7.851   7.704   1.00 25.41 ? 128 GLU A N   1 
ATOM   949  C  CA  . GLU A 1 128 ? 12.962  6.626   8.309   1.00 26.70 ? 128 GLU A CA  1 
ATOM   950  C  C   . GLU A 1 128 ? 12.133  6.395   9.550   1.00 26.76 ? 128 GLU A C   1 
ATOM   951  O  O   . GLU A 1 128 ? 12.114  7.229   10.432  1.00 25.51 ? 128 GLU A O   1 
ATOM   952  C  CB  . GLU A 1 128 ? 14.455  6.793   8.612   1.00 27.21 ? 128 GLU A CB  1 
ATOM   953  C  CG  . GLU A 1 128 ? 15.029  5.657   9.402   1.00 30.76 ? 128 GLU A CG  1 
ATOM   954  C  CD  . GLU A 1 128 ? 14.825  5.869   10.894  1.00 32.43 ? 128 GLU A CD  1 
ATOM   955  O  OE1 . GLU A 1 128 ? 14.332  4.931   11.543  1.00 26.71 ? 128 GLU A OE1 1 
ATOM   956  O  OE2 . GLU A 1 128 ? 15.175  6.970   11.414  1.00 28.52 ? 128 GLU A OE2 1 
ATOM   957  N  N   . ARG A 1 129 ? 11.375  5.297   9.587   1.00 27.81 ? 129 ARG A N   1 
ATOM   958  C  CA  . ARG A 1 129 ? 10.439  5.082   10.713  1.00 26.30 ? 129 ARG A CA  1 
ATOM   959  C  C   . ARG A 1 129 ? 10.365  3.633   11.100  1.00 25.16 ? 129 ARG A C   1 
ATOM   960  O  O   . ARG A 1 129 ? 10.477  2.741   10.238  1.00 29.03 ? 129 ARG A O   1 
ATOM   961  C  CB  . ARG A 1 129 ? 9.024   5.493   10.330  1.00 25.48 ? 129 ARG A CB  1 
ATOM   962  C  CG  . ARG A 1 129 ? 8.762   6.974   10.260  1.00 29.98 ? 129 ARG A CG  1 
ATOM   963  C  CD  . ARG A 1 129 ? 7.457   7.168   9.467   1.00 31.42 ? 129 ARG A CD  1 
ATOM   964  N  NE  . ARG A 1 129 ? 7.078   8.565   9.246   1.00 28.15 ? 129 ARG A NE  1 
ATOM   965  C  CZ  . ARG A 1 129 ? 6.066   8.975   8.470   1.00 26.62 ? 129 ARG A CZ  1 
ATOM   966  N  NH1 . ARG A 1 129 ? 5.269   8.156   7.757   1.00 21.46 ? 129 ARG A NH1 1 
ATOM   967  N  NH2 . ARG A 1 129 ? 5.885   10.246  8.358   1.00 23.86 ? 129 ARG A NH2 1 
ATOM   968  N  N   . GLU A 1 130 ? 10.135  3.402   12.383  1.00 22.41 ? 130 GLU A N   1 
ATOM   969  C  CA  . GLU A 1 130 ? 9.684   2.102   12.862  1.00 21.53 ? 130 GLU A CA  1 
ATOM   970  C  C   . GLU A 1 130 ? 8.152   2.130   12.895  1.00 25.18 ? 130 GLU A C   1 
ATOM   971  O  O   . GLU A 1 130 ? 7.559   3.156   13.308  1.00 21.05 ? 130 GLU A O   1 
ATOM   972  C  CB  . GLU A 1 130 ? 10.188  1.800   14.270  1.00 20.82 ? 130 GLU A CB  1 
ATOM   973  C  CG  . GLU A 1 130 ? 11.685  1.568   14.375  1.00 20.39 ? 130 GLU A CG  1 
ATOM   974  C  CD  . GLU A 1 130 ? 12.432  2.921   14.349  1.00 22.80 ? 130 GLU A CD  1 
ATOM   975  O  OE1 . GLU A 1 130 ? 13.371  3.110   13.557  1.00 22.51 ? 130 GLU A OE1 1 
ATOM   976  O  OE2 . GLU A 1 130 ? 12.056  3.805   15.125  1.00 24.05 ? 130 GLU A OE2 1 
ATOM   977  N  N   . ALA A 1 131 ? 7.521   1.015   12.471  1.00 22.75 ? 131 ALA A N   1 
ATOM   978  C  CA  . ALA A 1 131 ? 6.097   0.962   12.379  1.00 22.50 ? 131 ALA A CA  1 
ATOM   979  C  C   . ALA A 1 131 ? 5.727   -0.413  12.936  1.00 25.44 ? 131 ALA A C   1 
ATOM   980  O  O   . ALA A 1 131 ? 6.507   -1.360  12.857  1.00 23.96 ? 131 ALA A O   1 
ATOM   981  C  CB  . ALA A 1 131 ? 5.658   1.133   10.914  1.00 19.10 ? 131 ALA A CB  1 
ATOM   982  N  N   . GLU A 1 132 ? 4.519   -0.528  13.467  1.00 27.02 ? 132 GLU A N   1 
ATOM   983  C  CA  . GLU A 1 132 ? 4.042   -1.788  14.012  1.00 27.32 ? 132 GLU A CA  1 
ATOM   984  C  C   . GLU A 1 132 ? 2.555   -1.973  13.654  1.00 26.07 ? 132 GLU A C   1 
ATOM   985  O  O   . GLU A 1 132 ? 1.854   -0.985  13.336  1.00 23.37 ? 132 GLU A O   1 
ATOM   986  C  CB  . GLU A 1 132 ? 4.268   -1.762  15.519  1.00 29.67 ? 132 GLU A CB  1 
ATOM   987  C  CG  . GLU A 1 132 ? 3.155   -1.125  16.315  1.00 35.52 ? 132 GLU A CG  1 
ATOM   988  C  CD  . GLU A 1 132 ? 3.312   -1.481  17.785  1.00 44.13 ? 132 GLU A CD  1 
ATOM   989  O  OE1 . GLU A 1 132 ? 4.145   -0.876  18.481  1.00 43.81 ? 132 GLU A OE1 1 
ATOM   990  O  OE2 . GLU A 1 132 ? 2.632   -2.411  18.247  1.00 50.06 ? 132 GLU A OE2 1 
ATOM   991  N  N   . GLY A 1 133 ? 2.062   -3.213  13.656  1.00 22.48 ? 133 GLY A N   1 
ATOM   992  C  CA  . GLY A 1 133 ? 0.622   -3.427  13.450  1.00 19.95 ? 133 GLY A CA  1 
ATOM   993  C  C   . GLY A 1 133 ? 0.077   -2.930  12.108  1.00 23.56 ? 133 GLY A C   1 
ATOM   994  O  O   . GLY A 1 133 ? 0.672   -3.161  11.011  1.00 20.92 ? 133 GLY A O   1 
ATOM   995  N  N   . PHE A 1 134 ? -1.055  -2.230  12.182  1.00 22.06 ? 134 PHE A N   1 
ATOM   996  C  CA  . PHE A 1 134 ? -1.739  -1.767  10.960  1.00 24.00 ? 134 PHE A CA  1 
ATOM   997  C  C   . PHE A 1 134 ? -0.872  -0.839  10.070  1.00 24.26 ? 134 PHE A C   1 
ATOM   998  O  O   . PHE A 1 134 ? -0.707  -1.097  8.873   1.00 26.66 ? 134 PHE A O   1 
ATOM   999  C  CB  . PHE A 1 134 ? -3.105  -1.160  11.285  1.00 24.25 ? 134 PHE A CB  1 
ATOM   1000 C  CG  . PHE A 1 134 ? -3.969  -0.956  10.071  1.00 26.19 ? 134 PHE A CG  1 
ATOM   1001 C  CD1 . PHE A 1 134 ? -4.613  -2.034  9.468   1.00 27.25 ? 134 PHE A CD1 1 
ATOM   1002 C  CD2 . PHE A 1 134 ? -4.188  0.345   9.544   1.00 26.85 ? 134 PHE A CD2 1 
ATOM   1003 C  CE1 . PHE A 1 134 ? -5.395  -1.839  8.314   1.00 26.29 ? 134 PHE A CE1 1 
ATOM   1004 C  CE2 . PHE A 1 134 ? -4.943  0.533   8.392   1.00 24.52 ? 134 PHE A CE2 1 
ATOM   1005 C  CZ  . PHE A 1 134 ? -5.540  -0.557  7.771   1.00 24.87 ? 134 PHE A CZ  1 
ATOM   1006 N  N   . HIS A 1 135 ? -0.256  0.178   10.677  1.00 24.04 ? 135 HIS A N   1 
ATOM   1007 C  CA  . HIS A 1 135 ? 0.755   1.022   10.020  1.00 22.60 ? 135 HIS A CA  1 
ATOM   1008 C  C   . HIS A 1 135 ? 1.785   0.169   9.208   1.00 21.62 ? 135 HIS A C   1 
ATOM   1009 O  O   . HIS A 1 135 ? 1.952   0.330   7.997   1.00 25.83 ? 135 HIS A O   1 
ATOM   1010 C  CB  . HIS A 1 135 ? 1.461   1.872   11.077  1.00 22.69 ? 135 HIS A CB  1 
ATOM   1011 C  CG  . HIS A 1 135 ? 2.392   2.906   10.500  1.00 25.19 ? 135 HIS A CG  1 
ATOM   1012 N  ND1 . HIS A 1 135 ? 2.917   3.926   11.258  1.00 23.34 ? 135 HIS A ND1 1 
ATOM   1013 C  CD2 . HIS A 1 135 ? 2.841   3.103   9.234   1.00 22.51 ? 135 HIS A CD2 1 
ATOM   1014 C  CE1 . HIS A 1 135 ? 3.681   4.683   10.496  1.00 24.94 ? 135 HIS A CE1 1 
ATOM   1015 N  NE2 . HIS A 1 135 ? 3.634   4.214   9.261   1.00 26.07 ? 135 HIS A NE2 1 
ATOM   1016 N  N   . ALA A 1 136 ? 2.439   -0.771  9.863   1.00 21.94 ? 136 ALA A N   1 
ATOM   1017 C  CA  . ALA A 1 136 ? 3.379   -1.676  9.200   1.00 22.19 ? 136 ALA A CA  1 
ATOM   1018 C  C   . ALA A 1 136 ? 2.763   -2.481  8.052   1.00 23.25 ? 136 ALA A C   1 
ATOM   1019 O  O   . ALA A 1 136 ? 3.384   -2.654  6.982   1.00 24.29 ? 136 ALA A O   1 
ATOM   1020 C  CB  . ALA A 1 136 ? 3.932   -2.617  10.227  1.00 20.65 ? 136 ALA A CB  1 
ATOM   1021 N  N   . ARG A 1 137 ? 1.539   -2.967  8.272   1.00 23.26 ? 137 ARG A N   1 
ATOM   1022 C  CA  . ARG A 1 137 ? 0.827   -3.827  7.292   1.00 21.69 ? 137 ARG A CA  1 
ATOM   1023 C  C   . ARG A 1 137 ? 0.574   -3.022  6.001   1.00 20.62 ? 137 ARG A C   1 
ATOM   1024 O  O   . ARG A 1 137 ? 0.906   -3.480  4.850   1.00 19.99 ? 137 ARG A O   1 
ATOM   1025 C  CB  . ARG A 1 137 ? -0.498  -4.356  7.904   1.00 21.50 ? 137 ARG A CB  1 
ATOM   1026 C  CG  . ARG A 1 137 ? -1.519  -4.865  6.889   1.00 19.16 ? 137 ARG A CG  1 
ATOM   1027 C  CD  . ARG A 1 137 ? -2.750  -5.453  7.581   1.00 20.26 ? 137 ARG A CD  1 
ATOM   1028 N  NE  . ARG A 1 137 ? -2.380  -6.293  8.731   1.00 18.84 ? 137 ARG A NE  1 
ATOM   1029 C  CZ  . ARG A 1 137 ? -2.079  -7.593  8.648   1.00 19.88 ? 137 ARG A CZ  1 
ATOM   1030 N  NH1 . ARG A 1 137 ? -2.146  -8.216  7.453   1.00 15.71 ? 137 ARG A NH1 1 
ATOM   1031 N  NH2 . ARG A 1 137 ? -1.692  -8.258  9.776   1.00 19.35 ? 137 ARG A NH2 1 
ATOM   1032 N  N   . VAL A 1 138 ? 0.037   -1.803  6.193   1.00 20.22 ? 138 VAL A N   1 
ATOM   1033 C  CA  . VAL A 1 138 ? -0.167  -0.874  5.056   1.00 19.77 ? 138 VAL A CA  1 
ATOM   1034 C  C   . VAL A 1 138 ? 1.088   -0.666  4.242   1.00 19.34 ? 138 VAL A C   1 
ATOM   1035 O  O   . VAL A 1 138 ? 1.074   -0.919  3.013   1.00 22.39 ? 138 VAL A O   1 
ATOM   1036 C  CB  . VAL A 1 138 ? -0.821  0.479   5.415   1.00 20.46 ? 138 VAL A CB  1 
ATOM   1037 C  CG1 . VAL A 1 138 ? -0.992  1.285   4.123   1.00 18.54 ? 138 VAL A CG1 1 
ATOM   1038 C  CG2 . VAL A 1 138 ? -2.182  0.250   6.058   1.00 18.26 ? 138 VAL A CG2 1 
ATOM   1039 N  N   . VAL A 1 139 ? 2.187   -0.296  4.907   1.00 18.04 ? 139 VAL A N   1 
ATOM   1040 C  CA  . VAL A 1 139 ? 3.446   -0.129  4.171   1.00 16.73 ? 139 VAL A CA  1 
ATOM   1041 C  C   . VAL A 1 139 ? 3.927   -1.410  3.454   1.00 17.70 ? 139 VAL A C   1 
ATOM   1042 O  O   . VAL A 1 139 ? 4.326   -1.343  2.255   1.00 17.63 ? 139 VAL A O   1 
ATOM   1043 C  CB  . VAL A 1 139 ? 4.498   0.460   5.091   1.00 18.45 ? 139 VAL A CB  1 
ATOM   1044 C  CG1 . VAL A 1 139 ? 5.812   0.588   4.363   1.00 17.48 ? 139 VAL A CG1 1 
ATOM   1045 C  CG2 . VAL A 1 139 ? 3.979   1.804   5.661   1.00 17.16 ? 139 VAL A CG2 1 
ATOM   1046 N  N   . GLN A 1 140 ? 3.821   -2.587  4.104   1.00 16.94 ? 140 GLN A N   1 
ATOM   1047 C  CA  . GLN A 1 140 ? 4.256   -3.817  3.432   1.00 19.01 ? 140 GLN A CA  1 
ATOM   1048 C  C   . GLN A 1 140 ? 3.387   -4.113  2.215   1.00 19.13 ? 140 GLN A C   1 
ATOM   1049 O  O   . GLN A 1 140 ? 3.846   -4.569  1.185   1.00 19.97 ? 140 GLN A O   1 
ATOM   1050 C  CB  . GLN A 1 140 ? 4.228   -5.021  4.391   1.00 19.98 ? 140 GLN A CB  1 
ATOM   1051 C  CG  . GLN A 1 140 ? 5.220   -4.938  5.564   1.00 20.98 ? 140 GLN A CG  1 
ATOM   1052 C  CD  . GLN A 1 140 ? 4.931   -5.985  6.608   1.00 20.07 ? 140 GLN A CD  1 
ATOM   1053 O  OE1 . GLN A 1 140 ? 5.208   -7.165  6.353   1.00 21.76 ? 140 GLN A OE1 1 
ATOM   1054 N  NE2 . GLN A 1 140 ? 4.348   -5.593  7.779   1.00 17.55 ? 140 GLN A NE2 1 
ATOM   1055 N  N   . HIS A 1 141 ? 2.098   -3.866  2.362   1.00 19.79 ? 141 HIS A N   1 
ATOM   1056 C  CA  . HIS A 1 141 ? 1.135   -4.109  1.302   1.00 19.85 ? 141 HIS A CA  1 
ATOM   1057 C  C   . HIS A 1 141 ? 1.461   -3.200  0.111   1.00 20.73 ? 141 HIS A C   1 
ATOM   1058 O  O   . HIS A 1 141 ? 1.506   -3.681  -1.028  1.00 20.76 ? 141 HIS A O   1 
ATOM   1059 C  CB  . HIS A 1 141 ? -0.244  -3.788  1.864   1.00 20.33 ? 141 HIS A CB  1 
ATOM   1060 C  CG  . HIS A 1 141 ? -1.361  -3.963  0.897   1.00 20.38 ? 141 HIS A CG  1 
ATOM   1061 N  ND1 . HIS A 1 141 ? -2.371  -4.889  1.090   1.00 19.79 ? 141 HIS A ND1 1 
ATOM   1062 C  CD2 . HIS A 1 141 ? -1.671  -3.293  -0.235  1.00 20.32 ? 141 HIS A CD2 1 
ATOM   1063 C  CE1 . HIS A 1 141 ? -3.201  -4.840  0.062   1.00 19.70 ? 141 HIS A CE1 1 
ATOM   1064 N  NE2 . HIS A 1 141 ? -2.801  -3.881  -0.746  1.00 19.07 ? 141 HIS A NE2 1 
ATOM   1065 N  N   . GLU A 1 142 ? 1.679   -1.899  0.363   1.00 20.01 ? 142 GLU A N   1 
ATOM   1066 C  CA  . GLU A 1 142 ? 1.962   -0.996  -0.777  1.00 20.77 ? 142 GLU A CA  1 
ATOM   1067 C  C   . GLU A 1 142 ? 3.314   -1.286  -1.342  1.00 19.43 ? 142 GLU A C   1 
ATOM   1068 O  O   . GLU A 1 142 ? 3.461   -1.167  -2.536  1.00 21.66 ? 142 GLU A O   1 
ATOM   1069 C  CB  . GLU A 1 142 ? 1.917   0.492   -0.462  1.00 20.04 ? 142 GLU A CB  1 
ATOM   1070 C  CG  . GLU A 1 142 ? 0.614   1.056   0.053   1.00 20.62 ? 142 GLU A CG  1 
ATOM   1071 C  CD  . GLU A 1 142 ? -0.637  0.437   -0.547  1.00 22.00 ? 142 GLU A CD  1 
ATOM   1072 O  OE1 . GLU A 1 142 ? -0.782  0.249   -1.770  1.00 21.98 ? 142 GLU A OE1 1 
ATOM   1073 O  OE2 . GLU A 1 142 ? -1.534  0.174   0.250   1.00 23.84 ? 142 GLU A OE2 1 
ATOM   1074 N  N   . TYR A 1 143 ? 4.282   -1.655  -0.514  1.00 18.29 ? 143 TYR A N   1 
ATOM   1075 C  CA  . TYR A 1 143 ? 5.610   -2.069  -1.014  1.00 19.70 ? 143 TYR A CA  1 
ATOM   1076 C  C   . TYR A 1 143 ? 5.514   -3.252  -2.018  1.00 22.52 ? 143 TYR A C   1 
ATOM   1077 O  O   . TYR A 1 143 ? 6.166   -3.214  -3.087  1.00 22.52 ? 143 TYR A O   1 
ATOM   1078 C  CB  . TYR A 1 143 ? 6.584   -2.392  0.165   1.00 22.29 ? 143 TYR A CB  1 
ATOM   1079 C  CG  . TYR A 1 143 ? 7.921   -2.889  -0.325  1.00 24.67 ? 143 TYR A CG  1 
ATOM   1080 C  CD1 . TYR A 1 143 ? 8.951   -1.966  -0.648  1.00 26.33 ? 143 TYR A CD1 1 
ATOM   1081 C  CD2 . TYR A 1 143 ? 8.153   -4.286  -0.558  1.00 24.79 ? 143 TYR A CD2 1 
ATOM   1082 C  CE1 . TYR A 1 143 ? 10.160  -2.406  -1.170  1.00 27.28 ? 143 TYR A CE1 1 
ATOM   1083 C  CE2 . TYR A 1 143 ? 9.375   -4.750  -1.060  1.00 24.61 ? 143 TYR A CE2 1 
ATOM   1084 C  CZ  . TYR A 1 143 ? 10.370  -3.803  -1.363  1.00 31.00 ? 143 TYR A CZ  1 
ATOM   1085 O  OH  . TYR A 1 143 ? 11.589  -4.206  -1.869  1.00 32.98 ? 143 TYR A OH  1 
ATOM   1086 N  N   . ASP A 1 144 ? 4.671   -4.271  -1.702  1.00 21.97 ? 144 ASP A N   1 
ATOM   1087 C  CA  . ASP A 1 144 ? 4.439   -5.395  -2.626  1.00 21.34 ? 144 ASP A CA  1 
ATOM   1088 C  C   . ASP A 1 144 ? 4.093   -4.953  -4.026  1.00 20.96 ? 144 ASP A C   1 
ATOM   1089 O  O   . ASP A 1 144 ? 4.528   -5.577  -4.998  1.00 23.28 ? 144 ASP A O   1 
ATOM   1090 C  CB  . ASP A 1 144 ? 3.351   -6.358  -2.131  1.00 21.32 ? 144 ASP A CB  1 
ATOM   1091 C  CG  . ASP A 1 144 ? 3.853   -7.368  -1.093  1.00 22.54 ? 144 ASP A CG  1 
ATOM   1092 O  OD1 . ASP A 1 144 ? 5.091   -7.460  -0.854  1.00 21.07 ? 144 ASP A OD1 1 
ATOM   1093 O  OD2 . ASP A 1 144 ? 2.981   -8.061  -0.479  1.00 22.51 ? 144 ASP A OD2 1 
ATOM   1094 N  N   . HIS A 1 145 ? 3.292   -3.913  -4.161  1.00 20.81 ? 145 HIS A N   1 
ATOM   1095 C  CA  . HIS A 1 145 ? 2.962   -3.410  -5.527  1.00 21.13 ? 145 HIS A CA  1 
ATOM   1096 C  C   . HIS A 1 145 ? 4.153   -2.980  -6.300  1.00 21.25 ? 145 HIS A C   1 
ATOM   1097 O  O   . HIS A 1 145 ? 4.131   -3.036  -7.524  1.00 21.18 ? 145 HIS A O   1 
ATOM   1098 C  CB  . HIS A 1 145 ? 2.102   -2.173  -5.469  1.00 19.68 ? 145 HIS A CB  1 
ATOM   1099 C  CG  . HIS A 1 145 ? 0.712   -2.449  -5.058  1.00 20.96 ? 145 HIS A CG  1 
ATOM   1100 N  ND1 . HIS A 1 145 ? -0.099  -3.327  -5.744  1.00 20.08 ? 145 HIS A ND1 1 
ATOM   1101 C  CD2 . HIS A 1 145 ? -0.025  -1.970  -4.029  1.00 21.04 ? 145 HIS A CD2 1 
ATOM   1102 C  CE1 . HIS A 1 145 ? -1.284  -3.373  -5.167  1.00 18.07 ? 145 HIS A CE1 1 
ATOM   1103 N  NE2 . HIS A 1 145 ? -1.262  -2.555  -4.131  1.00 20.81 ? 145 HIS A NE2 1 
ATOM   1104 N  N   . LEU A 1 146 ? 5.159   -2.459  -5.584  1.00 21.09 ? 146 LEU A N   1 
ATOM   1105 C  CA  . LEU A 1 146 ? 6.357   -1.907  -6.246  1.00 22.21 ? 146 LEU A CA  1 
ATOM   1106 C  C   . LEU A 1 146 ? 7.266   -3.016  -6.794  1.00 25.04 ? 146 LEU A C   1 
ATOM   1107 O  O   . LEU A 1 146 ? 8.161   -2.729  -7.597  1.00 25.18 ? 146 LEU A O   1 
ATOM   1108 C  CB  . LEU A 1 146 ? 7.141   -0.990  -5.284  1.00 21.81 ? 146 LEU A CB  1 
ATOM   1109 C  CG  . LEU A 1 146 ? 6.328   0.098   -4.547  1.00 20.23 ? 146 LEU A CG  1 
ATOM   1110 C  CD1 . LEU A 1 146 ? 7.227   0.950   -3.627  1.00 19.96 ? 146 LEU A CD1 1 
ATOM   1111 C  CD2 . LEU A 1 146 ? 5.559   0.910   -5.588  1.00 19.73 ? 146 LEU A CD2 1 
ATOM   1112 N  N   . VAL A 1 147 ? 7.057   -4.261  -6.324  1.00 24.43 ? 147 VAL A N   1 
ATOM   1113 C  CA  . VAL A 1 147 ? 7.773   -5.441  -6.824  1.00 25.00 ? 147 VAL A CA  1 
ATOM   1114 C  C   . VAL A 1 147 ? 6.845   -6.443  -7.576  1.00 27.55 ? 147 VAL A C   1 
ATOM   1115 O  O   . VAL A 1 147 ? 7.225   -7.581  -7.798  1.00 30.45 ? 147 VAL A O   1 
ATOM   1116 C  CB  . VAL A 1 147 ? 8.680   -6.140  -5.725  1.00 27.58 ? 147 VAL A CB  1 
ATOM   1117 C  CG1 . VAL A 1 147 ? 9.809   -5.182  -5.243  1.00 25.26 ? 147 VAL A CG1 1 
ATOM   1118 C  CG2 . VAL A 1 147 ? 7.878   -6.746  -4.538  1.00 24.48 ? 147 VAL A CG2 1 
ATOM   1119 N  N   . GLY A 1 148 ? 5.637   -6.025  -7.945  1.00 26.57 ? 148 GLY A N   1 
ATOM   1120 C  CA  . GLY A 1 148 ? 4.772   -6.816  -8.805  1.00 27.94 ? 148 GLY A CA  1 
ATOM   1121 C  C   . GLY A 1 148 ? 3.944   -7.848  -8.077  1.00 29.57 ? 148 GLY A C   1 
ATOM   1122 O  O   . GLY A 1 148 ? 3.614   -8.911  -8.638  1.00 29.47 ? 148 GLY A O   1 
ATOM   1123 N  N   . ARG A 1 149 ? 3.591   -7.549  -6.831  1.00 27.31 ? 149 ARG A N   1 
ATOM   1124 C  CA  . ARG A 1 149 ? 2.964   -8.539  -5.985  1.00 23.64 ? 149 ARG A CA  1 
ATOM   1125 C  C   . ARG A 1 149 ? 1.622   -8.062  -5.411  1.00 22.69 ? 149 ARG A C   1 
ATOM   1126 O  O   . ARG A 1 149 ? 1.519   -6.899  -5.001  1.00 19.78 ? 149 ARG A O   1 
ATOM   1127 C  CB  . ARG A 1 149 ? 3.932   -8.959  -4.909  1.00 25.96 ? 149 ARG A CB  1 
ATOM   1128 C  CG  . ARG A 1 149 ? 3.480   -10.202 -4.204  1.00 33.22 ? 149 ARG A CG  1 
ATOM   1129 C  CD  . ARG A 1 149 ? 4.667   -11.082 -3.869  1.00 40.48 ? 149 ARG A CD  1 
ATOM   1130 N  NE  . ARG A 1 149 ? 4.124   -12.369 -3.472  1.00 46.11 ? 149 ARG A NE  1 
ATOM   1131 C  CZ  . ARG A 1 149 ? 4.567   -13.104 -2.465  1.00 50.56 ? 149 ARG A CZ  1 
ATOM   1132 N  NH1 . ARG A 1 149 ? 5.592   -12.692 -1.719  1.00 52.82 ? 149 ARG A NH1 1 
ATOM   1133 N  NH2 . ARG A 1 149 ? 3.979   -14.258 -2.192  1.00 45.10 ? 149 ARG A NH2 1 
ATOM   1134 N  N   . LEU A 1 150 ? 0.597   -8.946  -5.430  1.00 20.73 ? 150 LEU A N   1 
ATOM   1135 C  CA  . LEU A 1 150 ? -0.731  -8.643  -4.860  1.00 22.32 ? 150 LEU A CA  1 
ATOM   1136 C  C   . LEU A 1 150 ? -1.004  -9.614  -3.741  1.00 21.77 ? 150 LEU A C   1 
ATOM   1137 O  O   . LEU A 1 150 ? -0.367  -10.679 -3.690  1.00 20.37 ? 150 LEU A O   1 
ATOM   1138 C  CB  . LEU A 1 150 ? -1.822  -8.737  -5.917  1.00 23.62 ? 150 LEU A CB  1 
ATOM   1139 C  CG  . LEU A 1 150 ? -1.531  -7.722  -6.997  1.00 25.52 ? 150 LEU A CG  1 
ATOM   1140 C  CD1 . LEU A 1 150 ? -1.552  -8.339  -8.351  1.00 28.93 ? 150 LEU A CD1 1 
ATOM   1141 C  CD2 . LEU A 1 150 ? -2.455  -6.533  -6.916  1.00 29.18 ? 150 LEU A CD2 1 
ATOM   1142 N  N   . TYR A 1 151 ? -1.947  -9.243  -2.867  1.00 22.62 ? 151 TYR A N   1 
ATOM   1143 C  CA  . TYR A 1 151 ? -2.187  -9.990  -1.618  1.00 21.71 ? 151 TYR A CA  1 
ATOM   1144 C  C   . TYR A 1 151 ? -2.679  -11.457 -1.794  1.00 21.04 ? 151 TYR A C   1 
ATOM   1145 O  O   . TYR A 1 151 ? -2.392  -12.288 -0.914  1.00 22.46 ? 151 TYR A O   1 
ATOM   1146 C  CB  . TYR A 1 151 ? -3.041  -9.203  -0.578  1.00 20.74 ? 151 TYR A CB  1 
ATOM   1147 C  CG  . TYR A 1 151 ? -4.548  -9.188  -0.859  1.00 21.12 ? 151 TYR A CG  1 
ATOM   1148 C  CD1 . TYR A 1 151 ? -5.337  -10.371 -0.744  1.00 20.49 ? 151 TYR A CD1 1 
ATOM   1149 C  CD2 . TYR A 1 151 ? -5.183  -8.007  -1.210  1.00 20.56 ? 151 TYR A CD2 1 
ATOM   1150 C  CE1 . TYR A 1 151 ? -6.697  -10.378 -1.036  1.00 19.39 ? 151 TYR A CE1 1 
ATOM   1151 C  CE2 . TYR A 1 151 ? -6.537  -7.990  -1.477  1.00 22.06 ? 151 TYR A CE2 1 
ATOM   1152 C  CZ  . TYR A 1 151 ? -7.300  -9.179  -1.382  1.00 23.23 ? 151 TYR A CZ  1 
ATOM   1153 O  OH  . TYR A 1 151 ? -8.673  -9.117  -1.649  1.00 22.90 ? 151 TYR A OH  1 
ATOM   1154 N  N   . PRO A 1 152 ? -3.375  -11.788 -2.903  1.00 21.22 ? 152 PRO A N   1 
ATOM   1155 C  CA  . PRO A 1 152 ? -3.834  -13.210 -2.972  1.00 21.86 ? 152 PRO A CA  1 
ATOM   1156 C  C   . PRO A 1 152 ? -2.698  -14.206 -2.872  1.00 22.65 ? 152 PRO A C   1 
ATOM   1157 O  O   . PRO A 1 152 ? -2.865  -15.275 -2.225  1.00 23.98 ? 152 PRO A O   1 
ATOM   1158 C  CB  . PRO A 1 152 ? -4.538  -13.294 -4.337  1.00 20.87 ? 152 PRO A CB  1 
ATOM   1159 C  CG  . PRO A 1 152 ? -5.122  -11.900 -4.524  1.00 19.13 ? 152 PRO A CG  1 
ATOM   1160 C  CD  . PRO A 1 152 ? -4.061  -10.966 -3.929  1.00 21.10 ? 152 PRO A CD  1 
ATOM   1161 N  N   . SER A 1 153 ? -1.548  -13.857 -3.441  1.00 20.37 ? 153 SER A N   1 
ATOM   1162 C  CA  . SER A 1 153 ? -0.439  -14.805 -3.452  1.00 20.96 ? 153 SER A CA  1 
ATOM   1163 C  C   . SER A 1 153 ? 0.213   -14.899 -2.066  1.00 20.42 ? 153 SER A C   1 
ATOM   1164 O  O   . SER A 1 153 ? 1.170   -15.667 -1.861  1.00 18.78 ? 153 SER A O   1 
ATOM   1165 C  CB  . SER A 1 153 ? 0.592   -14.406 -4.482  1.00 20.93 ? 153 SER A CB  1 
ATOM   1166 O  OG  . SER A 1 153 ? 1.168   -13.163 -4.067  1.00 23.65 ? 153 SER A OG  1 
ATOM   1167 N  N   . ARG A 1 154 ? -0.332  -14.172 -1.097  1.00 20.39 ? 154 ARG A N   1 
ATOM   1168 C  CA  . ARG A 1 154 ? 0.140   -14.319 0.302   1.00 23.19 ? 154 ARG A CA  1 
ATOM   1169 C  C   . ARG A 1 154 ? -0.912  -14.982 1.232   1.00 23.49 ? 154 ARG A C   1 
ATOM   1170 O  O   . ARG A 1 154 ? -0.699  -15.126 2.426   1.00 23.43 ? 154 ARG A O   1 
ATOM   1171 C  CB  . ARG A 1 154 ? 0.547   -12.939 0.885   1.00 23.03 ? 154 ARG A CB  1 
ATOM   1172 C  CG  . ARG A 1 154 ? 1.789   -12.402 0.212   1.00 26.26 ? 154 ARG A CG  1 
ATOM   1173 C  CD  . ARG A 1 154 ? 2.284   -11.197 0.951   1.00 29.66 ? 154 ARG A CD  1 
ATOM   1174 N  NE  . ARG A 1 154 ? 3.447   -10.570 0.364   1.00 29.43 ? 154 ARG A NE  1 
ATOM   1175 C  CZ  . ARG A 1 154 ? 4.696   -10.973 0.606   1.00 30.69 ? 154 ARG A CZ  1 
ATOM   1176 N  NH1 . ARG A 1 154 ? 4.928   -12.022 1.384   1.00 32.76 ? 154 ARG A NH1 1 
ATOM   1177 N  NH2 . ARG A 1 154 ? 5.712   -10.337 0.077   1.00 23.25 ? 154 ARG A NH2 1 
ATOM   1178 N  N   . ILE A 1 155 ? -2.072  -15.321 0.679   1.00 27.05 ? 155 ILE A N   1 
ATOM   1179 C  CA  . ILE A 1 155 ? -3.137  -15.948 1.475   1.00 27.43 ? 155 ILE A CA  1 
ATOM   1180 C  C   . ILE A 1 155 ? -2.697  -17.396 1.874   1.00 26.89 ? 155 ILE A C   1 
ATOM   1181 O  O   . ILE A 1 155 ? -2.263  -18.192 1.013   1.00 22.68 ? 155 ILE A O   1 
ATOM   1182 C  CB  . ILE A 1 155 ? -4.443  -16.045 0.660   1.00 24.31 ? 155 ILE A CB  1 
ATOM   1183 C  CG1 . ILE A 1 155 ? -5.062  -14.668 0.371   1.00 21.53 ? 155 ILE A CG1 1 
ATOM   1184 C  CG2 . ILE A 1 155 ? -5.415  -16.951 1.383   1.00 24.21 ? 155 ILE A CG2 1 
ATOM   1185 C  CD1 . ILE A 1 155 ? -6.201  -14.737 -0.645  1.00 18.07 ? 155 ILE A CD1 1 
ATOM   1186 N  N   . GLU A 1 156 ? -2.788  -17.686 3.171   1.00 25.99 ? 156 GLU A N   1 
ATOM   1187 C  CA  . GLU A 1 156 ? -2.511  -19.024 3.724   1.00 26.84 ? 156 GLU A CA  1 
ATOM   1188 C  C   . GLU A 1 156 ? -3.841  -19.722 3.963   1.00 26.00 ? 156 GLU A C   1 
ATOM   1189 O  O   . GLU A 1 156 ? -4.001  -20.842 3.559   1.00 23.12 ? 156 GLU A O   1 
ATOM   1190 C  CB  . GLU A 1 156 ? -1.682  -18.934 5.022   1.00 30.15 ? 156 GLU A CB  1 
ATOM   1191 C  CG  . GLU A 1 156 ? -0.210  -18.539 4.779   1.00 33.73 ? 156 GLU A CG  1 
ATOM   1192 C  CD  . GLU A 1 156 ? 0.583   -18.324 6.082   1.00 41.57 ? 156 GLU A CD  1 
ATOM   1193 O  OE1 . GLU A 1 156 ? -0.003  -18.242 7.220   1.00 40.33 ? 156 GLU A OE1 1 
ATOM   1194 O  OE2 . GLU A 1 156 ? 1.829   -18.205 5.964   1.00 41.61 ? 156 GLU A OE2 1 
ATOM   1195 N  N   . ASN A 1 157 ? -4.834  -19.022 4.529   1.00 26.54 ? 157 ASN A N   1 
ATOM   1196 C  CA  . ASN A 1 157 ? -6.121  -19.655 4.785   1.00 24.53 ? 157 ASN A CA  1 
ATOM   1197 C  C   . ASN A 1 157 ? -7.188  -19.204 3.776   1.00 23.86 ? 157 ASN A C   1 
ATOM   1198 O  O   . ASN A 1 157 ? -7.785  -18.135 3.923   1.00 21.96 ? 157 ASN A O   1 
ATOM   1199 C  CB  . ASN A 1 157 ? -6.556  -19.372 6.213   1.00 23.24 ? 157 ASN A CB  1 
ATOM   1200 C  CG  . ASN A 1 157 ? -7.805  -20.123 6.581   1.00 24.44 ? 157 ASN A CG  1 
ATOM   1201 O  OD1 . ASN A 1 157 ? -8.396  -20.822 5.744   1.00 26.16 ? 157 ASN A OD1 1 
ATOM   1202 N  ND2 . ASN A 1 157 ? -8.267  -19.933 7.806   1.00 23.61 ? 157 ASN A ND2 1 
ATOM   1203 N  N   . PHE A 1 158 ? -7.450  -20.031 2.761   1.00 24.94 ? 158 PHE A N   1 
ATOM   1204 C  CA  . PHE A 1 158 ? -8.404  -19.622 1.730   1.00 24.47 ? 158 PHE A CA  1 
ATOM   1205 C  C   . PHE A 1 158 ? -9.843  -19.534 2.212   1.00 25.83 ? 158 PHE A C   1 
ATOM   1206 O  O   . PHE A 1 158 ? -10.653 -18.924 1.530   1.00 26.99 ? 158 PHE A O   1 
ATOM   1207 C  CB  . PHE A 1 158 ? -8.280  -20.451 0.445   1.00 24.37 ? 158 PHE A CB  1 
ATOM   1208 C  CG  . PHE A 1 158 ? -7.126  -20.029 -0.407  1.00 23.65 ? 158 PHE A CG  1 
ATOM   1209 C  CD1 . PHE A 1 158 ? -7.287  -19.053 -1.349  1.00 21.96 ? 158 PHE A CD1 1 
ATOM   1210 C  CD2 . PHE A 1 158 ? -5.841  -20.553 -0.183  1.00 25.70 ? 158 PHE A CD2 1 
ATOM   1211 C  CE1 . PHE A 1 158 ? -6.213  -18.630 -2.116  1.00 23.68 ? 158 PHE A CE1 1 
ATOM   1212 C  CE2 . PHE A 1 158 ? -4.736  -20.138 -0.944  1.00 23.48 ? 158 PHE A CE2 1 
ATOM   1213 C  CZ  . PHE A 1 158 ? -4.926  -19.162 -1.919  1.00 22.32 ? 158 PHE A CZ  1 
ATOM   1214 N  N   . ASP A 1 159 ? -10.162 -20.080 3.399   1.00 25.01 ? 159 ASP A N   1 
ATOM   1215 C  CA  . ASP A 1 159 ? -11.514 -19.897 3.921   1.00 26.18 ? 159 ASP A CA  1 
ATOM   1216 C  C   . ASP A 1 159 ? -11.810 -18.438 4.227   1.00 26.69 ? 159 ASP A C   1 
ATOM   1217 O  O   . ASP A 1 159 ? -12.988 -18.072 4.347   1.00 26.41 ? 159 ASP A O   1 
ATOM   1218 C  CB  . ASP A 1 159 ? -11.744 -20.714 5.197   1.00 28.61 ? 159 ASP A CB  1 
ATOM   1219 C  CG  . ASP A 1 159 ? -11.732 -22.240 4.960   1.00 27.90 ? 159 ASP A CG  1 
ATOM   1220 O  OD1 . ASP A 1 159 ? -11.557 -22.764 3.842   1.00 27.78 ? 159 ASP A OD1 1 
ATOM   1221 O  OD2 . ASP A 1 159 ? -11.899 -22.921 5.953   1.00 30.18 ? 159 ASP A OD2 1 
ATOM   1222 N  N   . THR A 1 160 ? -10.757 -17.620 4.392   1.00 24.25 ? 160 THR A N   1 
ATOM   1223 C  CA  . THR A 1 160 ? -10.931 -16.206 4.763   1.00 24.32 ? 160 THR A CA  1 
ATOM   1224 C  C   . THR A 1 160 ? -11.005 -15.246 3.595   1.00 23.39 ? 160 THR A C   1 
ATOM   1225 O  O   . THR A 1 160 ? -11.231 -14.053 3.815   1.00 25.48 ? 160 THR A O   1 
ATOM   1226 C  CB  . THR A 1 160 ? -9.791  -15.699 5.647   1.00 27.71 ? 160 THR A CB  1 
ATOM   1227 O  OG1 . THR A 1 160 ? -8.577  -15.601 4.859   1.00 27.24 ? 160 THR A OG1 1 
ATOM   1228 C  CG2 . THR A 1 160 ? -9.600  -16.644 6.827   1.00 26.00 ? 160 THR A CG2 1 
ATOM   1229 N  N   . PHE A 1 161 ? -10.862 -15.759 2.370   1.00 20.92 ? 161 PHE A N   1 
ATOM   1230 C  CA  . PHE A 1 161 ? -10.894 -14.959 1.134   1.00 20.36 ? 161 PHE A CA  1 
ATOM   1231 C  C   . PHE A 1 161 ? -12.323 -14.972 0.606   1.00 21.99 ? 161 PHE A C   1 
ATOM   1232 O  O   . PHE A 1 161 ? -12.891 -16.070 0.426   1.00 21.91 ? 161 PHE A O   1 
ATOM   1233 C  CB  . PHE A 1 161 ? -9.955  -15.624 0.119   1.00 18.76 ? 161 PHE A CB  1 
ATOM   1234 C  CG  . PHE A 1 161 ? -9.764  -14.871 -1.179  1.00 18.09 ? 161 PHE A CG  1 
ATOM   1235 C  CD1 . PHE A 1 161 ? -9.885  -13.492 -1.249  1.00 16.75 ? 161 PHE A CD1 1 
ATOM   1236 C  CD2 . PHE A 1 161 ? -9.311  -15.556 -2.336  1.00 18.65 ? 161 PHE A CD2 1 
ATOM   1237 C  CE1 . PHE A 1 161 ? -9.647  -12.795 -2.433  1.00 16.26 ? 161 PHE A CE1 1 
ATOM   1238 C  CE2 . PHE A 1 161 ? -9.038  -14.839 -3.538  1.00 19.96 ? 161 PHE A CE2 1 
ATOM   1239 C  CZ  . PHE A 1 161 ? -9.218  -13.439 -3.576  1.00 17.64 ? 161 PHE A CZ  1 
ATOM   1240 N  N   . GLY A 1 162 ? -12.912 -13.794 0.361   1.00 20.19 ? 162 GLY A N   1 
ATOM   1241 C  CA  . GLY A 1 162 ? -14.323 -13.727 -0.004  1.00 21.08 ? 162 GLY A CA  1 
ATOM   1242 C  C   . GLY A 1 162 ? -14.755 -12.293 -0.212  1.00 25.15 ? 162 GLY A C   1 
ATOM   1243 O  O   . GLY A 1 162 ? -13.968 -11.356 0.037   1.00 25.05 ? 162 GLY A O   1 
ATOM   1244 N  N   . PHE A 1 163 ? -15.965 -12.112 -0.712  1.00 20.63 ? 163 PHE A N   1 
ATOM   1245 C  CA  . PHE A 1 163 ? -16.497 -10.783 -0.858  1.00 24.49 ? 163 PHE A CA  1 
ATOM   1246 C  C   . PHE A 1 163 ? -16.797 -10.148 0.453   1.00 26.51 ? 163 PHE A C   1 
ATOM   1247 O  O   . PHE A 1 163 ? -17.185 -10.838 1.387   1.00 26.59 ? 163 PHE A O   1 
ATOM   1248 C  CB  . PHE A 1 163 ? -17.708 -10.787 -1.759  1.00 21.44 ? 163 PHE A CB  1 
ATOM   1249 C  CG  . PHE A 1 163 ? -17.345 -11.069 -3.160  1.00 24.56 ? 163 PHE A CG  1 
ATOM   1250 C  CD1 . PHE A 1 163 ? -17.209 -12.385 -3.596  1.00 23.87 ? 163 PHE A CD1 1 
ATOM   1251 C  CD2 . PHE A 1 163 ? -17.067 -10.007 -4.044  1.00 23.50 ? 163 PHE A CD2 1 
ATOM   1252 C  CE1 . PHE A 1 163 ? -16.832 -12.667 -4.903  1.00 28.28 ? 163 PHE A CE1 1 
ATOM   1253 C  CE2 . PHE A 1 163 ? -16.731 -10.278 -5.343  1.00 25.91 ? 163 PHE A CE2 1 
ATOM   1254 C  CZ  . PHE A 1 163 ? -16.577 -11.608 -5.782  1.00 26.86 ? 163 PHE A CZ  1 
ATOM   1255 N  N   . ASP A 1 164 ? -16.610 -8.829  0.498   1.00 30.32 ? 164 ASP A N   1 
ATOM   1256 C  CA  . ASP A 1 164 ? -16.677 -8.046  1.729   1.00 34.95 ? 164 ASP A CA  1 
ATOM   1257 C  C   . ASP A 1 164 ? -18.061 -8.086  2.397   1.00 33.74 ? 164 ASP A C   1 
ATOM   1258 O  O   . ASP A 1 164 ? -18.169 -8.160  3.619   1.00 33.04 ? 164 ASP A O   1 
ATOM   1259 C  CB  . ASP A 1 164 ? -16.241 -6.579  1.473   1.00 39.97 ? 164 ASP A CB  1 
ATOM   1260 C  CG  . ASP A 1 164 ? -16.207 -5.749  2.788   1.00 49.47 ? 164 ASP A CG  1 
ATOM   1261 O  OD1 . ASP A 1 164 ? -17.085 -4.883  2.967   1.00 54.47 ? 164 ASP A OD1 1 
ATOM   1262 O  OD2 . ASP A 1 164 ? -15.353 -5.989  3.685   1.00 48.72 ? 164 ASP A OD2 1 
ATOM   1263 N  N   . ASP A 1 165 ? -19.117 -8.052  1.594   1.00 34.13 ? 165 ASP A N   1 
ATOM   1264 C  CA  . ASP A 1 165 ? -20.496 -7.986  2.142   1.00 38.48 ? 165 ASP A CA  1 
ATOM   1265 C  C   . ASP A 1 165 ? -21.051 -9.371  2.600   1.00 36.97 ? 165 ASP A C   1 
ATOM   1266 O  O   . ASP A 1 165 ? -22.111 -9.470  3.133   1.00 38.01 ? 165 ASP A O   1 
ATOM   1267 C  CB  . ASP A 1 165 ? -21.439 -7.331  1.112   1.00 39.85 ? 165 ASP A CB  1 
ATOM   1268 C  CG  . ASP A 1 165 ? -21.469 -8.085  -0.244  1.00 49.28 ? 165 ASP A CG  1 
ATOM   1269 O  OD1 . ASP A 1 165 ? -20.760 -9.117  -0.399  1.00 49.36 ? 165 ASP A OD1 1 
ATOM   1270 O  OD2 . ASP A 1 165 ? -22.219 -7.664  -1.166  1.00 50.53 ? 165 ASP A OD2 1 
ATOM   1271 N  N   . VAL A 1 166 ? -20.277 -10.420 2.422   1.00 36.00 ? 166 VAL A N   1 
ATOM   1272 C  CA  . VAL A 1 166 ? -20.738 -11.771 2.564   1.00 38.44 ? 166 VAL A CA  1 
ATOM   1273 C  C   . VAL A 1 166 ? -19.919 -12.417 3.678   1.00 40.81 ? 166 VAL A C   1 
ATOM   1274 O  O   . VAL A 1 166 ? -20.419 -13.274 4.388   1.00 44.46 ? 166 VAL A O   1 
ATOM   1275 C  CB  . VAL A 1 166 ? -20.483 -12.518 1.224   1.00 40.59 ? 166 VAL A CB  1 
ATOM   1276 C  CG1 . VAL A 1 166 ? -20.440 -13.995 1.414   1.00 38.06 ? 166 VAL A CG1 1 
ATOM   1277 C  CG2 . VAL A 1 166 ? -21.500 -12.139 0.153   1.00 40.97 ? 166 VAL A CG2 1 
ATOM   1278 N  N   . LEU A 1 167 ? -18.654 -12.003 3.817   1.00 42.19 ? 167 LEU A N   1 
ATOM   1279 C  CA  . LEU A 1 167 ? -17.700 -12.611 4.745   1.00 41.04 ? 167 LEU A CA  1 
ATOM   1280 C  C   . LEU A 1 167 ? -18.161 -12.497 6.201   1.00 46.94 ? 167 LEU A C   1 
ATOM   1281 O  O   . LEU A 1 167 ? -18.629 -11.437 6.641   1.00 45.39 ? 167 LEU A O   1 
ATOM   1282 C  CB  . LEU A 1 167 ? -16.318 -11.989 4.590   1.00 35.18 ? 167 LEU A CB  1 
ATOM   1283 C  CG  . LEU A 1 167 ? -15.368 -12.719 3.660   1.00 38.63 ? 167 LEU A CG  1 
ATOM   1284 C  CD1 . LEU A 1 167 ? -14.179 -11.811 3.439   1.00 34.70 ? 167 LEU A CD1 1 
ATOM   1285 C  CD2 . LEU A 1 167 ? -14.942 -14.065 4.254   1.00 35.35 ? 167 LEU A CD2 1 
ATOM   1286 N  N   . SER A 1 168 ? -18.061 -13.614 6.917   1.00 51.58 ? 168 SER A N   1 
ATOM   1287 C  CA  . SER A 1 168 ? -18.360 -13.647 8.350   1.00 62.38 ? 168 SER A CA  1 
ATOM   1288 C  C   . SER A 1 168 ? -17.285 -14.491 9.083   1.00 63.36 ? 168 SER A C   1 
ATOM   1289 O  O   . SER A 1 168 ? -17.500 -14.958 10.221  1.00 61.22 ? 168 SER A O   1 
ATOM   1290 C  CB  . SER A 1 168 ? -19.821 -14.122 8.629   1.00 58.25 ? 168 SER A CB  1 
ATOM   1291 O  OG  . SER A 1 168 ? -19.955 -15.496 8.312   1.00 54.72 ? 168 SER A OG  1 
ATOM   1292 N  N   . TYR A 1 169 ? -16.130 -14.686 8.428   1.00 66.71 ? 169 TYR A N   1 
ATOM   1293 C  CA  . TYR A 1 169 ? -15.003 -15.312 9.110   1.00 65.13 ? 169 TYR A CA  1 
ATOM   1294 C  C   . TYR A 1 169 ? -14.581 -14.398 10.255  1.00 72.19 ? 169 TYR A C   1 
ATOM   1295 O  O   . TYR A 1 169 ? -14.441 -13.184 10.075  1.00 74.26 ? 169 TYR A O   1 
ATOM   1296 C  CB  . TYR A 1 169 ? -13.821 -15.628 8.194   1.00 60.24 ? 169 TYR A CB  1 
ATOM   1297 C  CG  . TYR A 1 169 ? -12.701 -16.343 8.952   1.00 63.21 ? 169 TYR A CG  1 
ATOM   1298 C  CD1 . TYR A 1 169 ? -12.641 -17.754 9.015   1.00 59.34 ? 169 TYR A CD1 1 
ATOM   1299 C  CD2 . TYR A 1 169 ? -11.711 -15.597 9.639   1.00 61.28 ? 169 TYR A CD2 1 
ATOM   1300 C  CE1 . TYR A 1 169 ? -11.625 -18.390 9.724   1.00 60.82 ? 169 TYR A CE1 1 
ATOM   1301 C  CE2 . TYR A 1 169 ? -10.692 -16.215 10.351  1.00 59.28 ? 169 TYR A CE2 1 
ATOM   1302 C  CZ  . TYR A 1 169 ? -10.654 -17.600 10.390  1.00 62.06 ? 169 TYR A CZ  1 
ATOM   1303 O  OH  . TYR A 1 169 ? -9.630  -18.175 11.088  1.00 61.90 ? 169 TYR A OH  1 
ATOM   1304 N  N   . ASP A 1 170 ? -14.403 -14.998 11.432  1.00 78.49 ? 170 ASP A N   1 
ATOM   1305 C  CA  . ASP A 1 170 ? -14.170 -14.263 12.668  1.00 76.60 ? 170 ASP A CA  1 
ATOM   1306 C  C   . ASP A 1 170 ? -12.712 -14.362 13.115  1.00 73.67 ? 170 ASP A C   1 
ATOM   1307 O  O   . ASP A 1 170 ? -12.304 -15.390 13.692  1.00 66.26 ? 170 ASP A O   1 
ATOM   1308 C  CB  . ASP A 1 170 ? -15.096 -14.802 13.759  1.00 79.34 ? 170 ASP A CB  1 
ATOM   1309 C  CG  . ASP A 1 170 ? -15.674 -13.711 14.597  1.00 81.88 ? 170 ASP A CG  1 
ATOM   1310 O  OD1 . ASP A 1 170 ? -15.253 -13.593 15.772  1.00 85.69 ? 170 ASP A OD1 1 
ATOM   1311 O  OD2 . ASP A 1 170 ? -16.519 -12.956 14.059  1.00 77.95 ? 170 ASP A OD2 1 
ATOM   1312 N  N   . LEU A 1 171 ? -11.929 -13.311 12.841  1.00 64.28 ? 171 LEU A N   1 
ATOM   1313 C  CA  . LEU A 1 171 ? -10.489 -13.343 13.173  1.00 66.78 ? 171 LEU A CA  1 
ATOM   1314 C  C   . LEU A 1 171 ? -10.231 -13.123 14.685  1.00 73.54 ? 171 LEU A C   1 
ATOM   1315 O  O   . LEU A 1 171 ? -9.476  -13.892 15.308  1.00 66.84 ? 171 LEU A O   1 
ATOM   1316 C  CB  . LEU A 1 171 ? -9.682  -12.359 12.304  1.00 62.24 ? 171 LEU A CB  1 
ATOM   1317 C  CG  . LEU A 1 171 ? -8.217  -12.080 12.664  1.00 54.47 ? 171 LEU A CG  1 
ATOM   1318 C  CD1 . LEU A 1 171 ? -7.333  -13.308 12.548  1.00 53.68 ? 171 LEU A CD1 1 
ATOM   1319 C  CD2 . LEU A 1 171 ? -7.710  -10.949 11.803  1.00 49.99 ? 171 LEU A CD2 1 
ATOM   1320 O  OXT . LEU A 1 171 ? -10.778 -12.200 15.321  1.00 67.50 ? 171 LEU A OXT 1 
HETATM 1321 CD CD  . CD  B 2 .   ? -3.525  -2.731  -2.890  1.00 59.37 ? 201 CD  A CD  1 
HETATM 1322 CD CD  . CD  C 2 .   ? 14.293  5.179   13.625  1.00 30.02 ? 202 CD  A CD  1 
HETATM 1323 CD CD  . CD  D 2 .   ? 4.640   -0.721  20.428  0.70 63.35 ? 203 CD  A CD  1 
HETATM 1324 C  C   . ACT E 3 .   ? 1.595   -11.944 -7.474  1.00 25.44 ? 204 ACT A C   1 
HETATM 1325 O  O   . ACT E 3 .   ? 1.202   -11.664 -6.293  1.00 26.13 ? 204 ACT A O   1 
HETATM 1326 O  OXT . ACT E 3 .   ? 2.526   -12.766 -7.703  1.00 30.77 ? 204 ACT A OXT 1 
HETATM 1327 C  CH3 . ACT E 3 .   ? 0.959   -11.336 -8.681  1.00 22.10 ? 204 ACT A CH3 1 
HETATM 1328 O  O2  . 4WL F 4 .   ? -5.927  -0.822  -0.682  1.00 55.98 ? 205 4WL A O2  1 
HETATM 1329 C  C1  . 4WL F 4 .   ? -4.834  -0.912  -0.055  1.00 61.02 ? 205 4WL A C1  1 
HETATM 1330 O  O3  . 4WL F 4 .   ? -3.729  -0.496  -0.514  1.00 56.65 ? 205 4WL A O3  1 
HETATM 1331 C  C4  . 4WL F 4 .   ? -4.891  -1.531  1.310   1.00 60.34 ? 205 4WL A C4  1 
HETATM 1332 C  C5  . 4WL F 4 .   ? -3.755  -1.814  2.114   1.00 48.42 ? 205 4WL A C5  1 
HETATM 1333 C  C6  . 4WL F 4 .   ? -4.378  -2.373  3.209   1.00 49.64 ? 205 4WL A C6  1 
HETATM 1334 C  C7  . 4WL F 4 .   ? -5.713  -2.412  3.119   1.00 49.70 ? 205 4WL A C7  1 
HETATM 1335 N  N8  . 4WL F 4 .   ? -6.099  -1.880  1.906   1.00 57.68 ? 205 4WL A N8  1 
HETATM 1336 S  S11 . 4WL F 4 .   ? -3.904  -2.979  4.699   1.00 52.21 ? 205 4WL A S11 1 
HETATM 1337 C  C10 . 4WL F 4 .   ? -5.557  -3.324  5.212   1.00 45.93 ? 205 4WL A C10 1 
HETATM 1338 C  C9  . 4WL F 4 .   ? -6.447  -2.931  4.195   1.00 49.80 ? 205 4WL A C9  1 
HETATM 1339 NA NA  . NA  G 5 .   ? 4.888   -10.704 -10.856 1.00 42.92 ? 206 NA  A NA  1 
HETATM 1340 O  O   . HOH H 6 .   ? -2.696  -0.661  -2.590  1.00 19.54 ? 301 HOH A O   1 
HETATM 1341 O  O   . HOH H 6 .   ? 7.862   -9.439  18.279  1.00 32.27 ? 302 HOH A O   1 
HETATM 1342 O  O   . HOH H 6 .   ? 12.573  -2.877  -3.600  1.00 36.91 ? 303 HOH A O   1 
HETATM 1343 O  O   . HOH H 6 .   ? 9.437   -1.643  -14.584 1.00 22.17 ? 304 HOH A O   1 
HETATM 1344 O  O   . HOH H 6 .   ? 4.167   -2.368  20.375  1.00 16.11 ? 305 HOH A O   1 
HETATM 1345 O  O   . HOH H 6 .   ? -7.156  0.846   0.634   1.00 31.72 ? 306 HOH A O   1 
HETATM 1346 O  O   . HOH H 6 .   ? 1.183   -4.470  -7.993  1.00 32.90 ? 307 HOH A O   1 
HETATM 1347 O  O   . HOH H 6 .   ? -14.541 -5.042  -10.794 1.00 45.10 ? 308 HOH A O   1 
HETATM 1348 O  O   . HOH H 6 .   ? 3.480   14.962  -12.781 1.00 36.29 ? 309 HOH A O   1 
HETATM 1349 O  O   . HOH H 6 .   ? 14.528  9.319   12.120  1.00 44.21 ? 310 HOH A O   1 
HETATM 1350 O  O   . HOH H 6 .   ? 10.566  -2.025  -7.092  1.00 20.08 ? 311 HOH A O   1 
HETATM 1351 O  O   . HOH H 6 .   ? 10.494  4.170   17.122  1.00 31.40 ? 312 HOH A O   1 
HETATM 1352 O  O   . HOH H 6 .   ? -15.409 -7.126  -7.703  1.00 34.82 ? 313 HOH A O   1 
HETATM 1353 O  O   . HOH H 6 .   ? 17.279  -0.404  8.124   1.00 44.76 ? 314 HOH A O   1 
HETATM 1354 O  O   . HOH H 6 .   ? 4.716   -2.750  -10.233 1.00 32.84 ? 315 HOH A O   1 
HETATM 1355 O  O   . HOH H 6 .   ? -5.681  11.082  0.355   1.00 21.79 ? 316 HOH A O   1 
HETATM 1356 O  O   . HOH H 6 .   ? -13.434 6.815   4.177   1.00 34.57 ? 317 HOH A O   1 
HETATM 1357 O  O   . HOH H 6 .   ? 1.704   -5.548  10.729  1.00 24.42 ? 318 HOH A O   1 
HETATM 1358 O  O   . HOH H 6 .   ? -4.403  5.570   -14.416 1.00 23.99 ? 319 HOH A O   1 
HETATM 1359 O  O   . HOH H 6 .   ? -9.553  -6.605  -2.325  1.00 23.24 ? 320 HOH A O   1 
HETATM 1360 O  O   . HOH H 6 .   ? 12.712  7.650   -12.265 1.00 38.05 ? 321 HOH A O   1 
HETATM 1361 O  O   . HOH H 6 .   ? 4.757   -0.561  -12.299 1.00 32.20 ? 322 HOH A O   1 
HETATM 1362 O  O   . HOH H 6 .   ? 10.722  0.596   -3.324  1.00 32.18 ? 323 HOH A O   1 
HETATM 1363 O  O   . HOH H 6 .   ? -12.297 6.861   -16.536 1.00 50.39 ? 324 HOH A O   1 
HETATM 1364 O  O   . HOH H 6 .   ? 2.487   0.335   -13.479 1.00 24.77 ? 325 HOH A O   1 
HETATM 1365 O  O   . HOH H 6 .   ? 0.363   -7.721  -1.000  1.00 15.99 ? 326 HOH A O   1 
HETATM 1366 O  O   . HOH H 6 .   ? -2.425  -7.913  -12.376 1.00 16.03 ? 327 HOH A O   1 
HETATM 1367 O  O   . HOH H 6 .   ? -5.142  0.251   -3.034  1.00 29.06 ? 328 HOH A O   1 
HETATM 1368 O  O   . HOH H 6 .   ? 16.030  9.267   -14.330 1.00 34.00 ? 329 HOH A O   1 
HETATM 1369 O  O   . HOH H 6 .   ? -20.754 -16.334 5.837   1.00 32.33 ? 330 HOH A O   1 
HETATM 1370 O  O   . HOH H 6 .   ? -0.412  -6.601  11.797  1.00 24.36 ? 331 HOH A O   1 
HETATM 1371 O  O   . HOH H 6 .   ? -13.297 -11.268 15.882  1.00 48.53 ? 332 HOH A O   1 
HETATM 1372 O  O   . HOH H 6 .   ? 5.817   -6.598  1.655   1.00 29.12 ? 333 HOH A O   1 
HETATM 1373 O  O   . HOH H 6 .   ? -11.089 -18.883 -1.200  1.00 32.07 ? 334 HOH A O   1 
HETATM 1374 O  O   . HOH H 6 .   ? -14.577 -17.843 1.726   1.00 24.18 ? 335 HOH A O   1 
HETATM 1375 O  O   . HOH H 6 .   ? -4.113  -16.352 5.205   1.00 22.40 ? 336 HOH A O   1 
HETATM 1376 O  O   . HOH H 6 .   ? -6.594  -5.002  9.028   1.00 35.92 ? 337 HOH A O   1 
HETATM 1377 O  O   . HOH H 6 .   ? 15.553  2.021   -10.529 1.00 35.38 ? 338 HOH A O   1 
HETATM 1378 O  O   . HOH H 6 .   ? 12.384  22.045  -5.305  1.00 32.16 ? 339 HOH A O   1 
HETATM 1379 O  O   . HOH H 6 .   ? 0.106   -5.612  -2.977  1.00 18.98 ? 340 HOH A O   1 
HETATM 1380 O  O   . HOH H 6 .   ? -15.862 -11.248 8.422   1.00 35.98 ? 341 HOH A O   1 
HETATM 1381 O  O   . HOH H 6 .   ? 16.751  7.760   -3.616  1.00 37.34 ? 342 HOH A O   1 
HETATM 1382 O  O   . HOH H 6 .   ? 4.343   -6.789  -16.516 1.00 35.82 ? 343 HOH A O   1 
HETATM 1383 O  O   . HOH H 6 .   ? 7.872   -8.496  13.158  1.00 26.71 ? 344 HOH A O   1 
HETATM 1384 O  O   . HOH H 6 .   ? 3.321   20.722  -9.499  1.00 38.01 ? 345 HOH A O   1 
HETATM 1385 O  O   . HOH H 6 .   ? -1.522  -17.727 -1.670  1.00 23.18 ? 346 HOH A O   1 
HETATM 1386 O  O   . HOH H 6 .   ? 3.736   -16.309 6.822   1.00 44.20 ? 347 HOH A O   1 
HETATM 1387 O  O   . HOH H 6 .   ? 11.133  9.739   -11.019 1.00 32.63 ? 348 HOH A O   1 
HETATM 1388 O  O   . HOH H 6 .   ? -14.009 -24.739 6.457   1.00 34.88 ? 349 HOH A O   1 
HETATM 1389 O  O   . HOH H 6 .   ? 3.337   -12.902 4.028   1.00 42.65 ? 350 HOH A O   1 
HETATM 1390 O  O   . HOH H 6 .   ? 5.109   -8.524  3.853   1.00 19.76 ? 351 HOH A O   1 
HETATM 1391 O  O   . HOH H 6 .   ? 1.009   2.452   -19.283 1.00 37.38 ? 352 HOH A O   1 
HETATM 1392 O  O   . HOH H 6 .   ? -10.297 7.101   -7.127  1.00 29.59 ? 353 HOH A O   1 
HETATM 1393 O  O   . HOH H 6 .   ? 10.558  13.981  5.492   1.00 31.54 ? 354 HOH A O   1 
HETATM 1394 O  O   . HOH H 6 .   ? -15.198 -17.704 12.002  1.00 48.51 ? 355 HOH A O   1 
HETATM 1395 O  O   . HOH H 6 .   ? 2.202   -17.736 -3.591  1.00 26.43 ? 356 HOH A O   1 
HETATM 1396 O  O   . HOH H 6 .   ? -8.904  -1.743  1.208   1.00 42.39 ? 357 HOH A O   1 
HETATM 1397 O  O   . HOH H 6 .   ? -14.824 -18.270 6.578   1.00 37.42 ? 358 HOH A O   1 
HETATM 1398 O  O   . HOH H 6 .   ? 8.127   3.838   -2.127  1.00 28.56 ? 359 HOH A O   1 
HETATM 1399 O  O   . HOH H 6 .   ? 9.874   -6.157  -13.959 1.00 29.15 ? 360 HOH A O   1 
HETATM 1400 O  O   . HOH H 6 .   ? -3.418  10.405  10.291  1.00 48.24 ? 361 HOH A O   1 
HETATM 1401 O  O   . HOH H 6 .   ? -10.571 4.242   -10.814 1.00 22.64 ? 362 HOH A O   1 
HETATM 1402 O  O   . HOH H 6 .   ? 4.996   5.039   -15.942 1.00 33.69 ? 363 HOH A O   1 
HETATM 1403 O  O   . HOH H 6 .   ? 15.167  1.690   -3.617  1.00 28.18 ? 364 HOH A O   1 
HETATM 1404 O  O   . HOH H 6 .   ? -3.936  16.869  -7.882  1.00 44.90 ? 365 HOH A O   1 
HETATM 1405 O  O   . HOH H 6 .   ? -0.165  6.228   -16.646 1.00 38.14 ? 366 HOH A O   1 
HETATM 1406 O  O   . HOH H 6 .   ? -2.658  -5.060  11.423  1.00 29.95 ? 367 HOH A O   1 
HETATM 1407 O  O   . HOH H 6 .   ? -22.275 -9.332  6.114   1.00 45.36 ? 368 HOH A O   1 
HETATM 1408 O  O   . HOH H 6 .   ? 13.206  -2.252  -12.274 1.00 38.45 ? 369 HOH A O   1 
HETATM 1409 O  O   . HOH H 6 .   ? -6.455  -22.854 2.833   1.00 28.24 ? 370 HOH A O   1 
HETATM 1410 O  O   . HOH H 6 .   ? 11.033  -14.502 8.461   1.00 38.30 ? 371 HOH A O   1 
HETATM 1411 O  O   . HOH H 6 .   ? 12.296  20.345  -2.151  1.00 46.73 ? 372 HOH A O   1 
HETATM 1412 O  O   . HOH H 6 .   ? 2.400   11.749  -13.714 1.00 39.84 ? 373 HOH A O   1 
HETATM 1413 O  O   . HOH H 6 .   ? -1.757  -12.208 -6.031  1.00 27.25 ? 374 HOH A O   1 
HETATM 1414 O  O   . HOH H 6 .   ? 17.677  -2.100  14.727  1.00 28.75 ? 375 HOH A O   1 
HETATM 1415 O  O   . HOH H 6 .   ? 15.872  0.244   -7.751  1.00 39.87 ? 376 HOH A O   1 
HETATM 1416 O  O   . HOH H 6 .   ? -2.528  -6.246  -2.929  1.00 20.73 ? 377 HOH A O   1 
HETATM 1417 O  O   . HOH H 6 .   ? 3.203   2.110   14.349  1.00 28.18 ? 378 HOH A O   1 
HETATM 1418 O  O   . HOH H 6 .   ? -7.370  -7.350  11.041  1.00 29.78 ? 379 HOH A O   1 
HETATM 1419 O  O   . HOH H 6 .   ? 13.175  -3.525  0.780   1.00 22.18 ? 380 HOH A O   1 
HETATM 1420 O  O   . HOH H 6 .   ? -0.935  0.727   13.652  1.00 34.25 ? 381 HOH A O   1 
HETATM 1421 O  O   . HOH H 6 .   ? -7.724  -1.945  -15.616 1.00 31.47 ? 382 HOH A O   1 
HETATM 1422 O  O   . HOH H 6 .   ? -4.125  3.075   -19.721 1.00 44.21 ? 383 HOH A O   1 
HETATM 1423 O  O   . HOH H 6 .   ? -2.417  -1.352  14.852  1.00 44.17 ? 384 HOH A O   1 
HETATM 1424 O  O   . HOH H 6 .   ? 5.282   -15.427 14.432  1.00 30.02 ? 385 HOH A O   1 
HETATM 1425 O  O   . HOH H 6 .   ? -10.818 -21.643 8.625   1.00 35.37 ? 386 HOH A O   1 
HETATM 1426 O  O   . HOH H 6 .   ? 6.832   18.993  -0.612  1.00 50.26 ? 387 HOH A O   1 
HETATM 1427 O  O   . HOH H 6 .   ? 8.721   11.078  10.312  1.00 40.90 ? 388 HOH A O   1 
HETATM 1428 O  O   . HOH H 6 .   ? 5.761   12.459  3.421   1.00 30.69 ? 389 HOH A O   1 
HETATM 1429 O  O   . HOH H 6 .   ? 17.242  5.502   -2.696  1.00 44.56 ? 390 HOH A O   1 
HETATM 1430 O  O   . HOH H 6 .   ? 7.252   16.566  0.806   1.00 36.24 ? 391 HOH A O   1 
HETATM 1431 O  O   . HOH H 6 .   ? -14.447 8.057   -6.827  1.00 46.52 ? 392 HOH A O   1 
HETATM 1432 O  O   . HOH H 6 .   ? -10.826 -0.524  -9.627  1.00 51.98 ? 393 HOH A O   1 
HETATM 1433 O  O   . HOH H 6 .   ? 13.037  10.779  9.116   1.00 46.79 ? 394 HOH A O   1 
HETATM 1434 O  O   . HOH H 6 .   ? 8.341   -8.804  -13.689 1.00 34.27 ? 395 HOH A O   1 
HETATM 1435 O  O   . HOH H 6 .   ? -10.708 15.033  -10.917 1.00 31.78 ? 396 HOH A O   1 
HETATM 1436 O  O   . HOH H 6 .   ? -6.713  9.029   -15.528 1.00 38.14 ? 397 HOH A O   1 
HETATM 1437 O  O   . HOH H 6 .   ? -9.619  9.398   -17.168 1.00 38.62 ? 398 HOH A O   1 
HETATM 1438 O  O   . HOH H 6 .   ? -4.367  -10.301 15.893  1.00 46.05 ? 399 HOH A O   1 
HETATM 1439 O  O   . HOH H 6 .   ? 10.318  9.468   12.444  1.00 53.13 ? 400 HOH A O   1 
HETATM 1440 O  O   . HOH H 6 .   ? 12.790  -7.877  4.275   1.00 46.13 ? 401 HOH A O   1 
HETATM 1441 O  O   . HOH H 6 .   ? 9.653   6.514   14.007  1.00 29.80 ? 402 HOH A O   1 
HETATM 1442 O  O   . HOH H 6 .   ? 13.057  12.208  -13.992 1.00 38.16 ? 403 HOH A O   1 
HETATM 1443 O  O   . HOH H 6 .   ? -11.633 -26.869 5.765   1.00 44.31 ? 404 HOH A O   1 
HETATM 1444 O  O   . HOH H 6 .   ? -6.935  9.591   2.340   1.00 37.91 ? 405 HOH A O   1 
HETATM 1445 O  O   . HOH H 6 .   ? 4.246   -5.358  -18.844 1.00 34.72 ? 406 HOH A O   1 
HETATM 1446 O  O   . HOH H 6 .   ? 4.218   7.434   13.266  1.00 35.15 ? 407 HOH A O   1 
HETATM 1447 O  O   . HOH H 6 .   ? -5.119  3.869   -17.096 1.00 38.14 ? 408 HOH A O   1 
HETATM 1448 O  O   . HOH H 6 .   ? 7.337   7.770   13.512  1.00 36.41 ? 409 HOH A O   1 
HETATM 1449 O  O   . HOH H 6 .   ? 7.126   7.020   -15.299 1.00 38.69 ? 410 HOH A O   1 
HETATM 1450 O  O   . HOH H 6 .   ? 10.312  -10.279 -10.446 1.00 31.82 ? 411 HOH A O   1 
HETATM 1451 O  O   . HOH H 6 .   ? 9.233   -7.551  3.444   1.00 42.28 ? 412 HOH A O   1 
HETATM 1452 O  O   . HOH H 6 .   ? 16.452  1.647   -13.068 1.00 35.30 ? 413 HOH A O   1 
# 
